data_446D
# 
_entry.id   446D 
# 
_audit_conform.dict_name       mmcif_pdbx.dic 
_audit_conform.dict_version    5.387 
_audit_conform.dict_location   http://mmcif.pdb.org/dictionaries/ascii/mmcif_pdbx.dic 
# 
loop_
_database_2.database_id 
_database_2.database_code 
_database_2.pdbx_database_accession 
_database_2.pdbx_DOI 
PDB   446D         pdb_0000446d 10.2210/pdb446d/pdb 
RCSB  UD0004       ?            ?                   
WWPDB D_1000179235 ?            ?                   
# 
loop_
_pdbx_audit_revision_history.ordinal 
_pdbx_audit_revision_history.data_content_type 
_pdbx_audit_revision_history.major_revision 
_pdbx_audit_revision_history.minor_revision 
_pdbx_audit_revision_history.revision_date 
1 'Structure model' 1 0 1999-03-18 
2 'Structure model' 1 1 2008-05-22 
3 'Structure model' 1 2 2011-07-13 
4 'Structure model' 1 3 2024-02-28 
# 
_pdbx_audit_revision_details.ordinal             1 
_pdbx_audit_revision_details.revision_ordinal    1 
_pdbx_audit_revision_details.data_content_type   'Structure model' 
_pdbx_audit_revision_details.provider            repository 
_pdbx_audit_revision_details.type                'Initial release' 
_pdbx_audit_revision_details.description         ? 
_pdbx_audit_revision_details.details             ? 
# 
loop_
_pdbx_audit_revision_group.ordinal 
_pdbx_audit_revision_group.revision_ordinal 
_pdbx_audit_revision_group.data_content_type 
_pdbx_audit_revision_group.group 
1 2 'Structure model' 'Version format compliance' 
2 3 'Structure model' 'Version format compliance' 
3 4 'Structure model' 'Data collection'           
4 4 'Structure model' 'Database references'       
5 4 'Structure model' 'Derived calculations'      
# 
loop_
_pdbx_audit_revision_category.ordinal 
_pdbx_audit_revision_category.revision_ordinal 
_pdbx_audit_revision_category.data_content_type 
_pdbx_audit_revision_category.category 
1 4 'Structure model' chem_comp_atom         
2 4 'Structure model' chem_comp_bond         
3 4 'Structure model' database_2             
4 4 'Structure model' pdbx_struct_conn_angle 
5 4 'Structure model' struct_conn            
6 4 'Structure model' struct_site            
# 
loop_
_pdbx_audit_revision_item.ordinal 
_pdbx_audit_revision_item.revision_ordinal 
_pdbx_audit_revision_item.data_content_type 
_pdbx_audit_revision_item.item 
1  4 'Structure model' '_database_2.pdbx_DOI'                        
2  4 'Structure model' '_database_2.pdbx_database_accession'         
3  4 'Structure model' '_pdbx_struct_conn_angle.ptnr1_auth_comp_id'  
4  4 'Structure model' '_pdbx_struct_conn_angle.ptnr1_auth_seq_id'   
5  4 'Structure model' '_pdbx_struct_conn_angle.ptnr1_label_asym_id' 
6  4 'Structure model' '_pdbx_struct_conn_angle.ptnr1_label_atom_id' 
7  4 'Structure model' '_pdbx_struct_conn_angle.ptnr1_label_comp_id' 
8  4 'Structure model' '_pdbx_struct_conn_angle.ptnr1_label_seq_id'  
9  4 'Structure model' '_pdbx_struct_conn_angle.ptnr2_auth_seq_id'   
10 4 'Structure model' '_pdbx_struct_conn_angle.ptnr2_label_asym_id' 
11 4 'Structure model' '_pdbx_struct_conn_angle.ptnr3_auth_asym_id'  
12 4 'Structure model' '_pdbx_struct_conn_angle.ptnr3_auth_comp_id'  
13 4 'Structure model' '_pdbx_struct_conn_angle.ptnr3_auth_seq_id'   
14 4 'Structure model' '_pdbx_struct_conn_angle.ptnr3_label_asym_id' 
15 4 'Structure model' '_pdbx_struct_conn_angle.ptnr3_label_atom_id' 
16 4 'Structure model' '_pdbx_struct_conn_angle.ptnr3_label_comp_id' 
17 4 'Structure model' '_pdbx_struct_conn_angle.ptnr3_label_seq_id'  
18 4 'Structure model' '_pdbx_struct_conn_angle.ptnr3_symmetry'      
19 4 'Structure model' '_pdbx_struct_conn_angle.value'               
20 4 'Structure model' '_struct_conn.pdbx_dist_value'                
21 4 'Structure model' '_struct_conn.ptnr1_auth_asym_id'             
22 4 'Structure model' '_struct_conn.ptnr1_auth_comp_id'             
23 4 'Structure model' '_struct_conn.ptnr1_auth_seq_id'              
24 4 'Structure model' '_struct_conn.ptnr1_label_asym_id'            
25 4 'Structure model' '_struct_conn.ptnr1_label_atom_id'            
26 4 'Structure model' '_struct_conn.ptnr1_label_comp_id'            
27 4 'Structure model' '_struct_conn.ptnr1_label_seq_id'             
28 4 'Structure model' '_struct_conn.ptnr2_auth_asym_id'             
29 4 'Structure model' '_struct_conn.ptnr2_auth_comp_id'             
30 4 'Structure model' '_struct_conn.ptnr2_auth_seq_id'              
31 4 'Structure model' '_struct_conn.ptnr2_label_asym_id'            
32 4 'Structure model' '_struct_conn.ptnr2_label_atom_id'            
33 4 'Structure model' '_struct_conn.ptnr2_label_comp_id'            
34 4 'Structure model' '_struct_conn.ptnr2_label_seq_id'             
35 4 'Structure model' '_struct_conn.ptnr2_symmetry'                 
36 4 'Structure model' '_struct_site.pdbx_auth_asym_id'              
37 4 'Structure model' '_struct_site.pdbx_auth_comp_id'              
38 4 'Structure model' '_struct_site.pdbx_auth_seq_id'               
# 
_pdbx_database_status.status_code                     REL 
_pdbx_database_status.entry_id                        446D 
_pdbx_database_status.recvd_initial_deposition_date   1999-01-15 
_pdbx_database_status.deposit_site                    NDB 
_pdbx_database_status.process_site                    NDB 
_pdbx_database_status.status_code_sf                  REL 
_pdbx_database_status.status_code_mr                  ? 
_pdbx_database_status.SG_entry                        ? 
_pdbx_database_status.pdb_format_compatible           Y 
_pdbx_database_status.status_code_cs                  ? 
_pdbx_database_status.status_code_nmr_data            ? 
_pdbx_database_status.methods_development_category    ? 
# 
loop_
_audit_author.name 
_audit_author.pdbx_ordinal 
'Abrescia, N.G.A.' 1 
'Malinina, L.'     2 
'Gonzaga, L.F.'    3 
'Huynh-Dinh, T.'   4 
'Neidle, S.'       5 
'Subirana, J.A.'   6 
# 
_citation.id                        primary 
_citation.title                     'Structure of the oligonucleotide d(CGTATATACG) as a site-specific complex with nickel ions.' 
_citation.journal_abbrev            'Nucleic Acids Res.' 
_citation.journal_volume            27 
_citation.page_first                1593 
_citation.page_last                 1599 
_citation.year                      1999 
_citation.journal_id_ASTM           NARHAD 
_citation.country                   UK 
_citation.journal_id_ISSN           0305-1048 
_citation.journal_id_CSD            0389 
_citation.book_publisher            ? 
_citation.pdbx_database_id_PubMed   10075989 
_citation.pdbx_database_id_DOI      10.1093/nar/27.7.1593 
# 
loop_
_citation_author.citation_id 
_citation_author.name 
_citation_author.ordinal 
_citation_author.identifier_ORCID 
primary 'Abrescia, N.G.'  1 ? 
primary 'Malinina, L.'    2 ? 
primary 'Fernandez, L.G.' 3 ? 
primary 'Huynh-Dinh, T.'  4 ? 
primary 'Neidle, S.'      5 ? 
primary 'Subirana, J.A.'  6 ? 
# 
loop_
_entity.id 
_entity.type 
_entity.src_method 
_entity.pdbx_description 
_entity.formula_weight 
_entity.pdbx_number_of_molecules 
_entity.pdbx_ec 
_entity.pdbx_mutation 
_entity.pdbx_fragment 
_entity.details 
1 polymer     syn 
;DNA (5'-D(*CP*GP*TP*AP*TP*AP*TP*AP*CP*G)-3')
;
3044.017 4  ? ? ? ? 
2 non-polymer syn 'NICKEL (II) ION'                              58.693   9  ? ? ? ? 
3 water       nat water                                          18.015   61 ? ? ? ? 
# 
_entity_poly.entity_id                      1 
_entity_poly.type                           polydeoxyribonucleotide 
_entity_poly.nstd_linkage                   no 
_entity_poly.nstd_monomer                   no 
_entity_poly.pdbx_seq_one_letter_code       '(DC)(DG)(DT)(DA)(DT)(DA)(DT)(DA)(DC)(DG)' 
_entity_poly.pdbx_seq_one_letter_code_can   CGTATATACG 
_entity_poly.pdbx_strand_id                 A,B,C,D 
_entity_poly.pdbx_target_identifier         ? 
# 
loop_
_pdbx_entity_nonpoly.entity_id 
_pdbx_entity_nonpoly.name 
_pdbx_entity_nonpoly.comp_id 
2 'NICKEL (II) ION' NI  
3 water             HOH 
# 
loop_
_entity_poly_seq.entity_id 
_entity_poly_seq.num 
_entity_poly_seq.mon_id 
_entity_poly_seq.hetero 
1 1  DC n 
1 2  DG n 
1 3  DT n 
1 4  DA n 
1 5  DT n 
1 6  DA n 
1 7  DT n 
1 8  DA n 
1 9  DC n 
1 10 DG n 
# 
loop_
_chem_comp.id 
_chem_comp.type 
_chem_comp.mon_nstd_flag 
_chem_comp.name 
_chem_comp.pdbx_synonyms 
_chem_comp.formula 
_chem_comp.formula_weight 
DA  'DNA linking' y "2'-DEOXYADENOSINE-5'-MONOPHOSPHATE" ? 'C10 H14 N5 O6 P' 331.222 
DC  'DNA linking' y "2'-DEOXYCYTIDINE-5'-MONOPHOSPHATE"  ? 'C9 H14 N3 O7 P'  307.197 
DG  'DNA linking' y "2'-DEOXYGUANOSINE-5'-MONOPHOSPHATE" ? 'C10 H14 N5 O7 P' 347.221 
DT  'DNA linking' y "THYMIDINE-5'-MONOPHOSPHATE"         ? 'C10 H15 N2 O8 P' 322.208 
HOH non-polymer   . WATER                                ? 'H2 O'            18.015  
NI  non-polymer   . 'NICKEL (II) ION'                    ? 'Ni 2'            58.693  
# 
loop_
_pdbx_poly_seq_scheme.asym_id 
_pdbx_poly_seq_scheme.entity_id 
_pdbx_poly_seq_scheme.seq_id 
_pdbx_poly_seq_scheme.mon_id 
_pdbx_poly_seq_scheme.ndb_seq_num 
_pdbx_poly_seq_scheme.pdb_seq_num 
_pdbx_poly_seq_scheme.auth_seq_num 
_pdbx_poly_seq_scheme.pdb_mon_id 
_pdbx_poly_seq_scheme.auth_mon_id 
_pdbx_poly_seq_scheme.pdb_strand_id 
_pdbx_poly_seq_scheme.pdb_ins_code 
_pdbx_poly_seq_scheme.hetero 
A 1 1  DC 1  1  1  DC CYT A . n 
A 1 2  DG 2  2  2  DG GUA A . n 
A 1 3  DT 3  3  3  DT THY A . n 
A 1 4  DA 4  4  4  DA ADE A . n 
A 1 5  DT 5  5  5  DT THY A . n 
A 1 6  DA 6  6  6  DA ADE A . n 
A 1 7  DT 7  7  7  DT THY A . n 
A 1 8  DA 8  8  8  DA ADE A . n 
A 1 9  DC 9  9  9  DC CYT A . n 
A 1 10 DG 10 10 10 DG GUA A . n 
B 1 1  DC 1  11 ?  ?  ?   B . n 
B 1 2  DG 2  12 12 DG GUA B . n 
B 1 3  DT 3  13 13 DT THY B . n 
B 1 4  DA 4  14 14 DA ADE B . n 
B 1 5  DT 5  15 15 DT THY B . n 
B 1 6  DA 6  16 16 DA ADE B . n 
B 1 7  DT 7  17 17 DT THY B . n 
B 1 8  DA 8  18 18 DA ADE B . n 
B 1 9  DC 9  19 19 DC CYT B . n 
B 1 10 DG 10 20 20 DG GUA B . n 
C 1 1  DC 1  21 21 DC CYT C . n 
C 1 2  DG 2  22 22 DG GUA C . n 
C 1 3  DT 3  23 23 DT THY C . n 
C 1 4  DA 4  24 24 DA ADE C . n 
C 1 5  DT 5  25 25 DT THY C . n 
C 1 6  DA 6  26 26 DA ADE C . n 
C 1 7  DT 7  27 27 DT THY C . n 
C 1 8  DA 8  28 28 DA ADE C . n 
C 1 9  DC 9  29 29 DC CYT C . n 
C 1 10 DG 10 30 30 DG GUA C . n 
D 1 1  DC 1  31 31 DC CYT D . n 
D 1 2  DG 2  32 32 DG GUA D . n 
D 1 3  DT 3  33 33 DT THY D . n 
D 1 4  DA 4  34 34 DA ADE D . n 
D 1 5  DT 5  35 35 DT THY D . n 
D 1 6  DA 6  36 36 DA ADE D . n 
D 1 7  DT 7  37 37 DT THY D . n 
D 1 8  DA 8  38 38 DA ADE D . n 
D 1 9  DC 9  39 39 DC CYT D . n 
D 1 10 DG 10 40 40 DG GUA D . n 
# 
loop_
_pdbx_nonpoly_scheme.asym_id 
_pdbx_nonpoly_scheme.entity_id 
_pdbx_nonpoly_scheme.mon_id 
_pdbx_nonpoly_scheme.ndb_seq_num 
_pdbx_nonpoly_scheme.pdb_seq_num 
_pdbx_nonpoly_scheme.auth_seq_num 
_pdbx_nonpoly_scheme.pdb_mon_id 
_pdbx_nonpoly_scheme.auth_mon_id 
_pdbx_nonpoly_scheme.pdb_strand_id 
_pdbx_nonpoly_scheme.pdb_ins_code 
E 2 NI  1  11 100 NI  NI  A . 
F 2 NI  1  12 300 NI  NI  A . 
G 2 NI  1  13 800 NI  NI  A . 
H 2 NI  1  14 900 NI  NI  A . 
I 2 NI  1  7  200 NI  NI  B . 
J 2 NI  1  5  500 NI  NI  B . 
K 2 NI  1  1  600 NI  NI  C . 
L 2 NI  1  9  400 NI  NI  D . 
M 2 NI  1  2  700 NI  NI  D . 
N 3 HOH 1  15 100 HOH HOH A . 
N 3 HOH 2  16 100 HOH HOH A . 
N 3 HOH 3  17 100 HOH HOH A . 
N 3 HOH 4  18 100 HOH HOH A . 
N 3 HOH 5  19 300 HOH HOH A . 
N 3 HOH 6  20 300 HOH HOH A . 
N 3 HOH 7  21 300 HOH HOH A . 
N 3 HOH 8  22 300 HOH HOH A . 
N 3 HOH 9  23 300 HOH HOH A . 
N 3 HOH 10 24 800 HOH HOH A . 
N 3 HOH 11 25 800 HOH HOH A . 
N 3 HOH 12 26 800 HOH HOH A . 
N 3 HOH 13 27 800 HOH HOH A . 
N 3 HOH 14 28 800 HOH HOH A . 
N 3 HOH 15 29 800 HOH HOH A . 
N 3 HOH 16 30 900 HOH HOH A . 
N 3 HOH 17 31 900 HOH HOH A . 
N 3 HOH 18 32 900 HOH HOH A . 
N 3 HOH 19 33 900 HOH HOH A . 
N 3 HOH 20 34 900 HOH HOH A . 
N 3 HOH 21 35 900 HOH HOH A . 
N 3 HOH 22 36 50  HOH H2O A . 
N 3 HOH 23 37 52  HOH H2O A . 
N 3 HOH 24 38 55  HOH H2O A . 
N 3 HOH 25 39 56  HOH H2O A . 
N 3 HOH 26 40 59  HOH H2O A . 
N 3 HOH 27 41 60  HOH H2O A . 
N 3 HOH 28 42 61  HOH H2O A . 
N 3 HOH 29 43 62  HOH H2O A . 
N 3 HOH 30 44 64  HOH H2O A . 
O 3 HOH 1  21 200 HOH HOH B . 
O 3 HOH 2  22 200 HOH HOH B . 
O 3 HOH 3  23 200 HOH HOH B . 
O 3 HOH 4  24 200 HOH HOH B . 
O 3 HOH 5  25 200 HOH HOH B . 
O 3 HOH 6  26 500 HOH HOH B . 
O 3 HOH 7  27 500 HOH HOH B . 
O 3 HOH 8  28 500 HOH HOH B . 
O 3 HOH 9  29 500 HOH HOH B . 
O 3 HOH 10 30 500 HOH HOH B . 
O 3 HOH 11 31 51  HOH H2O B . 
O 3 HOH 12 32 53  HOH H2O B . 
O 3 HOH 13 33 57  HOH H2O B . 
P 3 HOH 1  34 600 HOH HOH C . 
P 3 HOH 2  35 600 HOH HOH C . 
P 3 HOH 3  36 600 HOH HOH C . 
P 3 HOH 4  37 600 HOH HOH C . 
P 3 HOH 5  38 600 HOH HOH C . 
Q 3 HOH 1  41 400 HOH HOH D . 
Q 3 HOH 2  42 400 HOH HOH D . 
Q 3 HOH 3  43 400 HOH HOH D . 
Q 3 HOH 4  44 400 HOH HOH D . 
Q 3 HOH 5  45 400 HOH HOH D . 
Q 3 HOH 6  46 700 HOH HOH D . 
Q 3 HOH 7  47 700 HOH HOH D . 
Q 3 HOH 8  48 700 HOH HOH D . 
Q 3 HOH 9  49 700 HOH HOH D . 
Q 3 HOH 10 50 700 HOH HOH D . 
Q 3 HOH 11 51 54  HOH H2O D . 
Q 3 HOH 12 52 58  HOH H2O D . 
Q 3 HOH 13 53 63  HOH H2O D . 
# 
loop_
_pdbx_unobs_or_zero_occ_atoms.id 
_pdbx_unobs_or_zero_occ_atoms.PDB_model_num 
_pdbx_unobs_or_zero_occ_atoms.polymer_flag 
_pdbx_unobs_or_zero_occ_atoms.occupancy_flag 
_pdbx_unobs_or_zero_occ_atoms.auth_asym_id 
_pdbx_unobs_or_zero_occ_atoms.auth_comp_id 
_pdbx_unobs_or_zero_occ_atoms.auth_seq_id 
_pdbx_unobs_or_zero_occ_atoms.PDB_ins_code 
_pdbx_unobs_or_zero_occ_atoms.auth_atom_id 
_pdbx_unobs_or_zero_occ_atoms.label_alt_id 
_pdbx_unobs_or_zero_occ_atoms.label_asym_id 
_pdbx_unobs_or_zero_occ_atoms.label_comp_id 
_pdbx_unobs_or_zero_occ_atoms.label_seq_id 
_pdbx_unobs_or_zero_occ_atoms.label_atom_id 
1  1 Y 1 A DC 1  ? "O5'" ? A DC 1 "O5'" 
2  1 Y 1 A DC 1  ? "C5'" ? A DC 1 "C5'" 
3  1 Y 1 A DC 1  ? "C4'" ? A DC 1 "C4'" 
4  1 Y 1 A DC 1  ? "O4'" ? A DC 1 "O4'" 
5  1 Y 1 A DC 1  ? "C3'" ? A DC 1 "C3'" 
6  1 Y 1 A DC 1  ? "C2'" ? A DC 1 "C2'" 
7  1 Y 1 A DC 1  ? "C1'" ? A DC 1 "C1'" 
8  1 Y 1 A DC 1  ? N1    ? A DC 1 N1    
9  1 Y 1 A DC 1  ? C2    ? A DC 1 C2    
10 1 Y 1 A DC 1  ? O2    ? A DC 1 O2    
11 1 Y 1 A DC 1  ? N3    ? A DC 1 N3    
12 1 Y 1 A DC 1  ? C4    ? A DC 1 C4    
13 1 Y 1 A DC 1  ? N4    ? A DC 1 N4    
14 1 Y 1 A DC 1  ? C5    ? A DC 1 C5    
15 1 Y 1 A DC 1  ? C6    ? A DC 1 C6    
16 1 Y 1 C DC 21 ? "O5'" ? C DC 1 "O5'" 
17 1 Y 1 C DC 21 ? "C5'" ? C DC 1 "C5'" 
18 1 Y 1 C DC 21 ? "C4'" ? C DC 1 "C4'" 
19 1 Y 1 C DC 21 ? "O4'" ? C DC 1 "O4'" 
20 1 Y 1 C DC 21 ? "C3'" ? C DC 1 "C3'" 
21 1 Y 1 C DC 21 ? "C2'" ? C DC 1 "C2'" 
22 1 Y 1 C DC 21 ? "C1'" ? C DC 1 "C1'" 
23 1 Y 1 C DC 21 ? N1    ? C DC 1 N1    
24 1 Y 1 C DC 21 ? C2    ? C DC 1 C2    
25 1 Y 1 C DC 21 ? O2    ? C DC 1 O2    
26 1 Y 1 C DC 21 ? N3    ? C DC 1 N3    
27 1 Y 1 C DC 21 ? C4    ? C DC 1 C4    
28 1 Y 1 C DC 21 ? N4    ? C DC 1 N4    
29 1 Y 1 C DC 21 ? C5    ? C DC 1 C5    
30 1 Y 1 C DC 21 ? C6    ? C DC 1 C6    
# 
loop_
_software.name 
_software.classification 
_software.version 
_software.citation_id 
_software.pdbx_ordinal 
AMoRE     phasing          .     ? 1 
X-PLOR    refinement       3.851 ? 2 
DENZO     'data reduction' .     ? 3 
SCALEPACK 'data scaling'   .     ? 4 
# 
_cell.entry_id           446D 
_cell.length_a           52.460 
_cell.length_b           52.460 
_cell.length_c           101.490 
_cell.angle_alpha        90.00 
_cell.angle_beta         90.00 
_cell.angle_gamma        90.00 
_cell.Z_PDB              32 
_cell.pdbx_unique_axis   ? 
# 
_symmetry.entry_id                         446D 
_symmetry.space_group_name_H-M             'P 41 21 2' 
_symmetry.pdbx_full_space_group_name_H-M   ? 
_symmetry.cell_setting                     tetragonal 
_symmetry.Int_Tables_number                92 
# 
_exptl.entry_id          446D 
_exptl.method            'X-RAY DIFFRACTION' 
_exptl.crystals_number   1 
# 
_exptl_crystal.id                    1 
_exptl_crystal.density_meas          ? 
_exptl_crystal.density_percent_sol   55.52 
_exptl_crystal.density_Matthews      2.77 
_exptl_crystal.description           ? 
# 
_exptl_crystal_grow.crystal_id      1 
_exptl_crystal_grow.method          'VAPOR DIFFUSION, HANGING DROP' 
_exptl_crystal_grow.temp            293.00 
_exptl_crystal_grow.temp_details    ? 
_exptl_crystal_grow.pH              6.00 
_exptl_crystal_grow.pdbx_details    'pH 6.00, VAPOR DIFFUSION, HANGING DROP, temperature 293.00K' 
_exptl_crystal_grow.pdbx_pH_range   . 
# 
_diffrn.id                     1 
_diffrn.ambient_temp           110.00 
_diffrn.ambient_temp_details   ? 
_diffrn.crystal_id             1 
# 
_diffrn_detector.diffrn_id              1 
_diffrn_detector.detector               'IMAGE PLATE' 
_diffrn_detector.type                   'RIGAKU RAXIS IV' 
_diffrn_detector.pdbx_collection_date   ? 
_diffrn_detector.details                ? 
# 
_diffrn_radiation.diffrn_id                        1 
_diffrn_radiation.wavelength_id                    1 
_diffrn_radiation.pdbx_monochromatic_or_laue_m_l   M 
_diffrn_radiation.monochromator                    'FOCUSING MIRRORS' 
_diffrn_radiation.pdbx_diffrn_protocol             'SINGLE WAVELENGTH' 
_diffrn_radiation.pdbx_scattering_type             x-ray 
# 
_diffrn_radiation_wavelength.id           1 
_diffrn_radiation_wavelength.wavelength   1.5418 
_diffrn_radiation_wavelength.wt           1.0 
# 
_diffrn_source.diffrn_id                   1 
_diffrn_source.source                      'ROTATING ANODE' 
_diffrn_source.type                        'RIGAKU RU200' 
_diffrn_source.pdbx_synchrotron_site       ? 
_diffrn_source.pdbx_synchrotron_beamline   ? 
_diffrn_source.pdbx_wavelength             1.5418 
_diffrn_source.pdbx_wavelength_list        ? 
# 
_reflns.entry_id                     446D 
_reflns.observed_criterion_sigma_I   ? 
_reflns.observed_criterion_sigma_F   ? 
_reflns.d_resolution_low             30.000 
_reflns.d_resolution_high            2.800 
_reflns.number_obs                   3841 
_reflns.number_all                   ? 
_reflns.percent_possible_obs         99.400 
_reflns.pdbx_Rmerge_I_obs            0.0710000 
_reflns.pdbx_Rsym_value              ? 
_reflns.pdbx_netI_over_sigmaI        ? 
_reflns.B_iso_Wilson_estimate        ? 
_reflns.pdbx_redundancy              ? 
_reflns.R_free_details               ? 
_reflns.pdbx_diffrn_id               1 
_reflns.pdbx_ordinal                 1 
# 
_reflns_shell.d_res_high             2.800 
_reflns_shell.d_res_low              2.850 
_reflns_shell.percent_possible_all   69.90 
_reflns_shell.Rmerge_I_obs           0.4050000 
_reflns_shell.pdbx_Rsym_value        ? 
_reflns_shell.meanI_over_sigI_obs    ? 
_reflns_shell.pdbx_redundancy        ? 
_reflns_shell.percent_possible_obs   ? 
_reflns_shell.number_unique_all      ? 
_reflns_shell.pdbx_diffrn_id         ? 
_reflns_shell.pdbx_ordinal           1 
# 
_refine.entry_id                                 446D 
_refine.ls_number_reflns_obs                     2427 
_refine.ls_number_reflns_all                     3015 
_refine.pdbx_ls_sigma_I                          ? 
_refine.pdbx_ls_sigma_F                          2.000 
_refine.pdbx_data_cutoff_high_absF               ? 
_refine.pdbx_data_cutoff_low_absF                ? 
_refine.pdbx_data_cutoff_high_rms_absF           ? 
_refine.ls_d_res_low                             8.000 
_refine.ls_d_res_high                            3.000 
_refine.ls_percent_reflns_obs                    82.330 
_refine.ls_R_factor_obs                          0.2040000 
_refine.ls_R_factor_all                          ? 
_refine.ls_R_factor_R_work                       0.2040000 
_refine.ls_R_factor_R_free                       0.2530000 
_refine.ls_R_factor_R_free_error                 ? 
_refine.ls_R_factor_R_free_error_details         ? 
_refine.ls_percent_reflns_R_free                 ? 
_refine.ls_number_reflns_R_free                  258 
_refine.ls_number_parameters                     ? 
_refine.ls_number_restraints                     ? 
_refine.occupancy_min                            ? 
_refine.occupancy_max                            ? 
_refine.B_iso_mean                               ? 
_refine.aniso_B[1][1]                            ? 
_refine.aniso_B[2][2]                            ? 
_refine.aniso_B[3][3]                            ? 
_refine.aniso_B[1][2]                            ? 
_refine.aniso_B[1][3]                            ? 
_refine.aniso_B[2][3]                            ? 
_refine.solvent_model_details                    ? 
_refine.solvent_model_param_ksol                 ? 
_refine.solvent_model_param_bsol                 ? 
_refine.pdbx_ls_cross_valid_method               ? 
_refine.details                                  ? 
_refine.pdbx_starting_model                      ? 
_refine.pdbx_method_to_determine_struct          ? 
_refine.pdbx_isotropic_thermal_model             ? 
_refine.pdbx_stereochemistry_target_values       ? 
_refine.pdbx_stereochem_target_val_spec_case     ? 
_refine.pdbx_R_Free_selection_details            ? 
_refine.pdbx_overall_ESU_R                       ? 
_refine.pdbx_overall_ESU_R_Free                  ? 
_refine.overall_SU_ML                            ? 
_refine.overall_SU_B                             ? 
_refine.ls_redundancy_reflns_obs                 ? 
_refine.correlation_coeff_Fo_to_Fc               ? 
_refine.correlation_coeff_Fo_to_Fc_free          ? 
_refine.pdbx_solvent_vdw_probe_radii             ? 
_refine.pdbx_solvent_ion_probe_radii             ? 
_refine.pdbx_solvent_shrinkage_radii             ? 
_refine.overall_SU_R_Cruickshank_DPI             ? 
_refine.overall_SU_R_free                        ? 
_refine.pdbx_refine_id                           'X-RAY DIFFRACTION' 
_refine.pdbx_diffrn_id                           1 
_refine.pdbx_TLS_residual_ADP_flag               ? 
_refine.pdbx_overall_phase_error                 ? 
_refine.pdbx_overall_SU_R_free_Cruickshank_DPI   ? 
_refine.pdbx_overall_SU_R_Blow_DPI               ? 
_refine.pdbx_overall_SU_R_free_Blow_DPI          ? 
# 
_refine_hist.pdbx_refine_id                   'X-RAY DIFFRACTION' 
_refine_hist.cycle_id                         LAST 
_refine_hist.pdbx_number_atoms_protein        0 
_refine_hist.pdbx_number_atoms_nucleic_acid   762 
_refine_hist.pdbx_number_atoms_ligand         9 
_refine_hist.number_atoms_solvent             61 
_refine_hist.number_atoms_total               832 
_refine_hist.d_res_high                       3.000 
_refine_hist.d_res_low                        8.000 
# 
_struct.entry_id                  446D 
_struct.title                     'STRUCTURE OF THE OLIGONUCLEOTIDE D(CGTATATACG) AS A SITE SPECIFIC COMPLEX WITH NICKEL IONS' 
_struct.pdbx_model_details        ? 
_struct.pdbx_CASP_flag            ? 
_struct.pdbx_model_type_details   ? 
# 
_struct_keywords.entry_id        446D 
_struct_keywords.pdbx_keywords   DNA 
_struct_keywords.text            'TRIPLE HELIX, NICKEL BINDING, DNA' 
# 
loop_
_struct_asym.id 
_struct_asym.pdbx_blank_PDB_chainid_flag 
_struct_asym.pdbx_modified 
_struct_asym.entity_id 
_struct_asym.details 
A N N 1 ? 
B N N 1 ? 
C N N 1 ? 
D N N 1 ? 
E N N 2 ? 
F N N 2 ? 
G N N 2 ? 
H N N 2 ? 
I N N 2 ? 
J N N 2 ? 
K N N 2 ? 
L N N 2 ? 
M N N 2 ? 
N N N 3 ? 
O N N 3 ? 
P N N 3 ? 
Q N N 3 ? 
# 
_struct_ref.id                         1 
_struct_ref.entity_id                  1 
_struct_ref.db_name                    PDB 
_struct_ref.db_code                    446D 
_struct_ref.pdbx_db_accession          446D 
_struct_ref.pdbx_db_isoform            ? 
_struct_ref.pdbx_seq_one_letter_code   ? 
_struct_ref.pdbx_align_begin           ? 
# 
loop_
_struct_ref_seq.align_id 
_struct_ref_seq.ref_id 
_struct_ref_seq.pdbx_PDB_id_code 
_struct_ref_seq.pdbx_strand_id 
_struct_ref_seq.seq_align_beg 
_struct_ref_seq.pdbx_seq_align_beg_ins_code 
_struct_ref_seq.seq_align_end 
_struct_ref_seq.pdbx_seq_align_end_ins_code 
_struct_ref_seq.pdbx_db_accession 
_struct_ref_seq.db_align_beg 
_struct_ref_seq.pdbx_db_align_beg_ins_code 
_struct_ref_seq.db_align_end 
_struct_ref_seq.pdbx_db_align_end_ins_code 
_struct_ref_seq.pdbx_auth_seq_align_beg 
_struct_ref_seq.pdbx_auth_seq_align_end 
1 1 446D A 1 ? 10 ? 446D 1  ? 10 ? 1  10 
2 1 446D B 1 ? 10 ? 446D 11 ? 20 ? 11 20 
3 1 446D C 1 ? 10 ? 446D 21 ? 30 ? 21 30 
4 1 446D D 1 ? 10 ? 446D 31 ? 40 ? 31 40 
# 
loop_
_pdbx_struct_assembly.id 
_pdbx_struct_assembly.details 
_pdbx_struct_assembly.method_details 
_pdbx_struct_assembly.oligomeric_details 
_pdbx_struct_assembly.oligomeric_count 
1 author_defined_assembly ? dimeric 2 
2 author_defined_assembly ? dimeric 2 
# 
loop_
_pdbx_struct_assembly_gen.assembly_id 
_pdbx_struct_assembly_gen.oper_expression 
_pdbx_struct_assembly_gen.asym_id_list 
1 1 A,B,E,F,G,H,I,J,N,O 
2 1 C,D,K,L,M,P,Q       
# 
_pdbx_struct_oper_list.id                   1 
_pdbx_struct_oper_list.type                 'identity operation' 
_pdbx_struct_oper_list.name                 1_555 
_pdbx_struct_oper_list.symmetry_operation   x,y,z 
_pdbx_struct_oper_list.matrix[1][1]         1.0000000000 
_pdbx_struct_oper_list.matrix[1][2]         0.0000000000 
_pdbx_struct_oper_list.matrix[1][3]         0.0000000000 
_pdbx_struct_oper_list.vector[1]            0.0000000000 
_pdbx_struct_oper_list.matrix[2][1]         0.0000000000 
_pdbx_struct_oper_list.matrix[2][2]         1.0000000000 
_pdbx_struct_oper_list.matrix[2][3]         0.0000000000 
_pdbx_struct_oper_list.vector[2]            0.0000000000 
_pdbx_struct_oper_list.matrix[3][1]         0.0000000000 
_pdbx_struct_oper_list.matrix[3][2]         0.0000000000 
_pdbx_struct_oper_list.matrix[3][3]         1.0000000000 
_pdbx_struct_oper_list.vector[3]            0.0000000000 
# 
loop_
_struct_biol.id 
_struct_biol.pdbx_parent_biol_id 
_struct_biol.details 
1 ? ? 
2 ? ? 
# 
loop_
_struct_conn.id 
_struct_conn.conn_type_id 
_struct_conn.pdbx_leaving_atom_flag 
_struct_conn.pdbx_PDB_id 
_struct_conn.ptnr1_label_asym_id 
_struct_conn.ptnr1_label_comp_id 
_struct_conn.ptnr1_label_seq_id 
_struct_conn.ptnr1_label_atom_id 
_struct_conn.pdbx_ptnr1_label_alt_id 
_struct_conn.pdbx_ptnr1_PDB_ins_code 
_struct_conn.pdbx_ptnr1_standard_comp_id 
_struct_conn.ptnr1_symmetry 
_struct_conn.ptnr2_label_asym_id 
_struct_conn.ptnr2_label_comp_id 
_struct_conn.ptnr2_label_seq_id 
_struct_conn.ptnr2_label_atom_id 
_struct_conn.pdbx_ptnr2_label_alt_id 
_struct_conn.pdbx_ptnr2_PDB_ins_code 
_struct_conn.ptnr1_auth_asym_id 
_struct_conn.ptnr1_auth_comp_id 
_struct_conn.ptnr1_auth_seq_id 
_struct_conn.ptnr2_auth_asym_id 
_struct_conn.ptnr2_auth_comp_id 
_struct_conn.ptnr2_auth_seq_id 
_struct_conn.ptnr2_symmetry 
_struct_conn.pdbx_ptnr3_label_atom_id 
_struct_conn.pdbx_ptnr3_label_seq_id 
_struct_conn.pdbx_ptnr3_label_comp_id 
_struct_conn.pdbx_ptnr3_label_asym_id 
_struct_conn.pdbx_ptnr3_label_alt_id 
_struct_conn.pdbx_ptnr3_PDB_ins_code 
_struct_conn.details 
_struct_conn.pdbx_dist_value 
_struct_conn.pdbx_value_order 
_struct_conn.pdbx_role 
metalc1  metalc ? ? A DG 2  N7 ? ? ? 1_555 F NI  .  NI ? ? A DG 2  A NI  12 1_555 ? ? ? ? ? ? ?            1.969 ? ? 
metalc2  metalc ? ? A DG 10 N7 ? ? ? 1_555 E NI  .  NI ? ? A DG 10 A NI  11 1_555 ? ? ? ? ? ? ?            1.920 ? ? 
metalc3  metalc ? ? E NI .  NI ? ? ? 1_555 N HOH .  O  ? ? A NI 11 A HOH 15 1_555 ? ? ? ? ? ? ?            2.015 ? ? 
metalc4  metalc ? ? E NI .  NI ? ? ? 1_555 N HOH .  O  ? ? A NI 11 A HOH 16 1_555 ? ? ? ? ? ? ?            2.103 ? ? 
metalc5  metalc ? ? E NI .  NI ? ? ? 1_555 N HOH .  O  ? ? A NI 11 A HOH 17 1_555 ? ? ? ? ? ? ?            1.958 ? ? 
metalc6  metalc ? ? E NI .  NI ? ? ? 1_555 N HOH .  O  ? ? A NI 11 A HOH 18 1_555 ? ? ? ? ? ? ?            2.149 ? ? 
metalc7  metalc ? ? E NI .  NI ? ? ? 1_555 C DG  10 N7 ? ? A NI 11 C DG  30 3_545 ? ? ? ? ? ? ?            1.737 ? ? 
metalc8  metalc ? ? F NI .  NI ? ? ? 1_555 N HOH .  O  ? ? A NI 12 A HOH 19 1_555 ? ? ? ? ? ? ?            2.067 ? ? 
metalc9  metalc ? ? F NI .  NI ? ? ? 1_555 N HOH .  O  ? ? A NI 12 A HOH 20 1_555 ? ? ? ? ? ? ?            2.054 ? ? 
metalc10 metalc ? ? F NI .  NI ? ? ? 1_555 N HOH .  O  ? ? A NI 12 A HOH 21 1_555 ? ? ? ? ? ? ?            2.142 ? ? 
metalc11 metalc ? ? F NI .  NI ? ? ? 1_555 N HOH .  O  ? ? A NI 12 A HOH 22 1_555 ? ? ? ? ? ? ?            1.998 ? ? 
metalc12 metalc ? ? F NI .  NI ? ? ? 1_555 N HOH .  O  ? ? A NI 12 A HOH 23 1_555 ? ? ? ? ? ? ?            2.144 ? ? 
metalc13 metalc ? ? G NI .  NI ? ? ? 1_555 N HOH .  O  ? ? A NI 13 A HOH 24 1_555 ? ? ? ? ? ? ?            2.027 ? ? 
metalc14 metalc ? ? G NI .  NI ? ? ? 1_555 N HOH .  O  ? ? A NI 13 A HOH 25 1_555 ? ? ? ? ? ? ?            2.064 ? ? 
metalc15 metalc ? ? G NI .  NI ? ? ? 1_555 N HOH .  O  ? ? A NI 13 A HOH 26 1_555 ? ? ? ? ? ? ?            2.104 ? ? 
metalc16 metalc ? ? G NI .  NI ? ? ? 1_555 N HOH .  O  ? ? A NI 13 A HOH 27 1_555 ? ? ? ? ? ? ?            2.025 ? ? 
metalc17 metalc ? ? G NI .  NI ? ? ? 1_555 N HOH .  O  ? ? A NI 13 A HOH 28 1_555 ? ? ? ? ? ? ?            2.148 ? ? 
metalc18 metalc ? ? G NI .  NI ? ? ? 1_555 N HOH .  O  ? ? A NI 13 A HOH 29 1_555 ? ? ? ? ? ? ?            2.165 ? ? 
metalc19 metalc ? ? H NI .  NI ? ? ? 1_555 N HOH .  O  ? ? A NI 14 A HOH 30 1_555 ? ? ? ? ? ? ?            1.990 ? ? 
metalc20 metalc ? ? H NI .  NI ? ? ? 1_555 N HOH .  O  ? ? A NI 14 A HOH 31 1_555 ? ? ? ? ? ? ?            2.029 ? ? 
metalc21 metalc ? ? H NI .  NI ? ? ? 1_555 N HOH .  O  ? ? A NI 14 A HOH 32 1_555 ? ? ? ? ? ? ?            2.097 ? ? 
metalc22 metalc ? ? H NI .  NI ? ? ? 1_555 N HOH .  O  ? ? A NI 14 A HOH 33 1_555 ? ? ? ? ? ? ?            1.919 ? ? 
metalc23 metalc ? ? H NI .  NI ? ? ? 1_555 N HOH .  O  ? ? A NI 14 A HOH 34 1_555 ? ? ? ? ? ? ?            2.135 ? ? 
metalc24 metalc ? ? H NI .  NI ? ? ? 1_555 N HOH .  O  ? ? A NI 14 A HOH 35 1_555 ? ? ? ? ? ? ?            2.106 ? ? 
metalc25 metalc ? ? J NI .  NI ? ? ? 1_555 B DG  10 N7 ? ? B NI 5  B DG  20 1_555 ? ? ? ? ? ? ?            1.837 ? ? 
metalc26 metalc ? ? J NI .  NI ? ? ? 1_555 O HOH .  O  ? ? B NI 5  B HOH 26 1_555 ? ? ? ? ? ? ?            2.064 ? ? 
metalc27 metalc ? ? J NI .  NI ? ? ? 1_555 O HOH .  O  ? ? B NI 5  B HOH 27 1_555 ? ? ? ? ? ? ?            2.056 ? ? 
metalc28 metalc ? ? J NI .  NI ? ? ? 1_555 O HOH .  O  ? ? B NI 5  B HOH 28 1_555 ? ? ? ? ? ? ?            2.064 ? ? 
metalc29 metalc ? ? J NI .  NI ? ? ? 1_555 O HOH .  O  ? ? B NI 5  B HOH 29 1_555 ? ? ? ? ? ? ?            2.074 ? ? 
metalc30 metalc ? ? J NI .  NI ? ? ? 1_555 O HOH .  O  ? ? B NI 5  B HOH 30 1_555 ? ? ? ? ? ? ?            2.139 ? ? 
metalc31 metalc ? ? I NI .  NI ? ? ? 1_555 B DG  2  N7 ? ? B NI 7  B DG  12 1_555 ? ? ? ? ? ? ?            2.173 ? ? 
metalc32 metalc ? ? I NI .  NI ? ? ? 1_555 O HOH .  O  ? ? B NI 7  B HOH 21 1_555 ? ? ? ? ? ? ?            2.042 ? ? 
metalc33 metalc ? ? I NI .  NI ? ? ? 1_555 O HOH .  O  ? ? B NI 7  B HOH 22 1_555 ? ? ? ? ? ? ?            2.080 ? ? 
metalc34 metalc ? ? I NI .  NI ? ? ? 1_555 O HOH .  O  ? ? B NI 7  B HOH 23 1_555 ? ? ? ? ? ? ?            2.083 ? ? 
metalc35 metalc ? ? I NI .  NI ? ? ? 1_555 O HOH .  O  ? ? B NI 7  B HOH 24 1_555 ? ? ? ? ? ? ?            2.047 ? ? 
metalc36 metalc ? ? I NI .  NI ? ? ? 1_555 O HOH .  O  ? ? B NI 7  B HOH 25 1_555 ? ? ? ? ? ? ?            2.132 ? ? 
metalc37 metalc ? ? K NI .  NI ? ? ? 1_555 C DG  2  N7 ? ? C NI 1  C DG  22 1_555 ? ? ? ? ? ? ?            1.873 ? ? 
metalc38 metalc ? ? K NI .  NI ? ? ? 1_555 P HOH .  O  ? ? C NI 1  C HOH 34 1_555 ? ? ? ? ? ? ?            2.008 ? ? 
metalc39 metalc ? ? K NI .  NI ? ? ? 1_555 P HOH .  O  ? ? C NI 1  C HOH 35 1_555 ? ? ? ? ? ? ?            2.109 ? ? 
metalc40 metalc ? ? K NI .  NI ? ? ? 1_555 P HOH .  O  ? ? C NI 1  C HOH 36 1_555 ? ? ? ? ? ? ?            2.068 ? ? 
metalc41 metalc ? ? K NI .  NI ? ? ? 1_555 P HOH .  O  ? ? C NI 1  C HOH 37 1_555 ? ? ? ? ? ? ?            2.069 ? ? 
metalc42 metalc ? ? K NI .  NI ? ? ? 1_555 P HOH .  O  ? ? C NI 1  C HOH 38 1_555 ? ? ? ? ? ? ?            2.054 ? ? 
metalc43 metalc ? ? M NI .  NI ? ? ? 1_555 D DG  10 N7 ? ? D NI 2  D DG  40 1_555 ? ? ? ? ? ? ?            1.959 ? ? 
metalc44 metalc ? ? M NI .  NI ? ? ? 1_555 Q HOH .  O  ? ? D NI 2  D HOH 46 1_555 ? ? ? ? ? ? ?            2.039 ? ? 
metalc45 metalc ? ? M NI .  NI ? ? ? 1_555 Q HOH .  O  ? ? D NI 2  D HOH 47 1_555 ? ? ? ? ? ? ?            2.108 ? ? 
metalc46 metalc ? ? M NI .  NI ? ? ? 1_555 Q HOH .  O  ? ? D NI 2  D HOH 48 1_555 ? ? ? ? ? ? ?            2.042 ? ? 
metalc47 metalc ? ? M NI .  NI ? ? ? 1_555 Q HOH .  O  ? ? D NI 2  D HOH 49 1_555 ? ? ? ? ? ? ?            2.092 ? ? 
metalc48 metalc ? ? M NI .  NI ? ? ? 1_555 Q HOH .  O  ? ? D NI 2  D HOH 50 1_555 ? ? ? ? ? ? ?            2.115 ? ? 
metalc49 metalc ? ? L NI .  NI ? ? ? 1_555 D DG  2  N7 ? ? D NI 9  D DG  32 1_555 ? ? ? ? ? ? ?            2.244 ? ? 
metalc50 metalc ? ? L NI .  NI ? ? ? 1_555 Q HOH .  O  ? ? D NI 9  D HOH 41 1_555 ? ? ? ? ? ? ?            2.018 ? ? 
metalc51 metalc ? ? L NI .  NI ? ? ? 1_555 Q HOH .  O  ? ? D NI 9  D HOH 42 1_555 ? ? ? ? ? ? ?            2.109 ? ? 
metalc52 metalc ? ? L NI .  NI ? ? ? 1_555 Q HOH .  O  ? ? D NI 9  D HOH 43 1_555 ? ? ? ? ? ? ?            2.056 ? ? 
metalc53 metalc ? ? L NI .  NI ? ? ? 1_555 Q HOH .  O  ? ? D NI 9  D HOH 44 1_555 ? ? ? ? ? ? ?            2.058 ? ? 
metalc54 metalc ? ? L NI .  NI ? ? ? 1_555 Q HOH .  O  ? ? D NI 9  D HOH 45 1_555 ? ? ? ? ? ? ?            2.004 ? ? 
hydrog1  hydrog ? ? A DG 2  N1 ? ? ? 1_555 B DC  9  N3 ? ? A DG 2  B DC  19 1_555 ? ? ? ? ? ? WATSON-CRICK ?     ? ? 
hydrog2  hydrog ? ? A DG 2  N2 ? ? ? 1_555 B DC  9  O2 ? ? A DG 2  B DC  19 1_555 ? ? ? ? ? ? WATSON-CRICK ?     ? ? 
hydrog3  hydrog ? ? A DG 2  O6 ? ? ? 1_555 B DC  9  N4 ? ? A DG 2  B DC  19 1_555 ? ? ? ? ? ? WATSON-CRICK ?     ? ? 
hydrog4  hydrog ? ? A DG 2  N2 ? ? ? 1_555 C DG  10 N3 ? ? A DG 2  C DG  30 1_555 ? ? ? ? ? ? TYPE_4_PAIR  ?     ? ? 
hydrog5  hydrog ? ? A DG 2  N3 ? ? ? 1_555 C DG  10 N2 ? ? A DG 2  C DG  30 1_555 ? ? ? ? ? ? TYPE_4_PAIR  ?     ? ? 
hydrog6  hydrog ? ? A DT 3  N3 ? ? ? 1_555 B DA  8  N1 ? ? A DT 3  B DA  18 1_555 ? ? ? ? ? ? WATSON-CRICK ?     ? ? 
hydrog7  hydrog ? ? A DT 3  O4 ? ? ? 1_555 B DA  8  N6 ? ? A DT 3  B DA  18 1_555 ? ? ? ? ? ? WATSON-CRICK ?     ? ? 
hydrog8  hydrog ? ? A DA 4  N1 ? ? ? 1_555 B DT  7  N3 ? ? A DA 4  B DT  17 1_555 ? ? ? ? ? ? WATSON-CRICK ?     ? ? 
hydrog9  hydrog ? ? A DA 4  N6 ? ? ? 1_555 B DT  7  O4 ? ? A DA 4  B DT  17 1_555 ? ? ? ? ? ? WATSON-CRICK ?     ? ? 
hydrog10 hydrog ? ? A DT 5  N3 ? ? ? 1_555 B DA  6  N1 ? ? A DT 5  B DA  16 1_555 ? ? ? ? ? ? WATSON-CRICK ?     ? ? 
hydrog11 hydrog ? ? A DT 5  O4 ? ? ? 1_555 B DA  6  N6 ? ? A DT 5  B DA  16 1_555 ? ? ? ? ? ? WATSON-CRICK ?     ? ? 
hydrog12 hydrog ? ? A DA 6  N1 ? ? ? 1_555 B DT  5  N3 ? ? A DA 6  B DT  15 1_555 ? ? ? ? ? ? WATSON-CRICK ?     ? ? 
hydrog13 hydrog ? ? A DA 6  N6 ? ? ? 1_555 B DT  5  O4 ? ? A DA 6  B DT  15 1_555 ? ? ? ? ? ? WATSON-CRICK ?     ? ? 
hydrog14 hydrog ? ? A DT 7  N3 ? ? ? 1_555 B DA  4  N1 ? ? A DT 7  B DA  14 1_555 ? ? ? ? ? ? WATSON-CRICK ?     ? ? 
hydrog15 hydrog ? ? A DT 7  O4 ? ? ? 1_555 B DA  4  N6 ? ? A DT 7  B DA  14 1_555 ? ? ? ? ? ? WATSON-CRICK ?     ? ? 
hydrog16 hydrog ? ? A DA 8  N1 ? ? ? 1_555 B DT  3  N3 ? ? A DA 8  B DT  13 1_555 ? ? ? ? ? ? WATSON-CRICK ?     ? ? 
hydrog17 hydrog ? ? A DA 8  N6 ? ? ? 1_555 B DT  3  O4 ? ? A DA 8  B DT  13 1_555 ? ? ? ? ? ? WATSON-CRICK ?     ? ? 
hydrog18 hydrog ? ? A DC 9  N3 ? ? ? 1_555 B DG  2  N1 ? ? A DC 9  B DG  12 1_555 ? ? ? ? ? ? WATSON-CRICK ?     ? ? 
hydrog19 hydrog ? ? A DC 9  N4 ? ? ? 1_555 B DG  2  O6 ? ? A DC 9  B DG  12 1_555 ? ? ? ? ? ? WATSON-CRICK ?     ? ? 
hydrog20 hydrog ? ? A DC 9  O2 ? ? ? 1_555 B DG  2  N2 ? ? A DC 9  B DG  12 1_555 ? ? ? ? ? ? WATSON-CRICK ?     ? ? 
hydrog21 hydrog ? ? B DG 10 N2 ? ? ? 1_555 D DG  2  N3 ? ? B DG 20 D DG  32 1_555 ? ? ? ? ? ? TYPE_4_PAIR  ?     ? ? 
hydrog22 hydrog ? ? B DG 10 N3 ? ? ? 1_555 D DG  2  N2 ? ? B DG 20 D DG  32 1_555 ? ? ? ? ? ? TYPE_4_PAIR  ?     ? ? 
hydrog23 hydrog ? ? C DG 2  N1 ? ? ? 1_555 D DC  9  N3 ? ? C DG 22 D DC  39 1_555 ? ? ? ? ? ? WATSON-CRICK ?     ? ? 
hydrog24 hydrog ? ? C DG 2  N2 ? ? ? 1_555 D DC  9  O2 ? ? C DG 22 D DC  39 1_555 ? ? ? ? ? ? WATSON-CRICK ?     ? ? 
hydrog25 hydrog ? ? C DG 2  O6 ? ? ? 1_555 D DC  9  N4 ? ? C DG 22 D DC  39 1_555 ? ? ? ? ? ? WATSON-CRICK ?     ? ? 
hydrog26 hydrog ? ? C DT 3  N3 ? ? ? 1_555 D DA  8  N1 ? ? C DT 23 D DA  38 1_555 ? ? ? ? ? ? WATSON-CRICK ?     ? ? 
hydrog27 hydrog ? ? C DT 3  O4 ? ? ? 1_555 D DA  8  N6 ? ? C DT 23 D DA  38 1_555 ? ? ? ? ? ? WATSON-CRICK ?     ? ? 
hydrog28 hydrog ? ? C DA 4  N1 ? ? ? 1_555 D DT  7  N3 ? ? C DA 24 D DT  37 1_555 ? ? ? ? ? ? WATSON-CRICK ?     ? ? 
hydrog29 hydrog ? ? C DA 4  N6 ? ? ? 1_555 D DT  7  O4 ? ? C DA 24 D DT  37 1_555 ? ? ? ? ? ? WATSON-CRICK ?     ? ? 
hydrog30 hydrog ? ? C DT 5  N3 ? ? ? 1_555 D DA  6  N1 ? ? C DT 25 D DA  36 1_555 ? ? ? ? ? ? WATSON-CRICK ?     ? ? 
hydrog31 hydrog ? ? C DT 5  O4 ? ? ? 1_555 D DA  6  N6 ? ? C DT 25 D DA  36 1_555 ? ? ? ? ? ? WATSON-CRICK ?     ? ? 
hydrog32 hydrog ? ? C DA 6  N1 ? ? ? 1_555 D DT  5  N3 ? ? C DA 26 D DT  35 1_555 ? ? ? ? ? ? WATSON-CRICK ?     ? ? 
hydrog33 hydrog ? ? C DA 6  N6 ? ? ? 1_555 D DT  5  O4 ? ? C DA 26 D DT  35 1_555 ? ? ? ? ? ? WATSON-CRICK ?     ? ? 
hydrog34 hydrog ? ? C DT 7  N3 ? ? ? 1_555 D DA  4  N1 ? ? C DT 27 D DA  34 1_555 ? ? ? ? ? ? WATSON-CRICK ?     ? ? 
hydrog35 hydrog ? ? C DT 7  O4 ? ? ? 1_555 D DA  4  N6 ? ? C DT 27 D DA  34 1_555 ? ? ? ? ? ? WATSON-CRICK ?     ? ? 
hydrog36 hydrog ? ? C DA 8  N1 ? ? ? 1_555 D DT  3  N3 ? ? C DA 28 D DT  33 1_555 ? ? ? ? ? ? WATSON-CRICK ?     ? ? 
hydrog37 hydrog ? ? C DA 8  N6 ? ? ? 1_555 D DT  3  O4 ? ? C DA 28 D DT  33 1_555 ? ? ? ? ? ? WATSON-CRICK ?     ? ? 
hydrog38 hydrog ? ? C DC 9  N3 ? ? ? 1_555 D DG  2  N1 ? ? C DC 29 D DG  32 1_555 ? ? ? ? ? ? WATSON-CRICK ?     ? ? 
hydrog39 hydrog ? ? C DC 9  N4 ? ? ? 1_555 D DG  2  O6 ? ? C DC 29 D DG  32 1_555 ? ? ? ? ? ? WATSON-CRICK ?     ? ? 
hydrog40 hydrog ? ? C DC 9  O2 ? ? ? 1_555 D DG  2  N2 ? ? C DC 29 D DG  32 1_555 ? ? ? ? ? ? WATSON-CRICK ?     ? ? 
# 
loop_
_struct_conn_type.id 
_struct_conn_type.criteria 
_struct_conn_type.reference 
metalc ? ? 
hydrog ? ? 
# 
loop_
_pdbx_struct_conn_angle.id 
_pdbx_struct_conn_angle.ptnr1_label_atom_id 
_pdbx_struct_conn_angle.ptnr1_label_alt_id 
_pdbx_struct_conn_angle.ptnr1_label_asym_id 
_pdbx_struct_conn_angle.ptnr1_label_comp_id 
_pdbx_struct_conn_angle.ptnr1_label_seq_id 
_pdbx_struct_conn_angle.ptnr1_auth_atom_id 
_pdbx_struct_conn_angle.ptnr1_auth_asym_id 
_pdbx_struct_conn_angle.ptnr1_auth_comp_id 
_pdbx_struct_conn_angle.ptnr1_auth_seq_id 
_pdbx_struct_conn_angle.ptnr1_PDB_ins_code 
_pdbx_struct_conn_angle.ptnr1_symmetry 
_pdbx_struct_conn_angle.ptnr2_label_atom_id 
_pdbx_struct_conn_angle.ptnr2_label_alt_id 
_pdbx_struct_conn_angle.ptnr2_label_asym_id 
_pdbx_struct_conn_angle.ptnr2_label_comp_id 
_pdbx_struct_conn_angle.ptnr2_label_seq_id 
_pdbx_struct_conn_angle.ptnr2_auth_atom_id 
_pdbx_struct_conn_angle.ptnr2_auth_asym_id 
_pdbx_struct_conn_angle.ptnr2_auth_comp_id 
_pdbx_struct_conn_angle.ptnr2_auth_seq_id 
_pdbx_struct_conn_angle.ptnr2_PDB_ins_code 
_pdbx_struct_conn_angle.ptnr2_symmetry 
_pdbx_struct_conn_angle.ptnr3_label_atom_id 
_pdbx_struct_conn_angle.ptnr3_label_alt_id 
_pdbx_struct_conn_angle.ptnr3_label_asym_id 
_pdbx_struct_conn_angle.ptnr3_label_comp_id 
_pdbx_struct_conn_angle.ptnr3_label_seq_id 
_pdbx_struct_conn_angle.ptnr3_auth_atom_id 
_pdbx_struct_conn_angle.ptnr3_auth_asym_id 
_pdbx_struct_conn_angle.ptnr3_auth_comp_id 
_pdbx_struct_conn_angle.ptnr3_auth_seq_id 
_pdbx_struct_conn_angle.ptnr3_PDB_ins_code 
_pdbx_struct_conn_angle.ptnr3_symmetry 
_pdbx_struct_conn_angle.value 
_pdbx_struct_conn_angle.value_esd 
1   N7 ? A DG  2  ? A DG  2  ? 1_555 NI ? F NI . ? A NI 12 ? 1_555 O  ? N HOH .  ? A HOH 19 ? 1_555 103.4 ? 
2   N7 ? A DG  2  ? A DG  2  ? 1_555 NI ? F NI . ? A NI 12 ? 1_555 O  ? N HOH .  ? A HOH 20 ? 1_555 81.5  ? 
3   O  ? N HOH .  ? A HOH 19 ? 1_555 NI ? F NI . ? A NI 12 ? 1_555 O  ? N HOH .  ? A HOH 20 ? 1_555 170.8 ? 
4   N7 ? A DG  2  ? A DG  2  ? 1_555 NI ? F NI . ? A NI 12 ? 1_555 O  ? N HOH .  ? A HOH 21 ? 1_555 81.8  ? 
5   O  ? N HOH .  ? A HOH 19 ? 1_555 NI ? F NI . ? A NI 12 ? 1_555 O  ? N HOH .  ? A HOH 21 ? 1_555 86.3  ? 
6   O  ? N HOH .  ? A HOH 20 ? 1_555 NI ? F NI . ? A NI 12 ? 1_555 O  ? N HOH .  ? A HOH 21 ? 1_555 86.7  ? 
7   N7 ? A DG  2  ? A DG  2  ? 1_555 NI ? F NI . ? A NI 12 ? 1_555 O  ? N HOH .  ? A HOH 22 ? 1_555 104.3 ? 
8   O  ? N HOH .  ? A HOH 19 ? 1_555 NI ? F NI . ? A NI 12 ? 1_555 O  ? N HOH .  ? A HOH 22 ? 1_555 91.6  ? 
9   O  ? N HOH .  ? A HOH 20 ? 1_555 NI ? F NI . ? A NI 12 ? 1_555 O  ? N HOH .  ? A HOH 22 ? 1_555 94.7  ? 
10  O  ? N HOH .  ? A HOH 21 ? 1_555 NI ? F NI . ? A NI 12 ? 1_555 O  ? N HOH .  ? A HOH 22 ? 1_555 173.9 ? 
11  N7 ? A DG  2  ? A DG  2  ? 1_555 NI ? F NI . ? A NI 12 ? 1_555 O  ? N HOH .  ? A HOH 23 ? 1_555 162.7 ? 
12  O  ? N HOH .  ? A HOH 19 ? 1_555 NI ? F NI . ? A NI 12 ? 1_555 O  ? N HOH .  ? A HOH 23 ? 1_555 86.6  ? 
13  O  ? N HOH .  ? A HOH 20 ? 1_555 NI ? F NI . ? A NI 12 ? 1_555 O  ? N HOH .  ? A HOH 23 ? 1_555 86.8  ? 
14  O  ? N HOH .  ? A HOH 21 ? 1_555 NI ? F NI . ? A NI 12 ? 1_555 O  ? N HOH .  ? A HOH 23 ? 1_555 84.8  ? 
15  O  ? N HOH .  ? A HOH 22 ? 1_555 NI ? F NI . ? A NI 12 ? 1_555 O  ? N HOH .  ? A HOH 23 ? 1_555 89.3  ? 
16  N7 ? A DG  10 ? A DG  10 ? 1_555 NI ? E NI . ? A NI 11 ? 1_555 O  ? N HOH .  ? A HOH 15 ? 1_555 92.4  ? 
17  N7 ? A DG  10 ? A DG  10 ? 1_555 NI ? E NI . ? A NI 11 ? 1_555 O  ? N HOH .  ? A HOH 16 ? 1_555 83.6  ? 
18  O  ? N HOH .  ? A HOH 15 ? 1_555 NI ? E NI . ? A NI 11 ? 1_555 O  ? N HOH .  ? A HOH 16 ? 1_555 173.9 ? 
19  N7 ? A DG  10 ? A DG  10 ? 1_555 NI ? E NI . ? A NI 11 ? 1_555 O  ? N HOH .  ? A HOH 17 ? 1_555 81.5  ? 
20  O  ? N HOH .  ? A HOH 15 ? 1_555 NI ? E NI . ? A NI 11 ? 1_555 O  ? N HOH .  ? A HOH 17 ? 1_555 95.8  ? 
21  O  ? N HOH .  ? A HOH 16 ? 1_555 NI ? E NI . ? A NI 11 ? 1_555 O  ? N HOH .  ? A HOH 17 ? 1_555 88.2  ? 
22  N7 ? A DG  10 ? A DG  10 ? 1_555 NI ? E NI . ? A NI 11 ? 1_555 O  ? N HOH .  ? A HOH 18 ? 1_555 96.3  ? 
23  O  ? N HOH .  ? A HOH 15 ? 1_555 NI ? E NI . ? A NI 11 ? 1_555 O  ? N HOH .  ? A HOH 18 ? 1_555 89.2  ? 
24  O  ? N HOH .  ? A HOH 16 ? 1_555 NI ? E NI . ? A NI 11 ? 1_555 O  ? N HOH .  ? A HOH 18 ? 1_555 86.6  ? 
25  O  ? N HOH .  ? A HOH 17 ? 1_555 NI ? E NI . ? A NI 11 ? 1_555 O  ? N HOH .  ? A HOH 18 ? 1_555 174.6 ? 
26  N7 ? A DG  10 ? A DG  10 ? 1_555 NI ? E NI . ? A NI 11 ? 1_555 N7 ? C DG  10 ? C DG  30 ? 3_545 172.7 ? 
27  O  ? N HOH .  ? A HOH 15 ? 1_555 NI ? E NI . ? A NI 11 ? 1_555 N7 ? C DG  10 ? C DG  30 ? 3_545 81.7  ? 
28  O  ? N HOH .  ? A HOH 16 ? 1_555 NI ? E NI . ? A NI 11 ? 1_555 N7 ? C DG  10 ? C DG  30 ? 3_545 102.6 ? 
29  O  ? N HOH .  ? A HOH 17 ? 1_555 NI ? E NI . ? A NI 11 ? 1_555 N7 ? C DG  10 ? C DG  30 ? 3_545 94.7  ? 
30  O  ? N HOH .  ? A HOH 18 ? 1_555 NI ? E NI . ? A NI 11 ? 1_555 N7 ? C DG  10 ? C DG  30 ? 3_545 88.0  ? 
31  O  ? N HOH .  ? A HOH 24 ? 1_555 NI ? G NI . ? A NI 13 ? 1_555 O  ? N HOH .  ? A HOH 25 ? 1_555 93.4  ? 
32  O  ? N HOH .  ? A HOH 24 ? 1_555 NI ? G NI . ? A NI 13 ? 1_555 O  ? N HOH .  ? A HOH 26 ? 1_555 92.9  ? 
33  O  ? N HOH .  ? A HOH 25 ? 1_555 NI ? G NI . ? A NI 13 ? 1_555 O  ? N HOH .  ? A HOH 26 ? 1_555 172.4 ? 
34  O  ? N HOH .  ? A HOH 24 ? 1_555 NI ? G NI . ? A NI 13 ? 1_555 O  ? N HOH .  ? A HOH 27 ? 1_555 97.5  ? 
35  O  ? N HOH .  ? A HOH 25 ? 1_555 NI ? G NI . ? A NI 13 ? 1_555 O  ? N HOH .  ? A HOH 27 ? 1_555 91.8  ? 
36  O  ? N HOH .  ? A HOH 26 ? 1_555 NI ? G NI . ? A NI 13 ? 1_555 O  ? N HOH .  ? A HOH 27 ? 1_555 91.7  ? 
37  O  ? N HOH .  ? A HOH 24 ? 1_555 NI ? G NI . ? A NI 13 ? 1_555 O  ? N HOH .  ? A HOH 28 ? 1_555 89.4  ? 
38  O  ? N HOH .  ? A HOH 25 ? 1_555 NI ? G NI . ? A NI 13 ? 1_555 O  ? N HOH .  ? A HOH 28 ? 1_555 88.3  ? 
39  O  ? N HOH .  ? A HOH 26 ? 1_555 NI ? G NI . ? A NI 13 ? 1_555 O  ? N HOH .  ? A HOH 28 ? 1_555 87.4  ? 
40  O  ? N HOH .  ? A HOH 27 ? 1_555 NI ? G NI . ? A NI 13 ? 1_555 O  ? N HOH .  ? A HOH 28 ? 1_555 173.1 ? 
41  O  ? N HOH .  ? A HOH 24 ? 1_555 NI ? G NI . ? A NI 13 ? 1_555 O  ? N HOH .  ? A HOH 29 ? 1_555 174.6 ? 
42  O  ? N HOH .  ? A HOH 25 ? 1_555 NI ? G NI . ? A NI 13 ? 1_555 O  ? N HOH .  ? A HOH 29 ? 1_555 85.8  ? 
43  O  ? N HOH .  ? A HOH 26 ? 1_555 NI ? G NI . ? A NI 13 ? 1_555 O  ? N HOH .  ? A HOH 29 ? 1_555 87.6  ? 
44  O  ? N HOH .  ? A HOH 27 ? 1_555 NI ? G NI . ? A NI 13 ? 1_555 O  ? N HOH .  ? A HOH 29 ? 1_555 87.8  ? 
45  O  ? N HOH .  ? A HOH 28 ? 1_555 NI ? G NI . ? A NI 13 ? 1_555 O  ? N HOH .  ? A HOH 29 ? 1_555 85.3  ? 
46  O  ? N HOH .  ? A HOH 30 ? 1_555 NI ? H NI . ? A NI 14 ? 1_555 O  ? N HOH .  ? A HOH 31 ? 1_555 92.4  ? 
47  O  ? N HOH .  ? A HOH 30 ? 1_555 NI ? H NI . ? A NI 14 ? 1_555 O  ? N HOH .  ? A HOH 32 ? 1_555 90.9  ? 
48  O  ? N HOH .  ? A HOH 31 ? 1_555 NI ? H NI . ? A NI 14 ? 1_555 O  ? N HOH .  ? A HOH 32 ? 1_555 174.0 ? 
49  O  ? N HOH .  ? A HOH 30 ? 1_555 NI ? H NI . ? A NI 14 ? 1_555 O  ? N HOH .  ? A HOH 33 ? 1_555 93.8  ? 
50  O  ? N HOH .  ? A HOH 31 ? 1_555 NI ? H NI . ? A NI 14 ? 1_555 O  ? N HOH .  ? A HOH 33 ? 1_555 93.8  ? 
51  O  ? N HOH .  ? A HOH 32 ? 1_555 NI ? H NI . ? A NI 14 ? 1_555 O  ? N HOH .  ? A HOH 33 ? 1_555 91.0  ? 
52  O  ? N HOH .  ? A HOH 30 ? 1_555 NI ? H NI . ? A NI 14 ? 1_555 O  ? N HOH .  ? A HOH 34 ? 1_555 89.8  ? 
53  O  ? N HOH .  ? A HOH 31 ? 1_555 NI ? H NI . ? A NI 14 ? 1_555 O  ? N HOH .  ? A HOH 34 ? 1_555 88.1  ? 
54  O  ? N HOH .  ? A HOH 32 ? 1_555 NI ? H NI . ? A NI 14 ? 1_555 O  ? N HOH .  ? A HOH 34 ? 1_555 86.9  ? 
55  O  ? N HOH .  ? A HOH 33 ? 1_555 NI ? H NI . ? A NI 14 ? 1_555 O  ? N HOH .  ? A HOH 34 ? 1_555 175.9 ? 
56  O  ? N HOH .  ? A HOH 30 ? 1_555 NI ? H NI . ? A NI 14 ? 1_555 O  ? N HOH .  ? A HOH 35 ? 1_555 174.3 ? 
57  O  ? N HOH .  ? A HOH 31 ? 1_555 NI ? H NI . ? A NI 14 ? 1_555 O  ? N HOH .  ? A HOH 35 ? 1_555 89.5  ? 
58  O  ? N HOH .  ? A HOH 32 ? 1_555 NI ? H NI . ? A NI 14 ? 1_555 O  ? N HOH .  ? A HOH 35 ? 1_555 86.7  ? 
59  O  ? N HOH .  ? A HOH 33 ? 1_555 NI ? H NI . ? A NI 14 ? 1_555 O  ? N HOH .  ? A HOH 35 ? 1_555 91.5  ? 
60  O  ? N HOH .  ? A HOH 34 ? 1_555 NI ? H NI . ? A NI 14 ? 1_555 O  ? N HOH .  ? A HOH 35 ? 1_555 84.9  ? 
61  N7 ? B DG  10 ? B DG  20 ? 1_555 NI ? J NI . ? B NI 5  ? 1_555 O  ? O HOH .  ? B HOH 26 ? 1_555 97.9  ? 
62  N7 ? B DG  10 ? B DG  20 ? 1_555 NI ? J NI . ? B NI 5  ? 1_555 O  ? O HOH .  ? B HOH 27 ? 1_555 92.8  ? 
63  O  ? O HOH .  ? B HOH 26 ? 1_555 NI ? J NI . ? B NI 5  ? 1_555 O  ? O HOH .  ? B HOH 27 ? 1_555 169.3 ? 
64  N7 ? B DG  10 ? B DG  20 ? 1_555 NI ? J NI . ? B NI 5  ? 1_555 O  ? O HOH .  ? B HOH 28 ? 1_555 91.7  ? 
65  O  ? O HOH .  ? B HOH 26 ? 1_555 NI ? J NI . ? B NI 5  ? 1_555 O  ? O HOH .  ? B HOH 28 ? 1_555 88.2  ? 
66  O  ? O HOH .  ? B HOH 27 ? 1_555 NI ? J NI . ? B NI 5  ? 1_555 O  ? O HOH .  ? B HOH 28 ? 1_555 90.7  ? 
67  N7 ? B DG  10 ? B DG  20 ? 1_555 NI ? J NI . ? B NI 5  ? 1_555 O  ? O HOH .  ? B HOH 29 ? 1_555 96.5  ? 
68  O  ? O HOH .  ? B HOH 26 ? 1_555 NI ? J NI . ? B NI 5  ? 1_555 O  ? O HOH .  ? B HOH 29 ? 1_555 88.5  ? 
69  O  ? O HOH .  ? B HOH 27 ? 1_555 NI ? J NI . ? B NI 5  ? 1_555 O  ? O HOH .  ? B HOH 29 ? 1_555 91.1  ? 
70  O  ? O HOH .  ? B HOH 28 ? 1_555 NI ? J NI . ? B NI 5  ? 1_555 O  ? O HOH .  ? B HOH 29 ? 1_555 171.5 ? 
71  N7 ? B DG  10 ? B DG  20 ? 1_555 NI ? J NI . ? B NI 5  ? 1_555 O  ? O HOH .  ? B HOH 30 ? 1_555 176.3 ? 
72  O  ? O HOH .  ? B HOH 26 ? 1_555 NI ? J NI . ? B NI 5  ? 1_555 O  ? O HOH .  ? B HOH 30 ? 1_555 84.5  ? 
73  O  ? O HOH .  ? B HOH 27 ? 1_555 NI ? J NI . ? B NI 5  ? 1_555 O  ? O HOH .  ? B HOH 30 ? 1_555 84.8  ? 
74  O  ? O HOH .  ? B HOH 28 ? 1_555 NI ? J NI . ? B NI 5  ? 1_555 O  ? O HOH .  ? B HOH 30 ? 1_555 85.6  ? 
75  O  ? O HOH .  ? B HOH 29 ? 1_555 NI ? J NI . ? B NI 5  ? 1_555 O  ? O HOH .  ? B HOH 30 ? 1_555 86.3  ? 
76  N7 ? B DG  2  ? B DG  12 ? 1_555 NI ? I NI . ? B NI 7  ? 1_555 O  ? O HOH .  ? B HOH 21 ? 1_555 109.7 ? 
77  N7 ? B DG  2  ? B DG  12 ? 1_555 NI ? I NI . ? B NI 7  ? 1_555 O  ? O HOH .  ? B HOH 22 ? 1_555 78.9  ? 
78  O  ? O HOH .  ? B HOH 21 ? 1_555 NI ? I NI . ? B NI 7  ? 1_555 O  ? O HOH .  ? B HOH 22 ? 1_555 171.4 ? 
79  N7 ? B DG  2  ? B DG  12 ? 1_555 NI ? I NI . ? B NI 7  ? 1_555 O  ? O HOH .  ? B HOH 23 ? 1_555 83.5  ? 
80  O  ? O HOH .  ? B HOH 21 ? 1_555 NI ? I NI . ? B NI 7  ? 1_555 O  ? O HOH .  ? B HOH 23 ? 1_555 91.2  ? 
81  O  ? O HOH .  ? B HOH 22 ? 1_555 NI ? I NI . ? B NI 7  ? 1_555 O  ? O HOH .  ? B HOH 23 ? 1_555 89.7  ? 
82  N7 ? B DG  2  ? B DG  12 ? 1_555 NI ? I NI . ? B NI 7  ? 1_555 O  ? O HOH .  ? B HOH 24 ? 1_555 103.1 ? 
83  O  ? O HOH .  ? B HOH 21 ? 1_555 NI ? I NI . ? B NI 7  ? 1_555 O  ? O HOH .  ? B HOH 24 ? 1_555 90.4  ? 
84  O  ? O HOH .  ? B HOH 22 ? 1_555 NI ? I NI . ? B NI 7  ? 1_555 O  ? O HOH .  ? B HOH 24 ? 1_555 87.5  ? 
85  O  ? O HOH .  ? B HOH 23 ? 1_555 NI ? I NI . ? B NI 7  ? 1_555 O  ? O HOH .  ? B HOH 24 ? 1_555 172.2 ? 
86  N7 ? B DG  2  ? B DG  12 ? 1_555 NI ? I NI . ? B NI 7  ? 1_555 O  ? O HOH .  ? B HOH 25 ? 1_555 162.9 ? 
87  O  ? O HOH .  ? B HOH 21 ? 1_555 NI ? I NI . ? B NI 7  ? 1_555 O  ? O HOH .  ? B HOH 25 ? 1_555 84.5  ? 
88  O  ? O HOH .  ? B HOH 22 ? 1_555 NI ? I NI . ? B NI 7  ? 1_555 O  ? O HOH .  ? B HOH 25 ? 1_555 87.0  ? 
89  O  ? O HOH .  ? B HOH 23 ? 1_555 NI ? I NI . ? B NI 7  ? 1_555 O  ? O HOH .  ? B HOH 25 ? 1_555 86.7  ? 
90  O  ? O HOH .  ? B HOH 24 ? 1_555 NI ? I NI . ? B NI 7  ? 1_555 O  ? O HOH .  ? B HOH 25 ? 1_555 85.8  ? 
91  N7 ? C DG  2  ? C DG  22 ? 1_555 NI ? K NI . ? C NI 1  ? 1_555 O  ? P HOH .  ? C HOH 34 ? 1_555 93.1  ? 
92  N7 ? C DG  2  ? C DG  22 ? 1_555 NI ? K NI . ? C NI 1  ? 1_555 O  ? P HOH .  ? C HOH 35 ? 1_555 86.8  ? 
93  O  ? P HOH .  ? C HOH 34 ? 1_555 NI ? K NI . ? C NI 1  ? 1_555 O  ? P HOH .  ? C HOH 35 ? 1_555 178.0 ? 
94  N7 ? C DG  2  ? C DG  22 ? 1_555 NI ? K NI . ? C NI 1  ? 1_555 O  ? P HOH .  ? C HOH 36 ? 1_555 82.4  ? 
95  O  ? P HOH .  ? C HOH 34 ? 1_555 NI ? K NI . ? C NI 1  ? 1_555 O  ? P HOH .  ? C HOH 36 ? 1_555 93.5  ? 
96  O  ? P HOH .  ? C HOH 35 ? 1_555 NI ? K NI . ? C NI 1  ? 1_555 O  ? P HOH .  ? C HOH 36 ? 1_555 88.4  ? 
97  N7 ? C DG  2  ? C DG  22 ? 1_555 NI ? K NI . ? C NI 1  ? 1_555 O  ? P HOH .  ? C HOH 37 ? 1_555 96.0  ? 
98  O  ? P HOH .  ? C HOH 34 ? 1_555 NI ? K NI . ? C NI 1  ? 1_555 O  ? P HOH .  ? C HOH 37 ? 1_555 90.5  ? 
99  O  ? P HOH .  ? C HOH 35 ? 1_555 NI ? K NI . ? C NI 1  ? 1_555 O  ? P HOH .  ? C HOH 37 ? 1_555 87.5  ? 
100 O  ? P HOH .  ? C HOH 36 ? 1_555 NI ? K NI . ? C NI 1  ? 1_555 O  ? P HOH .  ? C HOH 37 ? 1_555 175.7 ? 
101 N7 ? C DG  2  ? C DG  22 ? 1_555 NI ? K NI . ? C NI 1  ? 1_555 O  ? P HOH .  ? C HOH 38 ? 1_555 172.3 ? 
102 O  ? P HOH .  ? C HOH 34 ? 1_555 NI ? K NI . ? C NI 1  ? 1_555 O  ? P HOH .  ? C HOH 38 ? 1_555 91.6  ? 
103 O  ? P HOH .  ? C HOH 35 ? 1_555 NI ? K NI . ? C NI 1  ? 1_555 O  ? P HOH .  ? C HOH 38 ? 1_555 88.7  ? 
104 O  ? P HOH .  ? C HOH 36 ? 1_555 NI ? K NI . ? C NI 1  ? 1_555 O  ? P HOH .  ? C HOH 38 ? 1_555 91.3  ? 
105 O  ? P HOH .  ? C HOH 37 ? 1_555 NI ? K NI . ? C NI 1  ? 1_555 O  ? P HOH .  ? C HOH 38 ? 1_555 89.9  ? 
106 N7 ? D DG  10 ? D DG  40 ? 1_555 NI ? M NI . ? D NI 2  ? 1_555 O  ? Q HOH .  ? D HOH 46 ? 1_555 81.6  ? 
107 N7 ? D DG  10 ? D DG  40 ? 1_555 NI ? M NI . ? D NI 2  ? 1_555 O  ? Q HOH .  ? D HOH 47 ? 1_555 106.0 ? 
108 O  ? Q HOH .  ? D HOH 46 ? 1_555 NI ? M NI . ? D NI 2  ? 1_555 O  ? Q HOH .  ? D HOH 47 ? 1_555 172.4 ? 
109 N7 ? D DG  10 ? D DG  40 ? 1_555 NI ? M NI . ? D NI 2  ? 1_555 O  ? Q HOH .  ? D HOH 48 ? 1_555 96.3  ? 
110 O  ? Q HOH .  ? D HOH 46 ? 1_555 NI ? M NI . ? D NI 2  ? 1_555 O  ? Q HOH .  ? D HOH 48 ? 1_555 93.0  ? 
111 O  ? Q HOH .  ? D HOH 47 ? 1_555 NI ? M NI . ? D NI 2  ? 1_555 O  ? Q HOH .  ? D HOH 48 ? 1_555 87.1  ? 
112 N7 ? D DG  10 ? D DG  40 ? 1_555 NI ? M NI . ? D NI 2  ? 1_555 O  ? Q HOH .  ? D HOH 49 ? 1_555 90.9  ? 
113 O  ? Q HOH .  ? D HOH 46 ? 1_555 NI ? M NI . ? D NI 2  ? 1_555 O  ? Q HOH .  ? D HOH 49 ? 1_555 92.5  ? 
114 O  ? Q HOH .  ? D HOH 47 ? 1_555 NI ? M NI . ? D NI 2  ? 1_555 O  ? Q HOH .  ? D HOH 49 ? 1_555 86.6  ? 
115 O  ? Q HOH .  ? D HOH 48 ? 1_555 NI ? M NI . ? D NI 2  ? 1_555 O  ? Q HOH .  ? D HOH 49 ? 1_555 171.5 ? 
116 N7 ? D DG  10 ? D DG  40 ? 1_555 NI ? M NI . ? D NI 2  ? 1_555 O  ? Q HOH .  ? D HOH 50 ? 1_555 168.4 ? 
117 O  ? Q HOH .  ? D HOH 46 ? 1_555 NI ? M NI . ? D NI 2  ? 1_555 O  ? Q HOH .  ? D HOH 50 ? 1_555 87.4  ? 
118 O  ? Q HOH .  ? D HOH 47 ? 1_555 NI ? M NI . ? D NI 2  ? 1_555 O  ? Q HOH .  ? D HOH 50 ? 1_555 85.0  ? 
119 O  ? Q HOH .  ? D HOH 48 ? 1_555 NI ? M NI . ? D NI 2  ? 1_555 O  ? Q HOH .  ? D HOH 50 ? 1_555 87.6  ? 
120 O  ? Q HOH .  ? D HOH 49 ? 1_555 NI ? M NI . ? D NI 2  ? 1_555 O  ? Q HOH .  ? D HOH 50 ? 1_555 86.2  ? 
121 N7 ? D DG  2  ? D DG  32 ? 1_555 NI ? L NI . ? D NI 9  ? 1_555 O  ? Q HOH .  ? D HOH 41 ? 1_555 82.4  ? 
122 N7 ? D DG  2  ? D DG  32 ? 1_555 NI ? L NI . ? D NI 9  ? 1_555 O  ? Q HOH .  ? D HOH 42 ? 1_555 90.7  ? 
123 O  ? Q HOH .  ? D HOH 41 ? 1_555 NI ? L NI . ? D NI 9  ? 1_555 O  ? Q HOH .  ? D HOH 42 ? 1_555 173.1 ? 
124 N7 ? D DG  2  ? D DG  32 ? 1_555 NI ? L NI . ? D NI 9  ? 1_555 O  ? Q HOH .  ? D HOH 43 ? 1_555 76.1  ? 
125 O  ? Q HOH .  ? D HOH 41 ? 1_555 NI ? L NI . ? D NI 9  ? 1_555 O  ? Q HOH .  ? D HOH 43 ? 1_555 93.1  ? 
126 O  ? Q HOH .  ? D HOH 42 ? 1_555 NI ? L NI . ? D NI 9  ? 1_555 O  ? Q HOH .  ? D HOH 43 ? 1_555 84.8  ? 
127 N7 ? D DG  2  ? D DG  32 ? 1_555 NI ? L NI . ? D NI 9  ? 1_555 O  ? Q HOH .  ? D HOH 44 ? 1_555 99.2  ? 
128 O  ? Q HOH .  ? D HOH 41 ? 1_555 NI ? L NI . ? D NI 9  ? 1_555 O  ? Q HOH .  ? D HOH 44 ? 1_555 91.8  ? 
129 O  ? Q HOH .  ? D HOH 42 ? 1_555 NI ? L NI . ? D NI 9  ? 1_555 O  ? Q HOH .  ? D HOH 44 ? 1_555 89.7  ? 
130 O  ? Q HOH .  ? D HOH 43 ? 1_555 NI ? L NI . ? D NI 9  ? 1_555 O  ? Q HOH .  ? D HOH 44 ? 1_555 172.7 ? 
131 N7 ? D DG  2  ? D DG  32 ? 1_555 NI ? L NI . ? D NI 9  ? 1_555 O  ? Q HOH .  ? D HOH 45 ? 1_555 169.2 ? 
132 O  ? Q HOH .  ? D HOH 41 ? 1_555 NI ? L NI . ? D NI 9  ? 1_555 O  ? Q HOH .  ? D HOH 45 ? 1_555 96.9  ? 
133 O  ? Q HOH .  ? D HOH 42 ? 1_555 NI ? L NI . ? D NI 9  ? 1_555 O  ? Q HOH .  ? D HOH 45 ? 1_555 89.8  ? 
134 O  ? Q HOH .  ? D HOH 43 ? 1_555 NI ? L NI . ? D NI 9  ? 1_555 O  ? Q HOH .  ? D HOH 45 ? 1_555 93.1  ? 
135 O  ? Q HOH .  ? D HOH 44 ? 1_555 NI ? L NI . ? D NI 9  ? 1_555 O  ? Q HOH .  ? D HOH 45 ? 1_555 91.7  ? 
# 
loop_
_struct_site.id 
_struct_site.pdbx_evidence_code 
_struct_site.pdbx_auth_asym_id 
_struct_site.pdbx_auth_comp_id 
_struct_site.pdbx_auth_seq_id 
_struct_site.pdbx_auth_ins_code 
_struct_site.pdbx_num_residues 
_struct_site.details 
AC1 Software A NI 11 ? 6 'BINDING SITE FOR RESIDUE NI A 11' 
AC2 Software B NI 7  ? 6 'BINDING SITE FOR RESIDUE NI B 7'  
AC3 Software A NI 12 ? 6 'BINDING SITE FOR RESIDUE NI A 12' 
AC4 Software D NI 9  ? 6 'BINDING SITE FOR RESIDUE NI D 9'  
AC5 Software B NI 5  ? 6 'BINDING SITE FOR RESIDUE NI B 5'  
AC6 Software C NI 1  ? 6 'BINDING SITE FOR RESIDUE NI C 1'  
AC7 Software D NI 2  ? 6 'BINDING SITE FOR RESIDUE NI D 2'  
AC8 Software A NI 13 ? 6 'BINDING SITE FOR RESIDUE NI A 13' 
AC9 Software A NI 14 ? 6 'BINDING SITE FOR RESIDUE NI A 14' 
# 
loop_
_struct_site_gen.id 
_struct_site_gen.site_id 
_struct_site_gen.pdbx_num_res 
_struct_site_gen.label_comp_id 
_struct_site_gen.label_asym_id 
_struct_site_gen.label_seq_id 
_struct_site_gen.pdbx_auth_ins_code 
_struct_site_gen.auth_comp_id 
_struct_site_gen.auth_asym_id 
_struct_site_gen.auth_seq_id 
_struct_site_gen.label_atom_id 
_struct_site_gen.label_alt_id 
_struct_site_gen.symmetry 
_struct_site_gen.details 
1  AC1 6 DG  A 10 ? DG  A 10 . ? 1_555 ? 
2  AC1 6 HOH N .  ? HOH A 15 . ? 1_555 ? 
3  AC1 6 HOH N .  ? HOH A 16 . ? 1_555 ? 
4  AC1 6 HOH N .  ? HOH A 17 . ? 1_555 ? 
5  AC1 6 HOH N .  ? HOH A 18 . ? 1_555 ? 
6  AC1 6 DG  C 10 ? DG  C 30 . ? 3_545 ? 
7  AC2 6 DG  B 2  ? DG  B 12 . ? 1_555 ? 
8  AC2 6 HOH O .  ? HOH B 21 . ? 1_555 ? 
9  AC2 6 HOH O .  ? HOH B 22 . ? 1_555 ? 
10 AC2 6 HOH O .  ? HOH B 23 . ? 1_555 ? 
11 AC2 6 HOH O .  ? HOH B 24 . ? 1_555 ? 
12 AC2 6 HOH O .  ? HOH B 25 . ? 1_555 ? 
13 AC3 6 DG  A 2  ? DG  A 2  . ? 1_555 ? 
14 AC3 6 HOH N .  ? HOH A 19 . ? 1_555 ? 
15 AC3 6 HOH N .  ? HOH A 20 . ? 1_555 ? 
16 AC3 6 HOH N .  ? HOH A 21 . ? 1_555 ? 
17 AC3 6 HOH N .  ? HOH A 22 . ? 1_555 ? 
18 AC3 6 HOH N .  ? HOH A 23 . ? 1_555 ? 
19 AC4 6 DG  D 2  ? DG  D 32 . ? 1_555 ? 
20 AC4 6 HOH Q .  ? HOH D 41 . ? 1_555 ? 
21 AC4 6 HOH Q .  ? HOH D 42 . ? 1_555 ? 
22 AC4 6 HOH Q .  ? HOH D 43 . ? 1_555 ? 
23 AC4 6 HOH Q .  ? HOH D 44 . ? 1_555 ? 
24 AC4 6 HOH Q .  ? HOH D 45 . ? 1_555 ? 
25 AC5 6 DG  B 10 ? DG  B 20 . ? 1_555 ? 
26 AC5 6 HOH O .  ? HOH B 26 . ? 1_555 ? 
27 AC5 6 HOH O .  ? HOH B 27 . ? 1_555 ? 
28 AC5 6 HOH O .  ? HOH B 28 . ? 1_555 ? 
29 AC5 6 HOH O .  ? HOH B 29 . ? 1_555 ? 
30 AC5 6 HOH O .  ? HOH B 30 . ? 1_555 ? 
31 AC6 6 DG  C 2  ? DG  C 22 . ? 1_555 ? 
32 AC6 6 HOH P .  ? HOH C 34 . ? 1_555 ? 
33 AC6 6 HOH P .  ? HOH C 35 . ? 1_555 ? 
34 AC6 6 HOH P .  ? HOH C 36 . ? 1_555 ? 
35 AC6 6 HOH P .  ? HOH C 37 . ? 1_555 ? 
36 AC6 6 HOH P .  ? HOH C 38 . ? 1_555 ? 
37 AC7 6 DG  D 10 ? DG  D 40 . ? 1_555 ? 
38 AC7 6 HOH Q .  ? HOH D 46 . ? 1_555 ? 
39 AC7 6 HOH Q .  ? HOH D 47 . ? 1_555 ? 
40 AC7 6 HOH Q .  ? HOH D 48 . ? 1_555 ? 
41 AC7 6 HOH Q .  ? HOH D 49 . ? 1_555 ? 
42 AC7 6 HOH Q .  ? HOH D 50 . ? 1_555 ? 
43 AC8 6 HOH N .  ? HOH A 24 . ? 1_555 ? 
44 AC8 6 HOH N .  ? HOH A 25 . ? 1_555 ? 
45 AC8 6 HOH N .  ? HOH A 26 . ? 1_555 ? 
46 AC8 6 HOH N .  ? HOH A 27 . ? 1_555 ? 
47 AC8 6 HOH N .  ? HOH A 28 . ? 1_555 ? 
48 AC8 6 HOH N .  ? HOH A 29 . ? 1_555 ? 
49 AC9 6 HOH N .  ? HOH A 30 . ? 1_555 ? 
50 AC9 6 HOH N .  ? HOH A 31 . ? 1_555 ? 
51 AC9 6 HOH N .  ? HOH A 32 . ? 1_555 ? 
52 AC9 6 HOH N .  ? HOH A 33 . ? 1_555 ? 
53 AC9 6 HOH N .  ? HOH A 34 . ? 1_555 ? 
54 AC9 6 HOH N .  ? HOH A 35 . ? 1_555 ? 
# 
loop_
_pdbx_validate_planes.id 
_pdbx_validate_planes.PDB_model_num 
_pdbx_validate_planes.auth_comp_id 
_pdbx_validate_planes.auth_asym_id 
_pdbx_validate_planes.auth_seq_id 
_pdbx_validate_planes.PDB_ins_code 
_pdbx_validate_planes.label_alt_id 
_pdbx_validate_planes.rmsd 
_pdbx_validate_planes.type 
1 1 DG A 10 ? ? 0.087 'SIDE CHAIN' 
2 1 DG C 30 ? ? 0.054 'SIDE CHAIN' 
# 
_pdbx_unobs_or_zero_occ_residues.id               1 
_pdbx_unobs_or_zero_occ_residues.PDB_model_num    1 
_pdbx_unobs_or_zero_occ_residues.polymer_flag     Y 
_pdbx_unobs_or_zero_occ_residues.occupancy_flag   1 
_pdbx_unobs_or_zero_occ_residues.auth_asym_id     B 
_pdbx_unobs_or_zero_occ_residues.auth_comp_id     DC 
_pdbx_unobs_or_zero_occ_residues.auth_seq_id      11 
_pdbx_unobs_or_zero_occ_residues.PDB_ins_code     ? 
_pdbx_unobs_or_zero_occ_residues.label_asym_id    B 
_pdbx_unobs_or_zero_occ_residues.label_comp_id    DC 
_pdbx_unobs_or_zero_occ_residues.label_seq_id     1 
# 
loop_
_chem_comp_atom.comp_id 
_chem_comp_atom.atom_id 
_chem_comp_atom.type_symbol 
_chem_comp_atom.pdbx_aromatic_flag 
_chem_comp_atom.pdbx_stereo_config 
_chem_comp_atom.pdbx_ordinal 
DA  OP3    O  N N 1   
DA  P      P  N N 2   
DA  OP1    O  N N 3   
DA  OP2    O  N N 4   
DA  "O5'"  O  N N 5   
DA  "C5'"  C  N N 6   
DA  "C4'"  C  N R 7   
DA  "O4'"  O  N N 8   
DA  "C3'"  C  N S 9   
DA  "O3'"  O  N N 10  
DA  "C2'"  C  N N 11  
DA  "C1'"  C  N R 12  
DA  N9     N  Y N 13  
DA  C8     C  Y N 14  
DA  N7     N  Y N 15  
DA  C5     C  Y N 16  
DA  C6     C  Y N 17  
DA  N6     N  N N 18  
DA  N1     N  Y N 19  
DA  C2     C  Y N 20  
DA  N3     N  Y N 21  
DA  C4     C  Y N 22  
DA  HOP3   H  N N 23  
DA  HOP2   H  N N 24  
DA  "H5'"  H  N N 25  
DA  "H5''" H  N N 26  
DA  "H4'"  H  N N 27  
DA  "H3'"  H  N N 28  
DA  "HO3'" H  N N 29  
DA  "H2'"  H  N N 30  
DA  "H2''" H  N N 31  
DA  "H1'"  H  N N 32  
DA  H8     H  N N 33  
DA  H61    H  N N 34  
DA  H62    H  N N 35  
DA  H2     H  N N 36  
DC  OP3    O  N N 37  
DC  P      P  N N 38  
DC  OP1    O  N N 39  
DC  OP2    O  N N 40  
DC  "O5'"  O  N N 41  
DC  "C5'"  C  N N 42  
DC  "C4'"  C  N R 43  
DC  "O4'"  O  N N 44  
DC  "C3'"  C  N S 45  
DC  "O3'"  O  N N 46  
DC  "C2'"  C  N N 47  
DC  "C1'"  C  N R 48  
DC  N1     N  N N 49  
DC  C2     C  N N 50  
DC  O2     O  N N 51  
DC  N3     N  N N 52  
DC  C4     C  N N 53  
DC  N4     N  N N 54  
DC  C5     C  N N 55  
DC  C6     C  N N 56  
DC  HOP3   H  N N 57  
DC  HOP2   H  N N 58  
DC  "H5'"  H  N N 59  
DC  "H5''" H  N N 60  
DC  "H4'"  H  N N 61  
DC  "H3'"  H  N N 62  
DC  "HO3'" H  N N 63  
DC  "H2'"  H  N N 64  
DC  "H2''" H  N N 65  
DC  "H1'"  H  N N 66  
DC  H41    H  N N 67  
DC  H42    H  N N 68  
DC  H5     H  N N 69  
DC  H6     H  N N 70  
DG  OP3    O  N N 71  
DG  P      P  N N 72  
DG  OP1    O  N N 73  
DG  OP2    O  N N 74  
DG  "O5'"  O  N N 75  
DG  "C5'"  C  N N 76  
DG  "C4'"  C  N R 77  
DG  "O4'"  O  N N 78  
DG  "C3'"  C  N S 79  
DG  "O3'"  O  N N 80  
DG  "C2'"  C  N N 81  
DG  "C1'"  C  N R 82  
DG  N9     N  Y N 83  
DG  C8     C  Y N 84  
DG  N7     N  Y N 85  
DG  C5     C  Y N 86  
DG  C6     C  N N 87  
DG  O6     O  N N 88  
DG  N1     N  N N 89  
DG  C2     C  N N 90  
DG  N2     N  N N 91  
DG  N3     N  N N 92  
DG  C4     C  Y N 93  
DG  HOP3   H  N N 94  
DG  HOP2   H  N N 95  
DG  "H5'"  H  N N 96  
DG  "H5''" H  N N 97  
DG  "H4'"  H  N N 98  
DG  "H3'"  H  N N 99  
DG  "HO3'" H  N N 100 
DG  "H2'"  H  N N 101 
DG  "H2''" H  N N 102 
DG  "H1'"  H  N N 103 
DG  H8     H  N N 104 
DG  H1     H  N N 105 
DG  H21    H  N N 106 
DG  H22    H  N N 107 
DT  OP3    O  N N 108 
DT  P      P  N N 109 
DT  OP1    O  N N 110 
DT  OP2    O  N N 111 
DT  "O5'"  O  N N 112 
DT  "C5'"  C  N N 113 
DT  "C4'"  C  N R 114 
DT  "O4'"  O  N N 115 
DT  "C3'"  C  N S 116 
DT  "O3'"  O  N N 117 
DT  "C2'"  C  N N 118 
DT  "C1'"  C  N R 119 
DT  N1     N  N N 120 
DT  C2     C  N N 121 
DT  O2     O  N N 122 
DT  N3     N  N N 123 
DT  C4     C  N N 124 
DT  O4     O  N N 125 
DT  C5     C  N N 126 
DT  C7     C  N N 127 
DT  C6     C  N N 128 
DT  HOP3   H  N N 129 
DT  HOP2   H  N N 130 
DT  "H5'"  H  N N 131 
DT  "H5''" H  N N 132 
DT  "H4'"  H  N N 133 
DT  "H3'"  H  N N 134 
DT  "HO3'" H  N N 135 
DT  "H2'"  H  N N 136 
DT  "H2''" H  N N 137 
DT  "H1'"  H  N N 138 
DT  H3     H  N N 139 
DT  H71    H  N N 140 
DT  H72    H  N N 141 
DT  H73    H  N N 142 
DT  H6     H  N N 143 
HOH O      O  N N 144 
HOH H1     H  N N 145 
HOH H2     H  N N 146 
NI  NI     NI N N 147 
# 
loop_
_chem_comp_bond.comp_id 
_chem_comp_bond.atom_id_1 
_chem_comp_bond.atom_id_2 
_chem_comp_bond.value_order 
_chem_comp_bond.pdbx_aromatic_flag 
_chem_comp_bond.pdbx_stereo_config 
_chem_comp_bond.pdbx_ordinal 
DA  OP3   P      sing N N 1   
DA  OP3   HOP3   sing N N 2   
DA  P     OP1    doub N N 3   
DA  P     OP2    sing N N 4   
DA  P     "O5'"  sing N N 5   
DA  OP2   HOP2   sing N N 6   
DA  "O5'" "C5'"  sing N N 7   
DA  "C5'" "C4'"  sing N N 8   
DA  "C5'" "H5'"  sing N N 9   
DA  "C5'" "H5''" sing N N 10  
DA  "C4'" "O4'"  sing N N 11  
DA  "C4'" "C3'"  sing N N 12  
DA  "C4'" "H4'"  sing N N 13  
DA  "O4'" "C1'"  sing N N 14  
DA  "C3'" "O3'"  sing N N 15  
DA  "C3'" "C2'"  sing N N 16  
DA  "C3'" "H3'"  sing N N 17  
DA  "O3'" "HO3'" sing N N 18  
DA  "C2'" "C1'"  sing N N 19  
DA  "C2'" "H2'"  sing N N 20  
DA  "C2'" "H2''" sing N N 21  
DA  "C1'" N9     sing N N 22  
DA  "C1'" "H1'"  sing N N 23  
DA  N9    C8     sing Y N 24  
DA  N9    C4     sing Y N 25  
DA  C8    N7     doub Y N 26  
DA  C8    H8     sing N N 27  
DA  N7    C5     sing Y N 28  
DA  C5    C6     sing Y N 29  
DA  C5    C4     doub Y N 30  
DA  C6    N6     sing N N 31  
DA  C6    N1     doub Y N 32  
DA  N6    H61    sing N N 33  
DA  N6    H62    sing N N 34  
DA  N1    C2     sing Y N 35  
DA  C2    N3     doub Y N 36  
DA  C2    H2     sing N N 37  
DA  N3    C4     sing Y N 38  
DC  OP3   P      sing N N 39  
DC  OP3   HOP3   sing N N 40  
DC  P     OP1    doub N N 41  
DC  P     OP2    sing N N 42  
DC  P     "O5'"  sing N N 43  
DC  OP2   HOP2   sing N N 44  
DC  "O5'" "C5'"  sing N N 45  
DC  "C5'" "C4'"  sing N N 46  
DC  "C5'" "H5'"  sing N N 47  
DC  "C5'" "H5''" sing N N 48  
DC  "C4'" "O4'"  sing N N 49  
DC  "C4'" "C3'"  sing N N 50  
DC  "C4'" "H4'"  sing N N 51  
DC  "O4'" "C1'"  sing N N 52  
DC  "C3'" "O3'"  sing N N 53  
DC  "C3'" "C2'"  sing N N 54  
DC  "C3'" "H3'"  sing N N 55  
DC  "O3'" "HO3'" sing N N 56  
DC  "C2'" "C1'"  sing N N 57  
DC  "C2'" "H2'"  sing N N 58  
DC  "C2'" "H2''" sing N N 59  
DC  "C1'" N1     sing N N 60  
DC  "C1'" "H1'"  sing N N 61  
DC  N1    C2     sing N N 62  
DC  N1    C6     sing N N 63  
DC  C2    O2     doub N N 64  
DC  C2    N3     sing N N 65  
DC  N3    C4     doub N N 66  
DC  C4    N4     sing N N 67  
DC  C4    C5     sing N N 68  
DC  N4    H41    sing N N 69  
DC  N4    H42    sing N N 70  
DC  C5    C6     doub N N 71  
DC  C5    H5     sing N N 72  
DC  C6    H6     sing N N 73  
DG  OP3   P      sing N N 74  
DG  OP3   HOP3   sing N N 75  
DG  P     OP1    doub N N 76  
DG  P     OP2    sing N N 77  
DG  P     "O5'"  sing N N 78  
DG  OP2   HOP2   sing N N 79  
DG  "O5'" "C5'"  sing N N 80  
DG  "C5'" "C4'"  sing N N 81  
DG  "C5'" "H5'"  sing N N 82  
DG  "C5'" "H5''" sing N N 83  
DG  "C4'" "O4'"  sing N N 84  
DG  "C4'" "C3'"  sing N N 85  
DG  "C4'" "H4'"  sing N N 86  
DG  "O4'" "C1'"  sing N N 87  
DG  "C3'" "O3'"  sing N N 88  
DG  "C3'" "C2'"  sing N N 89  
DG  "C3'" "H3'"  sing N N 90  
DG  "O3'" "HO3'" sing N N 91  
DG  "C2'" "C1'"  sing N N 92  
DG  "C2'" "H2'"  sing N N 93  
DG  "C2'" "H2''" sing N N 94  
DG  "C1'" N9     sing N N 95  
DG  "C1'" "H1'"  sing N N 96  
DG  N9    C8     sing Y N 97  
DG  N9    C4     sing Y N 98  
DG  C8    N7     doub Y N 99  
DG  C8    H8     sing N N 100 
DG  N7    C5     sing Y N 101 
DG  C5    C6     sing N N 102 
DG  C5    C4     doub Y N 103 
DG  C6    O6     doub N N 104 
DG  C6    N1     sing N N 105 
DG  N1    C2     sing N N 106 
DG  N1    H1     sing N N 107 
DG  C2    N2     sing N N 108 
DG  C2    N3     doub N N 109 
DG  N2    H21    sing N N 110 
DG  N2    H22    sing N N 111 
DG  N3    C4     sing N N 112 
DT  OP3   P      sing N N 113 
DT  OP3   HOP3   sing N N 114 
DT  P     OP1    doub N N 115 
DT  P     OP2    sing N N 116 
DT  P     "O5'"  sing N N 117 
DT  OP2   HOP2   sing N N 118 
DT  "O5'" "C5'"  sing N N 119 
DT  "C5'" "C4'"  sing N N 120 
DT  "C5'" "H5'"  sing N N 121 
DT  "C5'" "H5''" sing N N 122 
DT  "C4'" "O4'"  sing N N 123 
DT  "C4'" "C3'"  sing N N 124 
DT  "C4'" "H4'"  sing N N 125 
DT  "O4'" "C1'"  sing N N 126 
DT  "C3'" "O3'"  sing N N 127 
DT  "C3'" "C2'"  sing N N 128 
DT  "C3'" "H3'"  sing N N 129 
DT  "O3'" "HO3'" sing N N 130 
DT  "C2'" "C1'"  sing N N 131 
DT  "C2'" "H2'"  sing N N 132 
DT  "C2'" "H2''" sing N N 133 
DT  "C1'" N1     sing N N 134 
DT  "C1'" "H1'"  sing N N 135 
DT  N1    C2     sing N N 136 
DT  N1    C6     sing N N 137 
DT  C2    O2     doub N N 138 
DT  C2    N3     sing N N 139 
DT  N3    C4     sing N N 140 
DT  N3    H3     sing N N 141 
DT  C4    O4     doub N N 142 
DT  C4    C5     sing N N 143 
DT  C5    C7     sing N N 144 
DT  C5    C6     doub N N 145 
DT  C7    H71    sing N N 146 
DT  C7    H72    sing N N 147 
DT  C7    H73    sing N N 148 
DT  C6    H6     sing N N 149 
HOH O     H1     sing N N 150 
HOH O     H2     sing N N 151 
# 
loop_
_ndb_struct_conf_na.entry_id 
_ndb_struct_conf_na.feature 
446D 'double helix'        
446D 'b-form double helix' 
# 
loop_
_ndb_struct_na_base_pair.model_number 
_ndb_struct_na_base_pair.i_label_asym_id 
_ndb_struct_na_base_pair.i_label_comp_id 
_ndb_struct_na_base_pair.i_label_seq_id 
_ndb_struct_na_base_pair.i_symmetry 
_ndb_struct_na_base_pair.j_label_asym_id 
_ndb_struct_na_base_pair.j_label_comp_id 
_ndb_struct_na_base_pair.j_label_seq_id 
_ndb_struct_na_base_pair.j_symmetry 
_ndb_struct_na_base_pair.shear 
_ndb_struct_na_base_pair.stretch 
_ndb_struct_na_base_pair.stagger 
_ndb_struct_na_base_pair.buckle 
_ndb_struct_na_base_pair.propeller 
_ndb_struct_na_base_pair.opening 
_ndb_struct_na_base_pair.pair_number 
_ndb_struct_na_base_pair.pair_name 
_ndb_struct_na_base_pair.i_auth_asym_id 
_ndb_struct_na_base_pair.i_auth_seq_id 
_ndb_struct_na_base_pair.i_PDB_ins_code 
_ndb_struct_na_base_pair.j_auth_asym_id 
_ndb_struct_na_base_pair.j_auth_seq_id 
_ndb_struct_na_base_pair.j_PDB_ins_code 
_ndb_struct_na_base_pair.hbond_type_28 
_ndb_struct_na_base_pair.hbond_type_12 
1 B DG 2 1_555 A DC 9 1_555 -0.231 -0.123 -0.064 -4.613  3.548   0.249  1  B_DG12:DC9_A  B 12 ? A 9  ? 19 1 
1 B DT 3 1_555 A DA 8 1_555 0.038  -0.116 -0.383 13.269  -0.218  -1.910 2  B_DT13:DA8_A  B 13 ? A 8  ? 20 1 
1 B DA 4 1_555 A DT 7 1_555 0.001  -0.089 0.250  15.663  -10.683 1.054  3  B_DA14:DT7_A  B 14 ? A 7  ? 20 1 
1 B DT 5 1_555 A DA 6 1_555 -0.105 -0.123 0.163  1.052   -4.210  0.205  4  B_DT15:DA6_A  B 15 ? A 6  ? 20 1 
1 B DA 6 1_555 A DT 5 1_555 0.066  -0.201 0.164  -10.491 -0.876  -1.723 5  B_DA16:DT5_A  B 16 ? A 5  ? 20 1 
1 B DT 7 1_555 A DA 4 1_555 -0.016 -0.214 0.091  -0.178  -3.554  -0.022 6  B_DT17:DA4_A  B 17 ? A 4  ? 20 1 
1 B DA 8 1_555 A DT 3 1_555 -0.048 -0.227 0.362  -7.075  3.005   -1.580 7  B_DA18:DT3_A  B 18 ? A 3  ? 20 1 
1 B DC 9 1_555 A DG 2 1_555 0.291  -0.147 -0.406 10.479  -0.439  -0.300 8  B_DC19:DG2_A  B 19 ? A 2  ? 19 1 
1 D DG 2 1_555 C DC 9 1_555 -0.310 -0.109 -0.209 -7.348  12.968  1.648  9  D_DG32:DC29_C D 32 ? C 29 ? 19 1 
1 D DT 3 1_555 C DA 8 1_555 0.019  -0.213 -0.733 14.178  -7.975  -4.395 10 D_DT33:DA28_C D 33 ? C 28 ? 20 1 
1 D DA 4 1_555 C DT 7 1_555 -0.027 -0.164 -0.099 0.349   -11.449 1.831  11 D_DA34:DT27_C D 34 ? C 27 ? 20 1 
1 D DT 5 1_555 C DA 6 1_555 -0.264 -0.091 -0.346 2.181   -11.294 -1.789 12 D_DT35:DA26_C D 35 ? C 26 ? 20 1 
1 D DA 6 1_555 C DT 5 1_555 0.123  -0.095 -0.051 -13.094 -11.129 -0.840 13 D_DA36:DT25_C D 36 ? C 25 ? 20 1 
1 D DT 7 1_555 C DA 4 1_555 -0.015 -0.085 -0.057 0.936   -8.654  -2.618 14 D_DT37:DA24_C D 37 ? C 24 ? 20 1 
1 D DA 8 1_555 C DT 3 1_555 0.159  -0.157 0.334  -7.721  -1.569  -2.279 15 D_DA38:DT23_C D 38 ? C 23 ? 20 1 
1 D DC 9 1_555 C DG 2 1_555 0.280  -0.102 -0.136 13.425  6.746   -1.310 16 D_DC39:DG22_C D 39 ? C 22 ? 19 1 
# 
loop_
_ndb_struct_na_base_pair_step.model_number 
_ndb_struct_na_base_pair_step.i_label_asym_id_1 
_ndb_struct_na_base_pair_step.i_label_comp_id_1 
_ndb_struct_na_base_pair_step.i_label_seq_id_1 
_ndb_struct_na_base_pair_step.i_symmetry_1 
_ndb_struct_na_base_pair_step.j_label_asym_id_1 
_ndb_struct_na_base_pair_step.j_label_comp_id_1 
_ndb_struct_na_base_pair_step.j_label_seq_id_1 
_ndb_struct_na_base_pair_step.j_symmetry_1 
_ndb_struct_na_base_pair_step.i_label_asym_id_2 
_ndb_struct_na_base_pair_step.i_label_comp_id_2 
_ndb_struct_na_base_pair_step.i_label_seq_id_2 
_ndb_struct_na_base_pair_step.i_symmetry_2 
_ndb_struct_na_base_pair_step.j_label_asym_id_2 
_ndb_struct_na_base_pair_step.j_label_comp_id_2 
_ndb_struct_na_base_pair_step.j_label_seq_id_2 
_ndb_struct_na_base_pair_step.j_symmetry_2 
_ndb_struct_na_base_pair_step.shift 
_ndb_struct_na_base_pair_step.slide 
_ndb_struct_na_base_pair_step.rise 
_ndb_struct_na_base_pair_step.tilt 
_ndb_struct_na_base_pair_step.roll 
_ndb_struct_na_base_pair_step.twist 
_ndb_struct_na_base_pair_step.x_displacement 
_ndb_struct_na_base_pair_step.y_displacement 
_ndb_struct_na_base_pair_step.helical_rise 
_ndb_struct_na_base_pair_step.inclination 
_ndb_struct_na_base_pair_step.tip 
_ndb_struct_na_base_pair_step.helical_twist 
_ndb_struct_na_base_pair_step.step_number 
_ndb_struct_na_base_pair_step.step_name 
_ndb_struct_na_base_pair_step.i_auth_asym_id_1 
_ndb_struct_na_base_pair_step.i_auth_seq_id_1 
_ndb_struct_na_base_pair_step.i_PDB_ins_code_1 
_ndb_struct_na_base_pair_step.j_auth_asym_id_1 
_ndb_struct_na_base_pair_step.j_auth_seq_id_1 
_ndb_struct_na_base_pair_step.j_PDB_ins_code_1 
_ndb_struct_na_base_pair_step.i_auth_asym_id_2 
_ndb_struct_na_base_pair_step.i_auth_seq_id_2 
_ndb_struct_na_base_pair_step.i_PDB_ins_code_2 
_ndb_struct_na_base_pair_step.j_auth_asym_id_2 
_ndb_struct_na_base_pair_step.j_auth_seq_id_2 
_ndb_struct_na_base_pair_step.j_PDB_ins_code_2 
1 B DG 2 1_555 A DC 9 1_555 B DT 3 1_555 A DA 8 1_555 -0.113 -0.168 2.930 1.069  3.193  27.054  -1.068 0.479  2.885 6.792  -2.274  
27.259  1  BB_DG12DT13:DA8DC9_AA   B 12 ? A 9  ? B 13 ? A 8  ? 
1 B DT 3 1_555 A DA 8 1_555 B DA 4 1_555 A DT 7 1_555 0.107  -0.162 3.104 -2.501 5.277  38.379  -0.853 -0.449 3.043 7.971  3.778   
38.804  2  BB_DT13DA14:DT7DA8_AA   B 13 ? A 8  ? B 14 ? A 7  ? 
1 B DA 4 1_555 A DT 7 1_555 B DT 5 1_555 A DA 6 1_555 0.032  -0.697 3.747 0.238  -0.957 30.561  -1.103 -0.007 3.766 -1.814 -0.451  
30.576  3  BB_DA14DT15:DA6DT7_AA   B 14 ? A 7  ? B 15 ? A 6  ? 
1 B DT 5 1_555 A DA 6 1_555 B DA 6 1_555 A DT 5 1_555 0.016  -0.557 3.565 -1.468 -0.515 42.674  -0.708 -0.183 3.569 -0.707 2.016   
42.701  4  BB_DT15DA16:DT5DA6_AA   B 15 ? A 6  ? B 16 ? A 5  ? 
1 B DA 6 1_555 A DT 5 1_555 B DT 7 1_555 A DA 4 1_555 -0.280 -0.534 2.969 0.372  -4.884 30.142  -0.122 0.600  3.013 -9.313 -0.709  
30.528  5  BB_DA16DT17:DA4DT5_AA   B 16 ? A 5  ? B 17 ? A 4  ? 
1 B DT 7 1_555 A DA 4 1_555 B DA 8 1_555 A DT 3 1_555 0.181  0.481  3.470 -2.292 0.445  43.379  0.604  -0.480 3.461 0.602  3.098   
43.439  6  BB_DT17DA18:DT3DA4_AA   B 17 ? A 4  ? B 18 ? A 3  ? 
1 B DA 8 1_555 A DT 3 1_555 B DC 9 1_555 A DG 2 1_555 0.163  -0.045 2.985 8.759  -0.204 27.738  -0.048 1.448  2.900 -0.412 -17.719 
29.063  7  BB_DA18DC19:DG2DT3_AA   B 18 ? A 3  ? B 19 ? A 2  ? 
1 B DC 9 1_555 A DG 2 1_555 D DG 2 1_555 C DC 9 1_555 -0.135 2.393  3.640 -4.672 6.419  -60.819 -2.674 -0.371 3.379 -6.312 -4.594  
-61.286 8  BD_DC19DG32:DC29DG2_CA  B 19 ? A 2  ? D 32 ? C 29 ? 
1 D DG 2 1_555 C DC 9 1_555 D DT 3 1_555 C DA 8 1_555 -0.671 0.023  2.830 6.475  2.730  29.565  -0.418 2.380  2.619 5.257  -12.468 
30.370  9  DD_DG32DT33:DA28DC29_CC D 32 ? C 29 ? D 33 ? C 28 ? 
1 D DT 3 1_555 C DA 8 1_555 D DA 4 1_555 C DT 7 1_555 -0.331 0.017  3.658 -6.954 5.808  37.649  -0.780 -0.464 3.624 8.844  10.589  
38.685  10 DD_DT33DA34:DT27DA28_CC D 33 ? C 28 ? D 34 ? C 27 ? 
1 D DA 4 1_555 C DT 7 1_555 D DT 5 1_555 C DA 6 1_555 0.112  -0.824 3.210 2.437  2.894  30.699  -2.090 0.249  3.121 5.440  -4.582  
30.925  11 DD_DA34DT35:DA26DT27_CC D 34 ? C 27 ? D 35 ? C 26 ? 
1 D DT 5 1_555 C DA 6 1_555 D DA 6 1_555 C DT 5 1_555 0.123  -0.100 3.773 -4.584 -2.458 42.933  0.141  -0.684 3.741 -3.343 6.236   
43.232  12 DD_DT35DA36:DT25DA26_CC D 35 ? C 26 ? D 36 ? C 25 ? 
1 D DA 6 1_555 C DT 5 1_555 D DT 7 1_555 C DA 4 1_555 -0.239 -0.559 2.851 -0.627 -3.124 31.453  -0.516 0.336  2.895 -5.745 1.152   
31.610  13 DD_DA36DT37:DA24DT25_CC D 36 ? C 25 ? D 37 ? C 24 ? 
1 D DT 7 1_555 C DA 4 1_555 D DA 8 1_555 C DT 3 1_555 -0.005 -0.067 3.407 -2.413 3.451  39.878  -0.508 -0.279 3.384 5.043  3.525   
40.091  14 DD_DT37DA38:DT23DA24_CC D 37 ? C 24 ? D 38 ? C 23 ? 
1 D DA 8 1_555 C DT 3 1_555 D DC 9 1_555 C DG 2 1_555 0.150  -0.371 2.925 2.856  2.168  27.415  -1.246 0.304  2.887 4.549  -5.994  
27.644  15 DD_DA38DC39:DG22DT23_CC D 38 ? C 23 ? D 39 ? C 22 ? 
# 
_atom_sites.entry_id                    446D 
_atom_sites.fract_transf_matrix[1][1]   0.00608648 
_atom_sites.fract_transf_matrix[1][2]   -0.01747785 
_atom_sites.fract_transf_matrix[1][3]   -0.00456500 
_atom_sites.fract_transf_matrix[2][1]   0.01206840 
_atom_sites.fract_transf_matrix[2][2]   0.00034992 
_atom_sites.fract_transf_matrix[2][3]   0.01475097 
_atom_sites.fract_transf_matrix[3][1]   -0.00694770 
_atom_sites.fract_transf_matrix[3][2]   -0.00392845 
_atom_sites.fract_transf_matrix[3][3]   0.00577740 
_atom_sites.fract_transf_vector[1]      0.780460 
_atom_sites.fract_transf_vector[2]      0.249027 
_atom_sites.fract_transf_vector[3]      0.180864 
# 
loop_
_atom_type.symbol 
C  
N  
NI 
O  
P  
# 
loop_
_atom_site.group_PDB 
_atom_site.id 
_atom_site.type_symbol 
_atom_site.label_atom_id 
_atom_site.label_alt_id 
_atom_site.label_comp_id 
_atom_site.label_asym_id 
_atom_site.label_entity_id 
_atom_site.label_seq_id 
_atom_site.pdbx_PDB_ins_code 
_atom_site.Cartn_x 
_atom_site.Cartn_y 
_atom_site.Cartn_z 
_atom_site.occupancy 
_atom_site.B_iso_or_equiv 
_atom_site.pdbx_formal_charge 
_atom_site.auth_seq_id 
_atom_site.auth_comp_id 
_atom_site.auth_asym_id 
_atom_site.auth_atom_id 
_atom_site.pdbx_PDB_model_num 
ATOM   1   O  "O3'" . DC  A 1 1  ? 7.550   -0.403  7.411   1.00 13.78 ? 1  DC  A "O3'" 1 
ATOM   2   P  P     . DG  A 1 2  ? 6.183   -0.632  6.585   1.00 28.66 ? 2  DG  A P     1 
ATOM   3   O  OP1   . DG  A 1 2  ? 5.132   0.046   7.411   1.00 28.66 ? 2  DG  A OP1   1 
ATOM   4   O  OP2   . DG  A 1 2  ? 6.042   -2.084  6.210   1.00 28.66 ? 2  DG  A OP2   1 
ATOM   5   O  "O5'" . DG  A 1 2  ? 6.426   0.177   5.245   1.00 28.66 ? 2  DG  A "O5'" 1 
ATOM   6   C  "C5'" . DG  A 1 2  ? 7.546   -0.147  4.426   1.00 14.79 ? 2  DG  A "C5'" 1 
ATOM   7   C  "C4'" . DG  A 1 2  ? 7.924   1.046   3.592   1.00 14.79 ? 2  DG  A "C4'" 1 
ATOM   8   O  "O4'" . DG  A 1 2  ? 6.909   1.287   2.601   1.00 14.79 ? 2  DG  A "O4'" 1 
ATOM   9   C  "C3'" . DG  A 1 2  ? 8.028   2.341   4.372   1.00 14.79 ? 2  DG  A "C3'" 1 
ATOM   10  O  "O3'" . DG  A 1 2  ? 8.972   3.139   3.669   1.00 14.79 ? 2  DG  A "O3'" 1 
ATOM   11  C  "C2'" . DG  A 1 2  ? 6.612   2.887   4.294   1.00 14.79 ? 2  DG  A "C2'" 1 
ATOM   12  C  "C1'" . DG  A 1 2  ? 6.174   2.452   2.911   1.00 14.79 ? 2  DG  A "C1'" 1 
ATOM   13  N  N9    . DG  A 1 2  ? 4.775   2.091   2.763   1.00 2.00  ? 2  DG  A N9    1 
ATOM   14  C  C8    . DG  A 1 2  ? 3.960   1.477   3.680   1.00 2.00  ? 2  DG  A C8    1 
ATOM   15  N  N7    . DG  A 1 2  ? 2.780   1.176   3.189   1.00 2.00  ? 2  DG  A N7    1 
ATOM   16  C  C5    . DG  A 1 2  ? 2.820   1.643   1.886   1.00 2.00  ? 2  DG  A C5    1 
ATOM   17  C  C6    . DG  A 1 2  ? 1.862   1.583   0.880   1.00 2.00  ? 2  DG  A C6    1 
ATOM   18  O  O6    . DG  A 1 2  ? 0.758   1.074   0.918   1.00 2.00  ? 2  DG  A O6    1 
ATOM   19  N  N1    . DG  A 1 2  ? 2.302   2.195   -0.284  1.00 2.00  ? 2  DG  A N1    1 
ATOM   20  C  C2    . DG  A 1 2  ? 3.540   2.789   -0.449  1.00 2.00  ? 2  DG  A C2    1 
ATOM   21  N  N2    . DG  A 1 2  ? 3.795   3.369   -1.627  1.00 2.00  ? 2  DG  A N2    1 
ATOM   22  N  N3    . DG  A 1 2  ? 4.454   2.823   0.481   1.00 2.00  ? 2  DG  A N3    1 
ATOM   23  C  C4    . DG  A 1 2  ? 4.033   2.238   1.619   1.00 2.00  ? 2  DG  A C4    1 
ATOM   24  P  P     . DT  A 1 3  ? 9.363   4.578   4.215   1.00 28.79 ? 3  DT  A P     1 
ATOM   25  O  OP1   . DT  A 1 3  ? 10.794  4.746   3.877   1.00 28.79 ? 3  DT  A OP1   1 
ATOM   26  O  OP2   . DT  A 1 3  ? 8.881   4.787   5.607   1.00 28.79 ? 3  DT  A OP2   1 
ATOM   27  O  "O5'" . DT  A 1 3  ? 8.555   5.538   3.259   1.00 28.79 ? 3  DT  A "O5'" 1 
ATOM   28  C  "C5'" . DT  A 1 3  ? 8.846   5.556   1.874   1.00 2.00  ? 3  DT  A "C5'" 1 
ATOM   29  C  "C4'" . DT  A 1 3  ? 7.809   6.371   1.153   1.00 2.00  ? 3  DT  A "C4'" 1 
ATOM   30  O  "O4'" . DT  A 1 3  ? 6.523   5.720   1.262   1.00 2.00  ? 3  DT  A "O4'" 1 
ATOM   31  C  "C3'" . DT  A 1 3  ? 7.605   7.781   1.707   1.00 2.00  ? 3  DT  A "C3'" 1 
ATOM   32  O  "O3'" . DT  A 1 3  ? 7.464   8.652   0.596   1.00 2.00  ? 3  DT  A "O3'" 1 
ATOM   33  C  "C2'" . DT  A 1 3  ? 6.260   7.684   2.415   1.00 2.00  ? 3  DT  A "C2'" 1 
ATOM   34  C  "C1'" . DT  A 1 3  ? 5.566   6.722   1.499   1.00 2.00  ? 3  DT  A "C1'" 1 
ATOM   35  N  N1    . DT  A 1 3  ? 4.342   6.078   1.966   1.00 2.00  ? 3  DT  A N1    1 
ATOM   36  C  C2    . DT  A 1 3  ? 3.311   6.005   1.074   1.00 2.00  ? 3  DT  A C2    1 
ATOM   37  O  O2    . DT  A 1 3  ? 3.361   6.498   -0.028  1.00 2.00  ? 3  DT  A O2    1 
ATOM   38  N  N3    . DT  A 1 3  ? 2.208   5.348   1.523   1.00 2.00  ? 3  DT  A N3    1 
ATOM   39  C  C4    . DT  A 1 3  ? 2.017   4.798   2.769   1.00 2.00  ? 3  DT  A C4    1 
ATOM   40  O  O4    . DT  A 1 3  ? 0.952   4.249   3.033   1.00 2.00  ? 3  DT  A O4    1 
ATOM   41  C  C5    . DT  A 1 3  ? 3.137   4.932   3.672   1.00 2.00  ? 3  DT  A C5    1 
ATOM   42  C  C7    . DT  A 1 3  ? 3.029   4.377   5.050   1.00 2.00  ? 3  DT  A C7    1 
ATOM   43  C  C6    . DT  A 1 3  ? 4.233   5.555   3.228   1.00 2.00  ? 3  DT  A C6    1 
ATOM   44  P  P     . DA  A 1 4  ? 8.311   10.003  0.515   1.00 12.60 ? 4  DA  A P     1 
ATOM   45  O  OP1   . DA  A 1 4  ? 9.610   9.724   -0.156  1.00 12.60 ? 4  DA  A OP1   1 
ATOM   46  O  OP2   . DA  A 1 4  ? 8.309   10.667  1.846   1.00 12.60 ? 4  DA  A OP2   1 
ATOM   47  O  "O5'" . DA  A 1 4  ? 7.391   10.813  -0.490  1.00 12.60 ? 4  DA  A "O5'" 1 
ATOM   48  C  "C5'" . DA  A 1 4  ? 7.306   10.368  -1.842  1.00 2.00  ? 4  DA  A "C5'" 1 
ATOM   49  C  "C4'" . DA  A 1 4  ? 5.962   10.693  -2.444  1.00 2.00  ? 4  DA  A "C4'" 1 
ATOM   50  O  "O4'" . DA  A 1 4  ? 4.938   9.910   -1.811  1.00 2.00  ? 4  DA  A "O4'" 1 
ATOM   51  C  "C3'" . DA  A 1 4  ? 5.497   12.140  -2.392  1.00 2.00  ? 4  DA  A "C3'" 1 
ATOM   52  O  "O3'" . DA  A 1 4  ? 5.121   12.518  -3.719  1.00 2.00  ? 4  DA  A "O3'" 1 
ATOM   53  C  "C2'" . DA  A 1 4  ? 4.336   12.123  -1.406  1.00 2.00  ? 4  DA  A "C2'" 1 
ATOM   54  C  "C1'" . DA  A 1 4  ? 3.819   10.701  -1.476  1.00 2.00  ? 4  DA  A "C1'" 1 
ATOM   55  N  N9    . DA  A 1 4  ? 3.275   10.135  -0.241  1.00 10.01 ? 4  DA  A N9    1 
ATOM   56  C  C8    . DA  A 1 4  ? 3.933   9.988   0.953   1.00 10.01 ? 4  DA  A C8    1 
ATOM   57  N  N7    . DA  A 1 4  ? 3.231   9.375   1.876   1.00 10.01 ? 4  DA  A N7    1 
ATOM   58  C  C5    . DA  A 1 4  ? 2.032   9.120   1.256   1.00 10.01 ? 4  DA  A C5    1 
ATOM   59  C  C6    . DA  A 1 4  ? 0.891   8.501   1.706   1.00 10.01 ? 4  DA  A C6    1 
ATOM   60  N  N6    . DA  A 1 4  ? 0.775   8.005   2.939   1.00 10.01 ? 4  DA  A N6    1 
ATOM   61  N  N1    . DA  A 1 4  ? -0.149  8.395   0.847   1.00 10.01 ? 4  DA  A N1    1 
ATOM   62  C  C2    . DA  A 1 4  ? -0.017  8.892   -0.386  1.00 10.01 ? 4  DA  A C2    1 
ATOM   63  N  N3    . DA  A 1 4  ? 1.028   9.507   -0.931  1.00 10.01 ? 4  DA  A N3    1 
ATOM   64  C  C4    . DA  A 1 4  ? 2.032   9.590   -0.044  1.00 10.01 ? 4  DA  A C4    1 
ATOM   65  P  P     . DT  A 1 5  ? 4.761   14.046  -4.040  1.00 17.44 ? 5  DT  A P     1 
ATOM   66  O  OP1   . DT  A 1 5  ? 4.960   14.240  -5.485  1.00 17.44 ? 5  DT  A OP1   1 
ATOM   67  O  OP2   . DT  A 1 5  ? 5.402   14.976  -3.077  1.00 17.44 ? 5  DT  A OP2   1 
ATOM   68  O  "O5'" . DT  A 1 5  ? 3.202   14.024  -3.801  1.00 17.44 ? 5  DT  A "O5'" 1 
ATOM   69  C  "C5'" . DT  A 1 5  ? 2.454   13.034  -4.482  1.00 2.00  ? 5  DT  A "C5'" 1 
ATOM   70  C  "C4'" . DT  A 1 5  ? 1.033   12.999  -3.993  1.00 2.00  ? 5  DT  A "C4'" 1 
ATOM   71  O  "O4'" . DT  A 1 5  ? 0.968   12.359  -2.699  1.00 2.00  ? 5  DT  A "O4'" 1 
ATOM   72  C  "C3'" . DT  A 1 5  ? 0.358   14.365  -3.854  1.00 2.00  ? 5  DT  A "C3'" 1 
ATOM   73  O  "O3'" . DT  A 1 5  ? -0.926  14.299  -4.478  1.00 2.00  ? 5  DT  A "O3'" 1 
ATOM   74  C  "C2'" . DT  A 1 5  ? 0.227   14.533  -2.353  1.00 2.00  ? 5  DT  A "C2'" 1 
ATOM   75  C  "C1'" . DT  A 1 5  ? 0.027   13.086  -1.942  1.00 2.00  ? 5  DT  A "C1'" 1 
ATOM   76  N  N1    . DT  A 1 5  ? 0.218   12.746  -0.539  1.00 2.00  ? 5  DT  A N1    1 
ATOM   77  C  C2    . DT  A 1 5  ? -0.774  12.032  0.074   1.00 2.00  ? 5  DT  A C2    1 
ATOM   78  O  O2    . DT  A 1 5  ? -1.817  11.735  -0.475  1.00 2.00  ? 5  DT  A O2    1 
ATOM   79  N  N3    . DT  A 1 5  ? -0.508  11.677  1.358   1.00 2.00  ? 5  DT  A N3    1 
ATOM   80  C  C4    . DT  A 1 5  ? 0.612   11.978  2.076   1.00 2.00  ? 5  DT  A C4    1 
ATOM   81  O  O4    . DT  A 1 5  ? 0.725   11.559  3.204   1.00 2.00  ? 5  DT  A O4    1 
ATOM   82  C  C5    . DT  A 1 5  ? 1.588   12.777  1.391   1.00 2.00  ? 5  DT  A C5    1 
ATOM   83  C  C7    . DT  A 1 5  ? 2.811   13.208  2.125   1.00 2.00  ? 5  DT  A C7    1 
ATOM   84  C  C6    . DT  A 1 5  ? 1.354   13.108  0.127   1.00 2.00  ? 5  DT  A C6    1 
ATOM   85  P  P     . DA  A 1 6  ? -1.857  15.598  -4.534  1.00 16.76 ? 6  DA  A P     1 
ATOM   86  O  OP1   . DA  A 1 6  ? -2.225  15.815  -5.955  1.00 16.76 ? 6  DA  A OP1   1 
ATOM   87  O  OP2   . DA  A 1 6  ? -1.178  16.672  -3.777  1.00 16.76 ? 6  DA  A OP2   1 
ATOM   88  O  "O5'" . DA  A 1 6  ? -3.176  15.131  -3.771  1.00 16.76 ? 6  DA  A "O5'" 1 
ATOM   89  C  "C5'" . DA  A 1 6  ? -3.920  14.013  -4.278  1.00 13.45 ? 6  DA  A "C5'" 1 
ATOM   90  C  "C4'" . DA  A 1 6  ? -5.138  13.733  -3.428  1.00 13.45 ? 6  DA  A "C4'" 1 
ATOM   91  O  "O4'" . DA  A 1 6  ? -4.786  13.251  -2.117  1.00 13.45 ? 6  DA  A "O4'" 1 
ATOM   92  C  "C3'" . DA  A 1 6  ? -6.084  14.896  -3.195  1.00 13.45 ? 6  DA  A "C3'" 1 
ATOM   93  O  "O3'" . DA  A 1 6  ? -7.398  14.361  -3.208  1.00 13.45 ? 6  DA  A "O3'" 1 
ATOM   94  C  "C2'" . DA  A 1 6  ? -5.707  15.371  -1.806  1.00 13.45 ? 6  DA  A "C2'" 1 
ATOM   95  C  "C1'" . DA  A 1 6  ? -5.319  14.090  -1.112  1.00 13.45 ? 6  DA  A "C1'" 1 
ATOM   96  N  N9    . DA  A 1 6  ? -4.280  14.272  -0.107  1.00 2.00  ? 6  DA  A N9    1 
ATOM   97  C  C8    . DA  A 1 6  ? -3.070  14.911  -0.253  1.00 2.00  ? 6  DA  A C8    1 
ATOM   98  N  N7    . DA  A 1 6  ? -2.340  14.913  0.842   1.00 2.00  ? 6  DA  A N7    1 
ATOM   99  C  C5    . DA  A 1 6  ? -3.126  14.237  1.763   1.00 2.00  ? 6  DA  A C5    1 
ATOM   100 C  C6    . DA  A 1 6  ? -2.931  13.927  3.115   1.00 2.00  ? 6  DA  A C6    1 
ATOM   101 N  N6    . DA  A 1 6  ? -1.841  14.263  3.803   1.00 2.00  ? 6  DA  A N6    1 
ATOM   102 N  N1    . DA  A 1 6  ? -3.911  13.254  3.748   1.00 2.00  ? 6  DA  A N1    1 
ATOM   103 C  C2    . DA  A 1 6  ? -5.011  12.921  3.051   1.00 2.00  ? 6  DA  A C2    1 
ATOM   104 N  N3    . DA  A 1 6  ? -5.307  13.157  1.780   1.00 2.00  ? 6  DA  A N3    1 
ATOM   105 C  C4    . DA  A 1 6  ? -4.317  13.830  1.188   1.00 2.00  ? 6  DA  A C4    1 
ATOM   106 P  P     . DT  A 1 7  ? -8.666  15.337  -3.276  1.00 42.53 ? 7  DT  A P     1 
ATOM   107 O  OP1   . DT  A 1 7  ? -9.504  14.855  -4.414  1.00 42.53 ? 7  DT  A OP1   1 
ATOM   108 O  OP2   . DT  A 1 7  ? -8.247  16.770  -3.221  1.00 42.53 ? 7  DT  A OP2   1 
ATOM   109 O  "O5'" . DT  A 1 7  ? -9.405  14.988  -1.916  1.00 42.53 ? 7  DT  A "O5'" 1 
ATOM   110 C  "C5'" . DT  A 1 7  ? -9.275  13.680  -1.343  1.00 8.04  ? 7  DT  A "C5'" 1 
ATOM   111 C  "C4'" . DT  A 1 7  ? -9.541  13.740  0.142   1.00 8.04  ? 7  DT  A "C4'" 1 
ATOM   112 O  "O4'" . DT  A 1 7  ? -8.351  13.973  0.939   1.00 8.04  ? 7  DT  A "O4'" 1 
ATOM   113 C  "C3'" . DT  A 1 7  ? -10.529 14.834  0.532   1.00 8.04  ? 7  DT  A "C3'" 1 
ATOM   114 O  "O3'" . DT  A 1 7  ? -11.515 14.299  1.393   1.00 8.04  ? 7  DT  A "O3'" 1 
ATOM   115 C  "C2'" . DT  A 1 7  ? -9.679  15.843  1.279   1.00 8.04  ? 7  DT  A "C2'" 1 
ATOM   116 C  "C1'" . DT  A 1 7  ? -8.651  14.946  1.922   1.00 8.04  ? 7  DT  A "C1'" 1 
ATOM   117 N  N1    . DT  A 1 7  ? -7.398  15.621  2.304   1.00 2.00  ? 7  DT  A N1    1 
ATOM   118 C  C2    . DT  A 1 7  ? -7.031  15.544  3.620   1.00 2.00  ? 7  DT  A C2    1 
ATOM   119 O  O2    . DT  A 1 7  ? -7.669  14.915  4.454   1.00 2.00  ? 7  DT  A O2    1 
ATOM   120 N  N3    . DT  A 1 7  ? -5.879  16.228  3.931   1.00 2.00  ? 7  DT  A N3    1 
ATOM   121 C  C4    . DT  A 1 7  ? -5.076  16.960  3.069   1.00 2.00  ? 7  DT  A C4    1 
ATOM   122 O  O4    . DT  A 1 7  ? -4.084  17.552  3.501   1.00 2.00  ? 7  DT  A O4    1 
ATOM   123 C  C5    . DT  A 1 7  ? -5.504  16.965  1.702   1.00 2.00  ? 7  DT  A C5    1 
ATOM   124 C  C7    . DT  A 1 7  ? -4.677  17.691  0.700   1.00 2.00  ? 7  DT  A C7    1 
ATOM   125 C  C6    . DT  A 1 7  ? -6.631  16.313  1.387   1.00 2.00  ? 7  DT  A C6    1 
ATOM   126 P  P     . DA  A 1 8  ? -12.862 15.115  1.618   1.00 29.25 ? 8  DA  A P     1 
ATOM   127 O  OP1   . DA  A 1 8  ? -13.989 14.209  1.274   1.00 29.25 ? 8  DA  A OP1   1 
ATOM   128 O  OP2   . DA  A 1 8  ? -12.747 16.448  0.968   1.00 29.25 ? 8  DA  A OP2   1 
ATOM   129 O  "O5'" . DA  A 1 8  ? -12.828 15.314  3.186   1.00 29.25 ? 8  DA  A "O5'" 1 
ATOM   130 C  "C5'" . DA  A 1 8  ? -12.443 14.224  4.039   1.00 10.06 ? 8  DA  A "C5'" 1 
ATOM   131 C  "C4'" . DA  A 1 8  ? -12.343 14.709  5.466   1.00 10.06 ? 8  DA  A "C4'" 1 
ATOM   132 O  "O4'" . DA  A 1 8  ? -11.020 15.220  5.769   1.00 10.06 ? 8  DA  A "O4'" 1 
ATOM   133 C  "C3'" . DA  A 1 8  ? -13.323 15.831  5.787   1.00 10.06 ? 8  DA  A "C3'" 1 
ATOM   134 O  "O3'" . DA  A 1 8  ? -13.919 15.545  7.053   1.00 10.06 ? 8  DA  A "O3'" 1 
ATOM   135 C  "C2'" . DA  A 1 8  ? -12.438 17.074  5.775   1.00 10.06 ? 8  DA  A "C2'" 1 
ATOM   136 C  "C1'" . DA  A 1 8  ? -11.085 16.548  6.240   1.00 10.06 ? 8  DA  A "C1'" 1 
ATOM   137 N  N9    . DA  A 1 8  ? -9.910  17.243  5.723   1.00 2.00  ? 8  DA  A N9    1 
ATOM   138 C  C8    . DA  A 1 8  ? -9.686  17.635  4.442   1.00 2.00  ? 8  DA  A C8    1 
ATOM   139 N  N7    . DA  A 1 8  ? -8.524  18.212  4.259   1.00 2.00  ? 8  DA  A N7    1 
ATOM   140 C  C5    . DA  A 1 8  ? -7.952  18.212  5.516   1.00 2.00  ? 8  DA  A C5    1 
ATOM   141 C  C6    . DA  A 1 8  ? -6.714  18.701  5.998   1.00 2.00  ? 8  DA  A C6    1 
ATOM   142 N  N6    . DA  A 1 8  ? -5.823  19.346  5.236   1.00 2.00  ? 8  DA  A N6    1 
ATOM   143 N  N1    . DA  A 1 8  ? -6.429  18.520  7.298   1.00 2.00  ? 8  DA  A N1    1 
ATOM   144 C  C2    . DA  A 1 8  ? -7.339  17.916  8.060   1.00 2.00  ? 8  DA  A C2    1 
ATOM   145 N  N3    . DA  A 1 8  ? -8.545  17.433  7.730   1.00 2.00  ? 8  DA  A N3    1 
ATOM   146 C  C4    . DA  A 1 8  ? -8.791  17.614  6.427   1.00 2.00  ? 8  DA  A C4    1 
ATOM   147 P  P     . DC  A 1 9  ? -15.034 16.520  7.651   1.00 19.02 ? 9  DC  A P     1 
ATOM   148 O  OP1   . DC  A 1 9  ? -15.904 15.677  8.471   1.00 19.02 ? 9  DC  A OP1   1 
ATOM   149 O  OP2   . DC  A 1 9  ? -15.588 17.283  6.508   1.00 19.02 ? 9  DC  A OP2   1 
ATOM   150 O  "O5'" . DC  A 1 9  ? -14.218 17.490  8.600   1.00 19.02 ? 9  DC  A "O5'" 1 
ATOM   151 C  "C5'" . DC  A 1 9  ? -13.633 16.980  9.787   1.00 2.00  ? 9  DC  A "C5'" 1 
ATOM   152 C  "C4'" . DC  A 1 9  ? -12.863 18.068  10.492  1.00 2.00  ? 9  DC  A "C4'" 1 
ATOM   153 O  "O4'" . DC  A 1 9  ? -11.744 18.469  9.669   1.00 2.00  ? 9  DC  A "O4'" 1 
ATOM   154 C  "C3'" . DC  A 1 9  ? -13.624 19.364  10.825  1.00 2.00  ? 9  DC  A "C3'" 1 
ATOM   155 O  "O3'" . DC  A 1 9  ? -13.143 19.851  12.068  1.00 2.00  ? 9  DC  A "O3'" 1 
ATOM   156 C  "C2'" . DC  A 1 9  ? -13.114 20.337  9.779   1.00 2.00  ? 9  DC  A "C2'" 1 
ATOM   157 C  "C1'" . DC  A 1 9  ? -11.675 19.886  9.720   1.00 2.00  ? 9  DC  A "C1'" 1 
ATOM   158 N  N1    . DC  A 1 9  ? -10.875 20.350  8.590   1.00 2.00  ? 9  DC  A N1    1 
ATOM   159 C  C2    . DC  A 1 9  ? -9.548  20.709  8.833   1.00 2.00  ? 9  DC  A C2    1 
ATOM   160 O  O2    . DC  A 1 9  ? -9.110  20.622  9.981   1.00 2.00  ? 9  DC  A O2    1 
ATOM   161 N  N3    . DC  A 1 9  ? -8.777  21.137  7.811   1.00 2.00  ? 9  DC  A N3    1 
ATOM   162 C  C4    . DC  A 1 9  ? -9.290  21.200  6.576   1.00 2.00  ? 9  DC  A C4    1 
ATOM   163 N  N4    . DC  A 1 9  ? -8.496  21.620  5.593   1.00 2.00  ? 9  DC  A N4    1 
ATOM   164 C  C5    . DC  A 1 9  ? -10.643 20.833  6.297   1.00 2.00  ? 9  DC  A C5    1 
ATOM   165 C  C6    . DC  A 1 9  ? -11.395 20.423  7.329   1.00 2.00  ? 9  DC  A C6    1 
ATOM   166 P  P     . DG  A 1 10 ? -14.112 20.660  13.038  1.00 2.00  ? 10 DG  A P     1 
ATOM   167 O  OP1   . DG  A 1 10 ? -13.660 20.339  14.404  1.00 2.00  ? 10 DG  A OP1   1 
ATOM   168 O  OP2   . DG  A 1 10 ? -15.460 20.286  12.581  1.00 2.00  ? 10 DG  A OP2   1 
ATOM   169 O  "O5'" . DG  A 1 10 ? -13.807 22.205  12.766  1.00 2.00  ? 10 DG  A "O5'" 1 
ATOM   170 C  "C5'" . DG  A 1 10 ? -12.521 22.642  12.324  1.00 2.00  ? 10 DG  A "C5'" 1 
ATOM   171 C  "C4'" . DG  A 1 10 ? -12.560 24.114  11.991  1.00 2.00  ? 10 DG  A "C4'" 1 
ATOM   172 O  "O4'" . DG  A 1 10 ? -13.630 24.376  11.059  1.00 2.00  ? 10 DG  A "O4'" 1 
ATOM   173 C  "C3'" . DG  A 1 10 ? -12.864 25.005  13.186  1.00 2.00  ? 10 DG  A "C3'" 1 
ATOM   174 O  "O3'" . DG  A 1 10 ? -12.385 26.357  12.907  1.00 2.00  ? 10 DG  A "O3'" 1 
ATOM   175 C  "C2'" . DG  A 1 10 ? -14.377 24.982  13.211  1.00 2.00  ? 10 DG  A "C2'" 1 
ATOM   176 C  "C1'" . DG  A 1 10 ? -14.747 24.929  11.735  1.00 2.00  ? 10 DG  A "C1'" 1 
ATOM   177 N  N9    . DG  A 1 10 ? -15.859 24.013  11.542  1.00 4.04  ? 10 DG  A N9    1 
ATOM   178 C  C8    . DG  A 1 10 ? -16.841 23.726  12.455  1.00 4.04  ? 10 DG  A C8    1 
ATOM   179 N  N7    . DG  A 1 10 ? -17.606 22.740  12.084  1.00 4.04  ? 10 DG  A N7    1 
ATOM   180 C  C5    . DG  A 1 10 ? -17.113 22.373  10.848  1.00 4.04  ? 10 DG  A C5    1 
ATOM   181 C  C6    . DG  A 1 10 ? -17.493 21.337  10.022  1.00 4.04  ? 10 DG  A C6    1 
ATOM   182 O  O6    . DG  A 1 10 ? -18.323 20.475  10.233  1.00 4.04  ? 10 DG  A O6    1 
ATOM   183 N  N1    . DG  A 1 10 ? -16.777 21.324  8.838   1.00 4.04  ? 10 DG  A N1    1 
ATOM   184 C  C2    . DG  A 1 10 ? -15.779 22.196  8.516   1.00 4.04  ? 10 DG  A C2    1 
ATOM   185 N  N2    . DG  A 1 10 ? -15.202 22.004  7.308   1.00 4.04  ? 10 DG  A N2    1 
ATOM   186 N  N3    . DG  A 1 10 ? -15.372 23.176  9.316   1.00 4.04  ? 10 DG  A N3    1 
ATOM   187 C  C4    . DG  A 1 10 ? -16.081 23.196  10.465  1.00 4.04  ? 10 DG  A C4    1 
ATOM   188 P  P     . DG  B 1 2  ? 0.600   27.306  8.183   1.00 46.77 ? 12 DG  B P     1 
ATOM   189 O  OP1   . DG  B 1 2  ? -0.430  28.380  8.294   1.00 46.77 ? 12 DG  B OP1   1 
ATOM   190 O  OP2   . DG  B 1 2  ? 0.849   26.644  6.877   1.00 46.77 ? 12 DG  B OP2   1 
ATOM   191 O  "O5'" . DG  B 1 2  ? 0.275   26.179  9.256   1.00 46.77 ? 12 DG  B "O5'" 1 
ATOM   192 C  "C5'" . DG  B 1 2  ? -0.259  26.528  10.537  1.00 18.68 ? 12 DG  B "C5'" 1 
ATOM   193 C  "C4'" . DG  B 1 2  ? -0.547  25.283  11.345  1.00 18.68 ? 12 DG  B "C4'" 1 
ATOM   194 O  "O4'" . DG  B 1 2  ? -1.796  24.663  10.962  1.00 18.68 ? 12 DG  B "O4'" 1 
ATOM   195 C  "C3'" . DG  B 1 2  ? 0.505   24.184  11.301  1.00 18.68 ? 12 DG  B "C3'" 1 
ATOM   196 O  "O3'" . DG  B 1 2  ? 0.703   23.751  12.650  1.00 18.68 ? 12 DG  B "O3'" 1 
ATOM   197 C  "C2'" . DG  B 1 2  ? -0.110  23.133  10.379  1.00 18.68 ? 12 DG  B "C2'" 1 
ATOM   198 C  "C1'" . DG  B 1 2  ? -1.616  23.330  10.520  1.00 18.68 ? 12 DG  B "C1'" 1 
ATOM   199 N  N9    . DG  B 1 2  ? -2.405  23.197  9.300   1.00 8.82  ? 12 DG  B N9    1 
ATOM   200 C  C8    . DG  B 1 2  ? -2.048  23.620  8.041   1.00 8.82  ? 12 DG  B C8    1 
ATOM   201 N  N7    . DG  B 1 2  ? -2.997  23.457  7.155   1.00 8.82  ? 12 DG  B N7    1 
ATOM   202 C  C5    . DG  B 1 2  ? -4.034  22.878  7.867   1.00 8.82  ? 12 DG  B C5    1 
ATOM   203 C  C6    . DG  B 1 2  ? -5.327  22.474  7.437   1.00 8.82  ? 12 DG  B C6    1 
ATOM   204 O  O6    . DG  B 1 2  ? -5.823  22.558  6.319   1.00 8.82  ? 12 DG  B O6    1 
ATOM   205 N  N1    . DG  B 1 2  ? -6.067  21.915  8.474   1.00 8.82  ? 12 DG  B N1    1 
ATOM   206 C  C2    . DG  B 1 2  ? -5.611  21.751  9.756   1.00 8.82  ? 12 DG  B C2    1 
ATOM   207 N  N2    . DG  B 1 2  ? -6.457  21.151  10.594  1.00 8.82  ? 12 DG  B N2    1 
ATOM   208 N  N3    . DG  B 1 2  ? -4.403  22.138  10.177  1.00 8.82  ? 12 DG  B N3    1 
ATOM   209 C  C4    . DG  B 1 2  ? -3.677  22.688  9.187   1.00 8.82  ? 12 DG  B C4    1 
ATOM   210 P  P     . DT  B 1 3  ? 1.435   22.357  12.951  1.00 38.29 ? 13 DT  B P     1 
ATOM   211 O  OP1   . DT  B 1 3  ? 1.739   22.353  14.410  1.00 38.29 ? 13 DT  B OP1   1 
ATOM   212 O  OP2   . DT  B 1 3  ? 2.515   22.125  11.963  1.00 38.29 ? 13 DT  B OP2   1 
ATOM   213 O  "O5'" . DT  B 1 3  ? 0.289   21.288  12.714  1.00 38.29 ? 13 DT  B "O5'" 1 
ATOM   214 C  "C5'" . DT  B 1 3  ? -0.770  21.191  13.664  1.00 12.79 ? 13 DT  B "C5'" 1 
ATOM   215 C  "C4'" . DT  B 1 3  ? -1.526  19.906  13.471  1.00 12.79 ? 13 DT  B "C4'" 1 
ATOM   216 O  "O4'" . DT  B 1 3  ? -2.286  19.978  12.247  1.00 12.79 ? 13 DT  B "O4'" 1 
ATOM   217 C  "C3'" . DT  B 1 3  ? -0.653  18.667  13.354  1.00 12.79 ? 13 DT  B "C3'" 1 
ATOM   218 O  "O3'" . DT  B 1 3  ? -1.281  17.659  14.123  1.00 12.79 ? 13 DT  B "O3'" 1 
ATOM   219 C  "C2'" . DT  B 1 3  ? -0.706  18.341  11.867  1.00 12.79 ? 13 DT  B "C2'" 1 
ATOM   220 C  "C1'" . DT  B 1 3  ? -2.106  18.787  11.513  1.00 12.79 ? 13 DT  B "C1'" 1 
ATOM   221 N  N1    . DT  B 1 3  ? -2.392  19.094  10.097  1.00 2.00  ? 13 DT  B N1    1 
ATOM   222 C  C2    . DT  B 1 3  ? -3.697  18.906  9.634   1.00 2.00  ? 13 DT  B C2    1 
ATOM   223 O  O2    . DT  B 1 3  ? -4.603  18.424  10.313  1.00 2.00  ? 13 DT  B O2    1 
ATOM   224 N  N3    . DT  B 1 3  ? -3.900  19.300  8.335   1.00 2.00  ? 13 DT  B N3    1 
ATOM   225 C  C4    . DT  B 1 3  ? -2.965  19.839  7.467   1.00 2.00  ? 13 DT  B C4    1 
ATOM   226 O  O4    . DT  B 1 3  ? -3.315  20.213  6.340   1.00 2.00  ? 13 DT  B O4    1 
ATOM   227 C  C5    . DT  B 1 3  ? -1.619  19.938  7.998   1.00 2.00  ? 13 DT  B C5    1 
ATOM   228 C  C7    . DT  B 1 3  ? -0.527  20.424  7.103   1.00 2.00  ? 13 DT  B C7    1 
ATOM   229 C  C6    . DT  B 1 3  ? -1.406  19.578  9.271   1.00 2.00  ? 13 DT  B C6    1 
ATOM   230 P  P     . DA  B 1 4  ? -0.615  16.213  14.238  1.00 27.16 ? 14 DA  B P     1 
ATOM   231 O  OP1   . DA  B 1 4  ? -0.320  16.025  15.674  1.00 27.16 ? 14 DA  B OP1   1 
ATOM   232 O  OP2   . DA  B 1 4  ? 0.475   16.079  13.232  1.00 27.16 ? 14 DA  B OP2   1 
ATOM   233 O  "O5'" . DA  B 1 4  ? -1.807  15.235  13.852  1.00 27.16 ? 14 DA  B "O5'" 1 
ATOM   234 C  "C5'" . DA  B 1 4  ? -3.051  15.349  14.544  1.00 2.00  ? 14 DA  B "C5'" 1 
ATOM   235 C  "C4'" . DA  B 1 4  ? -4.136  14.620  13.798  1.00 2.00  ? 14 DA  B "C4'" 1 
ATOM   236 O  "O4'" . DA  B 1 4  ? -4.296  15.209  12.487  1.00 2.00  ? 14 DA  B "O4'" 1 
ATOM   237 C  "C3'" . DA  B 1 4  ? -3.827  13.154  13.575  1.00 2.00  ? 14 DA  B "C3'" 1 
ATOM   238 O  "O3'" . DA  B 1 4  ? -4.976  12.393  13.917  1.00 2.00  ? 14 DA  B "O3'" 1 
ATOM   239 C  "C2'" . DA  B 1 4  ? -3.530  13.069  12.087  1.00 2.00  ? 14 DA  B "C2'" 1 
ATOM   240 C  "C1'" . DA  B 1 4  ? -4.320  14.211  11.488  1.00 2.00  ? 14 DA  B "C1'" 1 
ATOM   241 N  N9    . DA  B 1 4  ? -3.734  14.785  10.273  1.00 12.36 ? 14 DA  B N9    1 
ATOM   242 C  C8    . DA  B 1 4  ? -2.442  15.198  10.136  1.00 12.36 ? 14 DA  B C8    1 
ATOM   243 N  N7    . DA  B 1 4  ? -2.180  15.742  8.974   1.00 12.36 ? 14 DA  B N7    1 
ATOM   244 C  C5    . DA  B 1 4  ? -3.382  15.674  8.293   1.00 12.36 ? 14 DA  B C5    1 
ATOM   245 C  C6    . DA  B 1 4  ? -3.767  16.115  7.011   1.00 12.36 ? 14 DA  B C6    1 
ATOM   246 N  N6    . DA  B 1 4  ? -2.952  16.754  6.162   1.00 12.36 ? 14 DA  B N6    1 
ATOM   247 N  N1    . DA  B 1 4  ? -5.028  15.885  6.625   1.00 12.36 ? 14 DA  B N1    1 
ATOM   248 C  C2    . DA  B 1 4  ? -5.845  15.260  7.478   1.00 12.36 ? 14 DA  B C2    1 
ATOM   249 N  N3    . DA  B 1 4  ? -5.605  14.813  8.713   1.00 12.36 ? 14 DA  B N3    1 
ATOM   250 C  C4    . DA  B 1 4  ? -4.341  15.060  9.068   1.00 12.36 ? 14 DA  B C4    1 
ATOM   251 P  P     . DT  B 1 5  ? -4.873  10.792  14.022  1.00 35.22 ? 15 DT  B P     1 
ATOM   252 O  OP1   . DT  B 1 5  ? -5.756  10.352  15.128  1.00 35.22 ? 15 DT  B OP1   1 
ATOM   253 O  OP2   . DT  B 1 5  ? -3.440  10.356  13.987  1.00 35.22 ? 15 DT  B OP2   1 
ATOM   254 O  "O5'" . DT  B 1 5  ? -5.562  10.322  12.678  1.00 35.22 ? 15 DT  B "O5'" 1 
ATOM   255 C  "C5'" . DT  B 1 5  ? -6.811  10.875  12.310  1.00 9.03  ? 15 DT  B "C5'" 1 
ATOM   256 C  "C4'" . DT  B 1 5  ? -7.110  10.562  10.866  1.00 9.03  ? 15 DT  B "C4'" 1 
ATOM   257 O  "O4'" . DT  B 1 5  ? -6.323  11.395  9.973   1.00 9.03  ? 15 DT  B "O4'" 1 
ATOM   258 C  "C3'" . DT  B 1 5  ? -6.862  9.110   10.449  1.00 9.03  ? 15 DT  B "C3'" 1 
ATOM   259 O  "O3'" . DT  B 1 5  ? -8.085  8.580   9.932   1.00 9.03  ? 15 DT  B "O3'" 1 
ATOM   260 C  "C2'" . DT  B 1 5  ? -5.751  9.214   9.409   1.00 9.03  ? 15 DT  B "C2'" 1 
ATOM   261 C  "C1'" . DT  B 1 5  ? -5.938  10.615  8.856   1.00 9.03  ? 15 DT  B "C1'" 1 
ATOM   262 N  N1    . DT  B 1 5  ? -4.767  11.265  8.224   1.00 2.00  ? 15 DT  B N1    1 
ATOM   263 C  C2    . DT  B 1 5  ? -4.858  11.671  6.898   1.00 2.00  ? 15 DT  B C2    1 
ATOM   264 O  O2    . DT  B 1 5  ? -5.845  11.506  6.196   1.00 2.00  ? 15 DT  B O2    1 
ATOM   265 N  N3    . DT  B 1 5  ? -3.748  12.289  6.410   1.00 2.00  ? 15 DT  B N3    1 
ATOM   266 C  C4    . DT  B 1 5  ? -2.584  12.538  7.071   1.00 2.00  ? 15 DT  B C4    1 
ATOM   267 O  O4    . DT  B 1 5  ? -1.676  13.099  6.488   1.00 2.00  ? 15 DT  B O4    1 
ATOM   268 C  C5    . DT  B 1 5  ? -2.542  12.092  8.448   1.00 2.00  ? 15 DT  B C5    1 
ATOM   269 C  C7    . DT  B 1 5  ? -1.301  12.336  9.249   1.00 2.00  ? 15 DT  B C7    1 
ATOM   270 C  C6    . DT  B 1 5  ? -3.625  11.479  8.947   1.00 2.00  ? 15 DT  B C6    1 
ATOM   271 P  P     . DA  B 1 6  ? -8.105  7.168   9.178   1.00 17.40 ? 16 DA  B P     1 
ATOM   272 O  OP1   . DA  B 1 6  ? -9.473  6.601   9.353   1.00 17.40 ? 16 DA  B OP1   1 
ATOM   273 O  OP2   . DA  B 1 6  ? -6.922  6.394   9.614   1.00 17.40 ? 16 DA  B OP2   1 
ATOM   274 O  "O5'" . DA  B 1 6  ? -7.962  7.576   7.649   1.00 17.40 ? 16 DA  B "O5'" 1 
ATOM   275 C  "C5'" . DA  B 1 6  ? -8.914  8.471   7.105   1.00 2.00  ? 16 DA  B "C5'" 1 
ATOM   276 C  "C4'" . DA  B 1 6  ? -8.887  8.450   5.597   1.00 2.00  ? 16 DA  B "C4'" 1 
ATOM   277 O  "O4'" . DA  B 1 6  ? -7.740  9.173   5.119   1.00 2.00  ? 16 DA  B "O4'" 1 
ATOM   278 C  "C3'" . DA  B 1 6  ? -8.874  7.089   4.910   1.00 2.00  ? 16 DA  B "C3'" 1 
ATOM   279 O  "O3'" . DA  B 1 6  ? -9.815  7.105   3.832   1.00 2.00  ? 16 DA  B "O3'" 1 
ATOM   280 C  "C2'" . DA  B 1 6  ? -7.437  6.937   4.423   1.00 2.00  ? 16 DA  B "C2'" 1 
ATOM   281 C  "C1'" . DA  B 1 6  ? -6.960  8.373   4.251   1.00 2.00  ? 16 DA  B "C1'" 1 
ATOM   282 N  N9    . DA  B 1 6  ? -5.573  8.629   4.605   1.00 2.00  ? 16 DA  B N9    1 
ATOM   283 C  C8    . DA  B 1 6  ? -4.987  8.504   5.825   1.00 2.00  ? 16 DA  B C8    1 
ATOM   284 N  N7    . DA  B 1 6  ? -3.744  8.900   5.853   1.00 2.00  ? 16 DA  B N7    1 
ATOM   285 C  C5    . DA  B 1 6  ? -3.499  9.295   4.558   1.00 2.00  ? 16 DA  B C5    1 
ATOM   286 C  C6    . DA  B 1 6  ? -2.375  9.822   3.950   1.00 2.00  ? 16 DA  B C6    1 
ATOM   287 N  N6    . DA  B 1 6  ? -1.244  10.043  4.597   1.00 2.00  ? 16 DA  B N6    1 
ATOM   288 N  N1    . DA  B 1 6  ? -2.448  10.116  2.640   1.00 2.00  ? 16 DA  B N1    1 
ATOM   289 C  C2    . DA  B 1 6  ? -3.595  9.871   1.994   1.00 2.00  ? 16 DA  B C2    1 
ATOM   290 N  N3    . DA  B 1 6  ? -4.726  9.367   2.464   1.00 2.00  ? 16 DA  B N3    1 
ATOM   291 C  C4    . DA  B 1 6  ? -4.608  9.107   3.772   1.00 2.00  ? 16 DA  B C4    1 
ATOM   292 P  P     . DT  B 1 7  ? -9.739  5.967   2.711   1.00 4.89  ? 17 DT  B P     1 
ATOM   293 O  OP1   . DT  B 1 7  ? -10.952 6.035   1.856   1.00 4.89  ? 17 DT  B OP1   1 
ATOM   294 O  OP2   . DT  B 1 7  ? -9.362  4.691   3.382   1.00 4.89  ? 17 DT  B OP2   1 
ATOM   295 O  "O5'" . DT  B 1 7  ? -8.541  6.471   1.819   1.00 4.89  ? 17 DT  B "O5'" 1 
ATOM   296 C  "C5'" . DT  B 1 7  ? -8.705  7.693   1.115   1.00 2.00  ? 17 DT  B "C5'" 1 
ATOM   297 C  "C4'" . DT  B 1 7  ? -7.890  7.648   -0.142  1.00 2.00  ? 17 DT  B "C4'" 1 
ATOM   298 O  "O4'" . DT  B 1 7  ? -6.510  7.856   0.215   1.00 2.00  ? 17 DT  B "O4'" 1 
ATOM   299 C  "C3'" . DT  B 1 7  ? -7.951  6.275   -0.788  1.00 2.00  ? 17 DT  B "C3'" 1 
ATOM   300 O  "O3'" . DT  B 1 7  ? -7.793  6.485   -2.176  1.00 2.00  ? 17 DT  B "O3'" 1 
ATOM   301 C  "C2'" . DT  B 1 7  ? -6.754  5.562   -0.188  1.00 2.00  ? 17 DT  B "C2'" 1 
ATOM   302 C  "C1'" . DT  B 1 7  ? -5.755  6.702   -0.116  1.00 2.00  ? 17 DT  B "C1'" 1 
ATOM   303 N  N1    . DT  B 1 7  ? -4.677  6.606   0.866   1.00 2.00  ? 17 DT  B N1    1 
ATOM   304 C  C2    . DT  B 1 7  ? -3.487  7.188   0.530   1.00 2.00  ? 17 DT  B C2    1 
ATOM   305 O  O2    . DT  B 1 7  ? -3.284  7.712   -0.553  1.00 2.00  ? 17 DT  B O2    1 
ATOM   306 N  N3    . DT  B 1 7  ? -2.538  7.142   1.495   1.00 2.00  ? 17 DT  B N3    1 
ATOM   307 C  C4    . DT  B 1 7  ? -2.642  6.574   2.735   1.00 2.00  ? 17 DT  B C4    1 
ATOM   308 O  O4    . DT  B 1 7  ? -1.684  6.615   3.501   1.00 2.00  ? 17 DT  B O4    1 
ATOM   309 C  C5    . DT  B 1 7  ? -3.918  5.957   3.025   1.00 2.00  ? 17 DT  B C5    1 
ATOM   310 C  C7    . DT  B 1 7  ? -4.132  5.323   4.362   1.00 2.00  ? 17 DT  B C7    1 
ATOM   311 C  C6    . DT  B 1 7  ? -4.860  5.993   2.079   1.00 2.00  ? 17 DT  B C6    1 
ATOM   312 P  P     . DA  B 1 8  ? -7.798  5.243   -3.173  1.00 22.22 ? 18 DA  B P     1 
ATOM   313 O  OP1   . DA  B 1 8  ? -8.961  5.449   -4.100  1.00 22.22 ? 18 DA  B OP1   1 
ATOM   314 O  OP2   . DA  B 1 8  ? -7.651  3.968   -2.392  1.00 22.22 ? 18 DA  B OP2   1 
ATOM   315 O  "O5'" . DA  B 1 8  ? -6.486  5.495   -4.022  1.00 22.22 ? 18 DA  B "O5'" 1 
ATOM   316 C  "C5'" . DA  B 1 8  ? -6.250  6.782   -4.606  1.00 2.00  ? 18 DA  B "C5'" 1 
ATOM   317 C  "C4'" . DA  B 1 8  ? -4.884  6.793   -5.235  1.00 2.00  ? 18 DA  B "C4'" 1 
ATOM   318 O  "O4'" . DA  B 1 8  ? -3.895  6.724   -4.186  1.00 2.00  ? 18 DA  B "O4'" 1 
ATOM   319 C  "C3'" . DA  B 1 8  ? -4.651  5.563   -6.098  1.00 2.00  ? 18 DA  B "C3'" 1 
ATOM   320 O  "O3'" . DA  B 1 8  ? -3.810  5.927   -7.176  1.00 2.00  ? 18 DA  B "O3'" 1 
ATOM   321 C  "C2'" . DA  B 1 8  ? -3.966  4.594   -5.154  1.00 2.00  ? 18 DA  B "C2'" 1 
ATOM   322 C  "C1'" . DA  B 1 8  ? -3.136  5.527   -4.291  1.00 2.00  ? 18 DA  B "C1'" 1 
ATOM   323 N  N9    . DA  B 1 8  ? -2.890  5.043   -2.934  1.00 2.00  ? 18 DA  B N9    1 
ATOM   324 C  C8    . DA  B 1 8  ? -3.805  4.480   -2.098  1.00 2.00  ? 18 DA  B C8    1 
ATOM   325 N  N7    . DA  B 1 8  ? -3.322  4.149   -0.927  1.00 2.00  ? 18 DA  B N7    1 
ATOM   326 C  C5    . DA  B 1 8  ? -1.993  4.510   -1.003  1.00 2.00  ? 18 DA  B C5    1 
ATOM   327 C  C6    . DA  B 1 8  ? -0.947  4.421   -0.074  1.00 2.00  ? 18 DA  B C6    1 
ATOM   328 N  N6    . DA  B 1 8  ? -1.093  3.896   1.143   1.00 2.00  ? 18 DA  B N6    1 
ATOM   329 N  N1    . DA  B 1 8  ? 0.259   4.893   -0.441  1.00 2.00  ? 18 DA  B N1    1 
ATOM   330 C  C2    . DA  B 1 8  ? 0.390   5.423   -1.669  1.00 2.00  ? 18 DA  B C2    1 
ATOM   331 N  N3    . DA  B 1 8  ? -0.527  5.560   -2.638  1.00 2.00  ? 18 DA  B N3    1 
ATOM   332 C  C4    . DA  B 1 8  ? -1.710  5.073   -2.234  1.00 2.00  ? 18 DA  B C4    1 
ATOM   333 P  P     . DC  B 1 9  ? -3.500  4.862   -8.324  1.00 10.63 ? 19 DC  B P     1 
ATOM   334 O  OP1   . DC  B 1 9  ? -3.426  5.593   -9.602  1.00 10.63 ? 19 DC  B OP1   1 
ATOM   335 O  OP2   . DC  B 1 9  ? -4.473  3.748   -8.175  1.00 10.63 ? 19 DC  B OP2   1 
ATOM   336 O  "O5'" . DC  B 1 9  ? -2.040  4.370   -7.947  1.00 10.63 ? 19 DC  B "O5'" 1 
ATOM   337 C  "C5'" . DC  B 1 9  ? -0.962  5.304   -7.952  1.00 2.00  ? 19 DC  B "C5'" 1 
ATOM   338 C  "C4'" . DC  B 1 9  ? 0.327   4.600   -7.614  1.00 2.00  ? 19 DC  B "C4'" 1 
ATOM   339 O  "O4'" . DC  B 1 9  ? 0.321   4.252   -6.212  1.00 2.00  ? 19 DC  B "O4'" 1 
ATOM   340 C  "C3'" . DC  B 1 9  ? 0.540   3.293   -8.373  1.00 2.00  ? 19 DC  B "C3'" 1 
ATOM   341 O  "O3'" . DC  B 1 9  ? 1.903   3.181   -8.777  1.00 2.00  ? 19 DC  B "O3'" 1 
ATOM   342 C  "C2'" . DC  B 1 9  ? 0.199   2.238   -7.339  1.00 2.00  ? 19 DC  B "C2'" 1 
ATOM   343 C  "C1'" . DC  B 1 9  ? 0.658   2.903   -6.063  1.00 2.00  ? 19 DC  B "C1'" 1 
ATOM   344 N  N1    . DC  B 1 9  ? 0.076   2.435   -4.797  1.00 2.00  ? 19 DC  B N1    1 
ATOM   345 C  C2    . DC  B 1 9  ? 0.815   2.638   -3.644  1.00 2.00  ? 19 DC  B C2    1 
ATOM   346 O  O2    . DC  B 1 9  ? 1.882   3.263   -3.729  1.00 2.00  ? 19 DC  B O2    1 
ATOM   347 N  N3    . DC  B 1 9  ? 0.355   2.173   -2.462  1.00 2.00  ? 19 DC  B N3    1 
ATOM   348 C  C4    . DC  B 1 9  ? -0.813  1.547   -2.412  1.00 2.00  ? 19 DC  B C4    1 
ATOM   349 N  N4    . DC  B 1 9  ? -1.208  1.087   -1.234  1.00 2.00  ? 19 DC  B N4    1 
ATOM   350 C  C5    . DC  B 1 9  ? -1.618  1.359   -3.572  1.00 2.00  ? 19 DC  B C5    1 
ATOM   351 C  C6    . DC  B 1 9  ? -1.139  1.809   -4.736  1.00 2.00  ? 19 DC  B C6    1 
ATOM   352 P  P     . DG  B 1 10 ? 2.293   2.188   -9.967  1.00 12.76 ? 20 DG  B P     1 
ATOM   353 O  OP1   . DG  B 1 10 ? 3.574   2.587   -10.585 1.00 12.76 ? 20 DG  B OP1   1 
ATOM   354 O  OP2   . DG  B 1 10 ? 1.085   2.059   -10.807 1.00 12.76 ? 20 DG  B OP2   1 
ATOM   355 O  "O5'" . DG  B 1 10 ? 2.540   0.800   -9.232  1.00 12.76 ? 20 DG  B "O5'" 1 
ATOM   356 C  "C5'" . DG  B 1 10 ? 3.218   0.753   -7.975  1.00 2.00  ? 20 DG  B "C5'" 1 
ATOM   357 C  "C4'" . DG  B 1 10 ? 3.692   -0.651  -7.679  1.00 2.00  ? 20 DG  B "C4'" 1 
ATOM   358 O  "O4'" . DG  B 1 10 ? 2.586   -1.581  -7.799  1.00 2.00  ? 20 DG  B "O4'" 1 
ATOM   359 C  "C3'" . DG  B 1 10 ? 4.785   -1.177  -8.598  1.00 2.00  ? 20 DG  B "C3'" 1 
ATOM   360 O  "O3'" . DG  B 1 10 ? 5.638   -1.999  -7.823  1.00 2.00  ? 20 DG  B "O3'" 1 
ATOM   361 C  "C2'" . DG  B 1 10 ? 4.040   -2.033  -9.606  1.00 2.00  ? 20 DG  B "C2'" 1 
ATOM   362 C  "C1'" . DG  B 1 10 ? 2.669   -2.322  -9.001  1.00 2.00  ? 20 DG  B "C1'" 1 
ATOM   363 N  N9    . DG  B 1 10 ? 1.662   -1.794  -9.920  1.00 23.85 ? 20 DG  B N9    1 
ATOM   364 C  C8    . DG  B 1 10 ? 1.853   -1.644  -11.268 1.00 23.85 ? 20 DG  B C8    1 
ATOM   365 N  N7    . DG  B 1 10 ? 0.842   -1.095  -11.876 1.00 23.85 ? 20 DG  B N7    1 
ATOM   366 C  C5    . DG  B 1 10 ? -0.093  -0.882  -10.880 1.00 23.85 ? 20 DG  B C5    1 
ATOM   367 C  C6    . DG  B 1 10 ? -1.387  -0.318  -10.961 1.00 23.85 ? 20 DG  B C6    1 
ATOM   368 O  O6    . DG  B 1 10 ? -1.971  0.137   -11.964 1.00 23.85 ? 20 DG  B O6    1 
ATOM   369 N  N1    . DG  B 1 10 ? -2.015  -0.301  -9.719  1.00 23.85 ? 20 DG  B N1    1 
ATOM   370 C  C2    . DG  B 1 10 ? -1.458  -0.755  -8.552  1.00 23.85 ? 20 DG  B C2    1 
ATOM   371 N  N2    . DG  B 1 10 ? -2.229  -0.647  -7.470  1.00 23.85 ? 20 DG  B N2    1 
ATOM   372 N  N3    . DG  B 1 10 ? -0.240  -1.277  -8.458  1.00 23.85 ? 20 DG  B N3    1 
ATOM   373 C  C4    . DG  B 1 10 ? 0.383   -1.315  -9.658  1.00 23.85 ? 20 DG  B C4    1 
ATOM   374 O  "O3'" . DC  C 1 1  ? 2.509   -24.410 -14.606 1.00 13.78 ? 21 DC  C "O3'" 1 
ATOM   375 P  P     . DG  C 1 2  ? 3.765   -24.752 -13.658 1.00 39.95 ? 22 DG  C P     1 
ATOM   376 O  OP1   . DG  C 1 2  ? 4.631   -23.551 -13.542 1.00 39.95 ? 22 DG  C OP1   1 
ATOM   377 O  OP2   . DG  C 1 2  ? 4.340   -26.032 -14.154 1.00 39.95 ? 22 DG  C OP2   1 
ATOM   378 O  "O5'" . DG  C 1 2  ? 3.087   -25.058 -12.256 1.00 39.95 ? 22 DG  C "O5'" 1 
ATOM   379 C  "C5'" . DG  C 1 2  ? 2.371   -26.279 -12.058 1.00 3.76  ? 22 DG  C "C5'" 1 
ATOM   380 C  "C4'" . DG  C 1 2  ? 1.592   -26.219 -10.768 1.00 3.76  ? 22 DG  C "C4'" 1 
ATOM   381 O  "O4'" . DG  C 1 2  ? 2.528   -26.050 -9.680  1.00 3.76  ? 22 DG  C "O4'" 1 
ATOM   382 C  "C3'" . DG  C 1 2  ? 0.630   -25.040 -10.677 1.00 3.76  ? 22 DG  C "C3'" 1 
ATOM   383 O  "O3'" . DG  C 1 2  ? -0.542  -25.425 -9.940  1.00 3.76  ? 22 DG  C "O3'" 1 
ATOM   384 C  "C2'" . DG  C 1 2  ? 1.449   -23.986 -9.953  1.00 3.76  ? 22 DG  C "C2'" 1 
ATOM   385 C  "C1'" . DG  C 1 2  ? 2.317   -24.813 -9.027  1.00 3.76  ? 22 DG  C "C1'" 1 
ATOM   386 N  N9    . DG  C 1 2  ? 3.628   -24.238 -8.788  1.00 2.00  ? 22 DG  C N9    1 
ATOM   387 C  C8    . DG  C 1 2  ? 4.507   -23.809 -9.747  1.00 2.00  ? 22 DG  C C8    1 
ATOM   388 N  N7    . DG  C 1 2  ? 5.647   -23.404 -9.248  1.00 2.00  ? 22 DG  C N7    1 
ATOM   389 C  C5    . DG  C 1 2  ? 5.502   -23.562 -7.874  1.00 2.00  ? 22 DG  C C5    1 
ATOM   390 C  C6    . DG  C 1 2  ? 6.410   -23.322 -6.839  1.00 2.00  ? 22 DG  C C6    1 
ATOM   391 O  O6    . DG  C 1 2  ? 7.552   -22.901 -6.917  1.00 2.00  ? 22 DG  C O6    1 
ATOM   392 N  N1    . DG  C 1 2  ? 5.873   -23.631 -5.601  1.00 2.00  ? 22 DG  C N1    1 
ATOM   393 C  C2    . DG  C 1 2  ? 4.606   -24.105 -5.393  1.00 2.00  ? 22 DG  C C2    1 
ATOM   394 N  N2    . DG  C 1 2  ? 4.252   -24.345 -4.131  1.00 2.00  ? 22 DG  C N2    1 
ATOM   395 N  N3    . DG  C 1 2  ? 3.744   -24.331 -6.355  1.00 2.00  ? 22 DG  C N3    1 
ATOM   396 C  C4    . DG  C 1 2  ? 4.256   -24.051 -7.569  1.00 2.00  ? 22 DG  C C4    1 
ATOM   397 P  P     . DT  C 1 3  ? -1.716  -24.348 -9.666  1.00 27.98 ? 23 DT  C P     1 
ATOM   398 O  OP1   . DT  C 1 3  ? -2.960  -25.132 -9.463  1.00 27.98 ? 23 DT  C OP1   1 
ATOM   399 O  OP2   . DT  C 1 3  ? -1.686  -23.234 -10.656 1.00 27.98 ? 23 DT  C OP2   1 
ATOM   400 O  "O5'" . DT  C 1 3  ? -1.325  -23.742 -8.258  1.00 27.98 ? 23 DT  C "O5'" 1 
ATOM   401 C  "C5'" . DT  C 1 3  ? -1.373  -24.569 -7.111  1.00 7.97  ? 23 DT  C "C5'" 1 
ATOM   402 C  "C4'" . DT  C 1 3  ? -1.085  -23.758 -5.877  1.00 7.97  ? 23 DT  C "C4'" 1 
ATOM   403 O  "O4'" . DT  C 1 3  ? 0.296   -23.333 -5.875  1.00 7.97  ? 23 DT  C "O4'" 1 
ATOM   404 C  "C3'" . DT  C 1 3  ? -1.922  -22.489 -5.717  1.00 7.97  ? 23 DT  C "C3'" 1 
ATOM   405 O  "O3'" . DT  C 1 3  ? -2.360  -22.466 -4.371  1.00 7.97  ? 23 DT  C "O3'" 1 
ATOM   406 C  "C2'" . DT  C 1 3  ? -0.920  -21.368 -5.978  1.00 7.97  ? 23 DT  C "C2'" 1 
ATOM   407 C  "C1'" . DT  C 1 3  ? 0.357   -21.983 -5.467  1.00 7.97  ? 23 DT  C "C1'" 1 
ATOM   408 N  N1    . DT  C 1 3  ? 1.618   -21.433 -5.956  1.00 2.00  ? 23 DT  C N1    1 
ATOM   409 C  C2    . DT  C 1 3  ? 2.628   -21.281 -5.048  1.00 2.00  ? 23 DT  C C2    1 
ATOM   410 O  O2    . DT  C 1 3  ? 2.507   -21.527 -3.861  1.00 2.00  ? 23 DT  C O2    1 
ATOM   411 N  N3    . DT  C 1 3  ? 3.797   -20.817 -5.568  1.00 2.00  ? 23 DT  C N3    1 
ATOM   412 C  C4    . DT  C 1 3  ? 4.040   -20.459 -6.866  1.00 2.00  ? 23 DT  C C4    1 
ATOM   413 O  O4    . DT  C 1 3  ? 5.128   -20.002 -7.172  1.00 2.00  ? 23 DT  C O4    1 
ATOM   414 C  C5    . DT  C 1 3  ? 2.946   -20.640 -7.769  1.00 2.00  ? 23 DT  C C5    1 
ATOM   415 C  C7    . DT  C 1 3  ? 3.143   -20.314 -9.215  1.00 2.00  ? 23 DT  C C7    1 
ATOM   416 C  C6    . DT  C 1 3  ? 1.794   -21.106 -7.272  1.00 2.00  ? 23 DT  C C6    1 
ATOM   417 P  P     . DA  C 1 4  ? -3.585  -21.532 -3.931  1.00 5.13  ? 24 DA  C P     1 
ATOM   418 O  OP1   . DA  C 1 4  ? -4.618  -22.466 -3.397  1.00 5.13  ? 24 DA  C OP1   1 
ATOM   419 O  OP2   . DA  C 1 4  ? -3.967  -20.541 -4.991  1.00 5.13  ? 24 DA  C OP2   1 
ATOM   420 O  "O5'" . DA  C 1 4  ? -2.971  -20.783 -2.671  1.00 5.13  ? 24 DA  C "O5'" 1 
ATOM   421 C  "C5'" . DA  C 1 4  ? -2.543  -21.576 -1.577  1.00 2.00  ? 24 DA  C "C5'" 1 
ATOM   422 C  "C4'" . DA  C 1 4  ? -1.472  -20.877 -0.786  1.00 2.00  ? 24 DA  C "C4'" 1 
ATOM   423 O  "O4'" . DA  C 1 4  ? -0.310  -20.629 -1.595  1.00 2.00  ? 24 DA  C "O4'" 1 
ATOM   424 C  "C3'" . DA  C 1 4  ? -1.865  -19.541 -0.187  1.00 2.00  ? 24 DA  C "C3'" 1 
ATOM   425 O  "O3'" . DA  C 1 4  ? -1.489  -19.577 1.176   1.00 2.00  ? 24 DA  C "O3'" 1 
ATOM   426 C  "C2'" . DA  C 1 4  ? -1.040  -18.528 -0.958  1.00 2.00  ? 24 DA  C "C2'" 1 
ATOM   427 C  "C1'" . DA  C 1 4  ? 0.178   -19.326 -1.348  1.00 2.00  ? 24 DA  C "C1'" 1 
ATOM   428 N  N9    . DA  C 1 4  ? 0.847   -18.875 -2.568  1.00 2.00  ? 24 DA  C N9    1 
ATOM   429 C  C8    . DA  C 1 4  ? 0.311   -18.813 -3.823  1.00 2.00  ? 24 DA  C C8    1 
ATOM   430 N  N7    . DA  C 1 4  ? 1.151   -18.395 -4.735  1.00 2.00  ? 24 DA  C N7    1 
ATOM   431 C  C5    . DA  C 1 4  ? 2.315   -18.155 -4.027  1.00 2.00  ? 24 DA  C C5    1 
ATOM   432 C  C6    . DA  C 1 4  ? 3.571   -17.688 -4.423  1.00 2.00  ? 24 DA  C C6    1 
ATOM   433 N  N6    . DA  C 1 4  ? 3.880   -17.373 -5.686  1.00 2.00  ? 24 DA  C N6    1 
ATOM   434 N  N1    . DA  C 1 4  ? 4.517   -17.555 -3.476  1.00 2.00  ? 24 DA  C N1    1 
ATOM   435 C  C2    . DA  C 1 4  ? 4.209   -17.879 -2.222  1.00 2.00  ? 24 DA  C C2    1 
ATOM   436 N  N3    . DA  C 1 4  ? 3.059   -18.332 -1.728  1.00 2.00  ? 24 DA  C N3    1 
ATOM   437 C  C4    . DA  C 1 4  ? 2.143   -18.446 -2.694  1.00 2.00  ? 24 DA  C C4    1 
ATOM   438 P  P     . DT  C 1 5  ? -2.108  -18.507 2.190   1.00 12.17 ? 25 DT  C P     1 
ATOM   439 O  OP1   . DT  C 1 5  ? -2.326  -19.155 3.501   1.00 12.17 ? 25 DT  C OP1   1 
ATOM   440 O  OP2   . DT  C 1 5  ? -3.229  -17.806 1.508   1.00 12.17 ? 25 DT  C OP2   1 
ATOM   441 O  "O5'" . DT  C 1 5  ? -0.891  -17.511 2.354   1.00 12.17 ? 25 DT  C "O5'" 1 
ATOM   442 C  "C5'" . DT  C 1 5  ? 0.356   -18.033 2.785   1.00 13.24 ? 25 DT  C "C5'" 1 
ATOM   443 C  "C4'" . DT  C 1 5  ? 1.448   -17.015 2.592   1.00 13.24 ? 25 DT  C "C4'" 1 
ATOM   444 O  "O4'" . DT  C 1 5  ? 1.792   -16.886 1.195   1.00 13.24 ? 25 DT  C "O4'" 1 
ATOM   445 C  "C3'" . DT  C 1 5  ? 1.151   -15.606 3.106   1.00 13.24 ? 25 DT  C "C3'" 1 
ATOM   446 O  "O3'" . DT  C 1 5  ? 2.269   -15.193 3.865   1.00 13.24 ? 25 DT  C "O3'" 1 
ATOM   447 C  "C2'" . DT  C 1 5  ? 1.061   -14.775 1.838   1.00 13.24 ? 25 DT  C "C2'" 1 
ATOM   448 C  "C1'" . DT  C 1 5  ? 2.035   -15.516 0.945   1.00 13.24 ? 25 DT  C "C1'" 1 
ATOM   449 N  N1    . DT  C 1 5  ? 1.913   -15.293 -0.498  1.00 2.00  ? 25 DT  C N1    1 
ATOM   450 C  C2    . DT  C 1 5  ? 3.070   -15.038 -1.187  1.00 2.00  ? 25 DT  C C2    1 
ATOM   451 O  O2    . DT  C 1 5  ? 4.168   -14.977 -0.650  1.00 2.00  ? 25 DT  C O2    1 
ATOM   452 N  N3    . DT  C 1 5  ? 2.903   -14.863 -2.528  1.00 2.00  ? 25 DT  C N3    1 
ATOM   453 C  C4    . DT  C 1 5  ? 1.722   -14.918 -3.228  1.00 2.00  ? 25 DT  C C4    1 
ATOM   454 O  O4    . DT  C 1 5  ? 1.728   -14.773 -4.441  1.00 2.00  ? 25 DT  C O4    1 
ATOM   455 C  C5    . DT  C 1 5  ? 0.548   -15.157 -2.436  1.00 2.00  ? 25 DT  C C5    1 
ATOM   456 C  C7    . DT  C 1 5  ? -0.784  -15.158 -3.107  1.00 2.00  ? 25 DT  C C7    1 
ATOM   457 C  C6    . DT  C 1 5  ? 0.700   -15.347 -1.128  1.00 2.00  ? 25 DT  C C6    1 
ATOM   458 P  P     . DA  C 1 6  ? 2.179   -13.885 4.756   1.00 24.28 ? 26 DA  C P     1 
ATOM   459 O  OP1   . DA  C 1 6  ? 2.468   -14.297 6.151   1.00 24.28 ? 26 DA  C OP1   1 
ATOM   460 O  OP2   . DA  C 1 6  ? 0.921   -13.168 4.439   1.00 24.28 ? 26 DA  C OP2   1 
ATOM   461 O  "O5'" . DA  C 1 6  ? 3.444   -13.073 4.267   1.00 24.28 ? 26 DA  C "O5'" 1 
ATOM   462 C  "C5'" . DA  C 1 6  ? 4.705   -13.724 4.267   1.00 2.00  ? 26 DA  C "C5'" 1 
ATOM   463 C  "C4'" . DA  C 1 6  ? 5.721   -12.919 3.494   1.00 2.00  ? 26 DA  C "C4'" 1 
ATOM   464 O  "O4'" . DA  C 1 6  ? 5.397   -12.867 2.091   1.00 2.00  ? 26 DA  C "O4'" 1 
ATOM   465 C  "C3'" . DA  C 1 6  ? 5.887   -11.473 3.939   1.00 2.00  ? 26 DA  C "C3'" 1 
ATOM   466 O  "O3'" . DA  C 1 6  ? 7.279   -11.196 3.985   1.00 2.00  ? 26 DA  C "O3'" 1 
ATOM   467 C  "C2'" . DA  C 1 6  ? 5.180   -10.675 2.857   1.00 2.00  ? 26 DA  C "C2'" 1 
ATOM   468 C  "C1'" . DA  C 1 6  ? 5.365   -11.535 1.632   1.00 2.00  ? 26 DA  C "C1'" 1 
ATOM   469 N  N9    . DA  C 1 6  ? 4.281   -11.448 0.672   1.00 2.00  ? 26 DA  C N9    1 
ATOM   470 C  C8    . DA  C 1 6  ? 2.936   -11.588 0.863   1.00 2.00  ? 26 DA  C C8    1 
ATOM   471 N  N7    . DA  C 1 6  ? 2.238   -11.516 -0.243  1.00 2.00  ? 26 DA  C N7    1 
ATOM   472 C  C5    . DA  C 1 6  ? 3.193   -11.301 -1.220  1.00 2.00  ? 26 DA  C C5    1 
ATOM   473 C  C6    . DA  C 1 6  ? 3.111   -11.130 -2.617  1.00 2.00  ? 26 DA  C C6    1 
ATOM   474 N  N6    . DA  C 1 6  ? 1.971   -11.134 -3.317  1.00 2.00  ? 26 DA  C N6    1 
ATOM   475 N  N1    . DA  C 1 6  ? 4.263   -10.935 -3.279  1.00 2.00  ? 26 DA  C N1    1 
ATOM   476 C  C2    . DA  C 1 6  ? 5.408   -10.901 -2.583  1.00 2.00  ? 26 DA  C C2    1 
ATOM   477 N  N3    . DA  C 1 6  ? 5.609   -11.040 -1.288  1.00 2.00  ? 26 DA  C N3    1 
ATOM   478 C  C4    . DA  C 1 6  ? 4.452   -11.242 -0.661  1.00 2.00  ? 26 DA  C C4    1 
ATOM   479 P  P     . DT  C 1 7  ? 7.783   -9.743  4.378   1.00 33.26 ? 27 DT  C P     1 
ATOM   480 O  OP1   . DT  C 1 7  ? 9.162   -9.950  4.903   1.00 33.26 ? 27 DT  C OP1   1 
ATOM   481 O  OP2   . DT  C 1 7  ? 6.748   -9.059  5.214   1.00 33.26 ? 27 DT  C OP2   1 
ATOM   482 O  "O5'" . DT  C 1 7  ? 7.861   -9.048  2.959   1.00 33.26 ? 27 DT  C "O5'" 1 
ATOM   483 C  "C5'" . DT  C 1 7  ? 8.628   -9.657  1.937   1.00 9.00  ? 27 DT  C "C5'" 1 
ATOM   484 C  "C4'" . DT  C 1 7  ? 8.939   -8.644  0.869   1.00 9.00  ? 27 DT  C "C4'" 1 
ATOM   485 O  "O4'" . DT  C 1 7  ? 7.953   -8.656  -0.184  1.00 9.00  ? 27 DT  C "O4'" 1 
ATOM   486 C  "C3'" . DT  C 1 7  ? 9.009   -7.214  1.378   1.00 9.00  ? 27 DT  C "C3'" 1 
ATOM   487 O  "O3'" . DT  C 1 7  ? 10.180  -6.620  0.835   1.00 9.00  ? 27 DT  C "O3'" 1 
ATOM   488 C  "C2'" . DT  C 1 7  ? 7.722   -6.589  0.867   1.00 9.00  ? 27 DT  C "C2'" 1 
ATOM   489 C  "C1'" . DT  C 1 7  ? 7.443   -7.361  -0.406  1.00 9.00  ? 27 DT  C "C1'" 1 
ATOM   490 N  N1    . DT  C 1 7  ? 6.011   -7.511  -0.735  1.00 2.00  ? 27 DT  C N1    1 
ATOM   491 C  C2    . DT  C 1 7  ? 5.631   -7.425  -2.060  1.00 2.00  ? 27 DT  C C2    1 
ATOM   492 O  O2    . DT  C 1 7  ? 6.424   -7.218  -2.991  1.00 2.00  ? 27 DT  C O2    1 
ATOM   493 N  N3    . DT  C 1 7  ? 4.281   -7.594  -2.265  1.00 2.00  ? 27 DT  C N3    1 
ATOM   494 C  C4    . DT  C 1 7  ? 3.310   -7.846  -1.315  1.00 2.00  ? 27 DT  C C4    1 
ATOM   495 O  O4    . DT  C 1 7  ? 2.143   -7.988  -1.652  1.00 2.00  ? 27 DT  C O4    1 
ATOM   496 C  C5    . DT  C 1 7  ? 3.774   -7.925  0.024   1.00 2.00  ? 27 DT  C C5    1 
ATOM   497 C  C7    . DT  C 1 7  ? 2.782   -8.208  1.099   1.00 2.00  ? 27 DT  C C7    1 
ATOM   498 C  C6    . DT  C 1 7  ? 5.081   -7.748  0.258   1.00 2.00  ? 27 DT  C C6    1 
ATOM   499 P  P     . DA  C 1 8  ? 10.355  -5.044  0.853   1.00 18.49 ? 28 DA  C P     1 
ATOM   500 O  OP1   . DA  C 1 8  ? 11.798  -4.827  0.535   1.00 18.49 ? 28 DA  C OP1   1 
ATOM   501 O  OP2   . DA  C 1 8  ? 9.765   -4.464  2.087   1.00 18.49 ? 28 DA  C OP2   1 
ATOM   502 O  "O5'" . DA  C 1 8  ? 9.509   -4.626  -0.415  1.00 18.49 ? 28 DA  C "O5'" 1 
ATOM   503 C  "C5'" . DA  C 1 8  ? 9.899   -5.118  -1.694  1.00 12.45 ? 28 DA  C "C5'" 1 
ATOM   504 C  "C4'" . DA  C 1 8  ? 9.513   -4.129  -2.763  1.00 12.45 ? 28 DA  C "C4'" 1 
ATOM   505 O  "O4'" . DA  C 1 8  ? 8.130   -4.308  -3.125  1.00 12.45 ? 28 DA  C "O4'" 1 
ATOM   506 C  "C3'" . DA  C 1 8  ? 9.661   -2.666  -2.372  1.00 12.45 ? 28 DA  C "C3'" 1 
ATOM   507 O  "O3'" . DA  C 1 8  ? 10.001  -1.964  -3.551  1.00 12.45 ? 28 DA  C "O3'" 1 
ATOM   508 C  "C2'" . DA  C 1 8  ? 8.260   -2.299  -1.928  1.00 12.45 ? 28 DA  C "C2'" 1 
ATOM   509 C  "C1'" . DA  C 1 8  ? 7.400   -3.133  -2.864  1.00 12.45 ? 28 DA  C "C1'" 1 
ATOM   510 N  N9    . DA  C 1 8  ? 6.124   -3.549  -2.312  1.00 2.00  ? 28 DA  C N9    1 
ATOM   511 C  C8    . DA  C 1 8  ? 5.796   -3.807  -1.017  1.00 2.00  ? 28 DA  C C8    1 
ATOM   512 N  N7    . DA  C 1 8  ? 4.552   -4.166  -0.851  1.00 2.00  ? 28 DA  C N7    1 
ATOM   513 C  C5    . DA  C 1 8  ? 4.031   -4.135  -2.130  1.00 2.00  ? 28 DA  C C5    1 
ATOM   514 C  C6    . DA  C 1 8  ? 2.746   -4.386  -2.630  1.00 2.00  ? 28 DA  C C6    1 
ATOM   515 N  N6    . DA  C 1 8  ? 1.705   -4.688  -1.849  1.00 2.00  ? 28 DA  C N6    1 
ATOM   516 N  N1    . DA  C 1 8  ? 2.561   -4.292  -3.969  1.00 2.00  ? 28 DA  C N1    1 
ATOM   517 C  C2    . DA  C 1 8  ? 3.611   -3.934  -4.735  1.00 2.00  ? 28 DA  C C2    1 
ATOM   518 N  N3    . DA  C 1 8  ? 4.858   -3.644  -4.369  1.00 2.00  ? 28 DA  C N3    1 
ATOM   519 C  C4    . DA  C 1 8  ? 4.997   -3.768  -3.040  1.00 2.00  ? 28 DA  C C4    1 
ATOM   520 P  P     . DC  C 1 9  ? 10.292  -0.396  -3.501  1.00 15.12 ? 29 DC  C P     1 
ATOM   521 O  OP1   . DC  C 1 9  ? 11.382  -0.289  -4.484  1.00 15.12 ? 29 DC  C OP1   1 
ATOM   522 O  OP2   . DC  C 1 9  ? 10.493  0.029   -2.094  1.00 15.12 ? 29 DC  C OP2   1 
ATOM   523 O  "O5'" . DC  C 1 9  ? 8.981   0.278   -4.092  1.00 15.12 ? 29 DC  C "O5'" 1 
ATOM   524 C  "C5'" . DC  C 1 9  ? 8.756   0.228   -5.492  1.00 2.00  ? 29 DC  C "C5'" 1 
ATOM   525 C  "C4'" . DC  C 1 9  ? 7.379   0.733   -5.823  1.00 2.00  ? 29 DC  C "C4'" 1 
ATOM   526 O  "O4'" . DC  C 1 9  ? 6.419   -0.064  -5.093  1.00 2.00  ? 29 DC  C "O4'" 1 
ATOM   527 C  "C3'" . DC  C 1 9  ? 7.083   2.192   -5.454  1.00 2.00  ? 29 DC  C "C3'" 1 
ATOM   528 O  "O3'" . DC  C 1 9  ? 6.250   2.746   -6.462  1.00 2.00  ? 29 DC  C "O3'" 1 
ATOM   529 C  "C2'" . DC  C 1 9  ? 6.230   2.067   -4.209  1.00 2.00  ? 29 DC  C "C2'" 1 
ATOM   530 C  "C1'" . DC  C 1 9  ? 5.454   0.823   -4.572  1.00 2.00  ? 29 DC  C "C1'" 1 
ATOM   531 N  N1    . DC  C 1 9  ? 4.755   0.154   -3.475  1.00 12.29 ? 29 DC  C N1    1 
ATOM   532 C  C2    . DC  C 1 9  ? 3.458   -0.287  -3.703  1.00 12.29 ? 29 DC  C C2    1 
ATOM   533 O  O2    . DC  C 1 9  ? 2.960   -0.117  -4.821  1.00 12.29 ? 29 DC  C O2    1 
ATOM   534 N  N3    . DC  C 1 9  ? 2.777   -0.884  -2.706  1.00 12.29 ? 29 DC  C N3    1 
ATOM   535 C  C4    . DC  C 1 9  ? 3.354   -1.051  -1.512  1.00 12.29 ? 29 DC  C C4    1 
ATOM   536 N  N4    . DC  C 1 9  ? 2.634   -1.650  -0.542  1.00 12.29 ? 29 DC  C N4    1 
ATOM   537 C  C5    . DC  C 1 9  ? 4.689   -0.616  -1.256  1.00 12.29 ? 29 DC  C C5    1 
ATOM   538 C  C6    . DC  C 1 9  ? 5.346   -0.027  -2.259  1.00 12.29 ? 29 DC  C C6    1 
ATOM   539 P  P     . DG  C 1 10 ? 6.400   4.282   -6.874  1.00 7.29  ? 30 DG  C P     1 
ATOM   540 O  OP1   . DG  C 1 10 ? 5.851   4.338   -8.257  1.00 7.29  ? 30 DG  C OP1   1 
ATOM   541 O  OP2   . DG  C 1 10 ? 7.812   4.671   -6.600  1.00 7.29  ? 30 DG  C OP2   1 
ATOM   542 O  "O5'" . DG  C 1 10 ? 5.387   5.050   -5.910  1.00 7.29  ? 30 DG  C "O5'" 1 
ATOM   543 C  "C5'" . DG  C 1 10 ? 4.105   4.491   -5.613  1.00 2.00  ? 30 DG  C "C5'" 1 
ATOM   544 C  "C4'" . DG  C 1 10 ? 3.289   5.456   -4.781  1.00 2.00  ? 30 DG  C "C4'" 1 
ATOM   545 O  "O4'" . DG  C 1 10 ? 4.043   5.810   -3.603  1.00 2.00  ? 30 DG  C "O4'" 1 
ATOM   546 C  "C3'" . DG  C 1 10 ? 2.948   6.782   -5.453  1.00 2.00  ? 30 DG  C "C3'" 1 
ATOM   547 O  "O3'" . DG  C 1 10 ? 1.827   7.486   -4.847  1.00 2.00  ? 30 DG  C "O3'" 1 
ATOM   548 C  "C2'" . DG  C 1 10 ? 4.161   7.620   -5.128  1.00 2.00  ? 30 DG  C "C2'" 1 
ATOM   549 C  "C1'" . DG  C 1 10 ? 4.629   7.088   -3.773  1.00 2.00  ? 30 DG  C "C1'" 1 
ATOM   550 N  N9    . DG  C 1 10 ? 6.066   6.892   -3.851  1.00 3.76  ? 30 DG  C N9    1 
ATOM   551 C  C8    . DG  C 1 10 ? 6.911   7.576   -4.682  1.00 3.76  ? 30 DG  C C8    1 
ATOM   552 N  N7    . DG  C 1 10 ? 8.123   7.124   -4.653  1.00 3.76  ? 30 DG  C N7    1 
ATOM   553 C  C5    . DG  C 1 10 ? 8.085   6.101   -3.736  1.00 3.76  ? 30 DG  C C5    1 
ATOM   554 C  C6    . DG  C 1 10 ? 9.080   5.256   -3.348  1.00 3.76  ? 30 DG  C C6    1 
ATOM   555 O  O6    . DG  C 1 10 ? 10.224  5.226   -3.750  1.00 3.76  ? 30 DG  C O6    1 
ATOM   556 N  N1    . DG  C 1 10 ? 8.651   4.345   -2.393  1.00 3.76  ? 30 DG  C N1    1 
ATOM   557 C  C2    . DG  C 1 10 ? 7.387   4.268   -1.894  1.00 3.76  ? 30 DG  C C2    1 
ATOM   558 N  N2    . DG  C 1 10 ? 7.172   3.282   -0.999  1.00 3.76  ? 30 DG  C N2    1 
ATOM   559 N  N3    . DG  C 1 10 ? 6.409   5.086   -2.258  1.00 3.76  ? 30 DG  C N3    1 
ATOM   560 C  C4    . DG  C 1 10 ? 6.833   5.970   -3.192  1.00 3.76  ? 30 DG  C C4    1 
ATOM   561 O  "O5'" . DC  D 1 1  ? -10.476 -6.839  -6.256  1.00 53.78 ? 31 DC  D "O5'" 1 
ATOM   562 C  "C5'" . DC  D 1 1  ? -10.437 -5.416  -6.336  1.00 53.78 ? 31 DC  D "C5'" 1 
ATOM   563 C  "C4'" . DC  D 1 1  ? -10.832 -4.766  -5.030  1.00 53.78 ? 31 DC  D "C4'" 1 
ATOM   564 O  "O4'" . DC  D 1 1  ? -12.058 -5.369  -4.547  1.00 53.78 ? 31 DC  D "O4'" 1 
ATOM   565 C  "C3'" . DC  D 1 1  ? -9.828  -4.884  -3.878  1.00 53.78 ? 31 DC  D "C3'" 1 
ATOM   566 O  "O3'" . DC  D 1 1  ? -9.865  -3.672  -3.113  1.00 53.78 ? 31 DC  D "O3'" 1 
ATOM   567 C  "C2'" . DC  D 1 1  ? -10.410 -6.002  -3.032  1.00 53.78 ? 31 DC  D "C2'" 1 
ATOM   568 C  "C1'" . DC  D 1 1  ? -11.892 -5.712  -3.183  1.00 53.78 ? 31 DC  D "C1'" 1 
ATOM   569 N  N1    . DC  D 1 1  ? -12.794 -6.827  -2.892  1.00 53.78 ? 31 DC  D N1    1 
ATOM   570 C  C2    . DC  D 1 1  ? -14.150 -6.558  -2.661  1.00 53.78 ? 31 DC  D C2    1 
ATOM   571 O  O2    . DC  D 1 1  ? -14.551 -5.374  -2.684  1.00 53.78 ? 31 DC  D O2    1 
ATOM   572 N  N3    . DC  D 1 1  ? -14.990 -7.591  -2.420  1.00 53.78 ? 31 DC  D N3    1 
ATOM   573 C  C4    . DC  D 1 1  ? -14.523 -8.844  -2.401  1.00 53.78 ? 31 DC  D C4    1 
ATOM   574 N  N4    . DC  D 1 1  ? -15.392 -9.835  -2.182  1.00 53.78 ? 31 DC  D N4    1 
ATOM   575 C  C5    . DC  D 1 1  ? -13.148 -9.137  -2.613  1.00 53.78 ? 31 DC  D C5    1 
ATOM   576 C  C6    . DC  D 1 1  ? -12.327 -8.110  -2.853  1.00 53.78 ? 31 DC  D C6    1 
ATOM   577 P  P     . DG  D 1 2  ? -8.530  -3.122  -2.416  1.00 25.99 ? 32 DG  D P     1 
ATOM   578 O  OP1   . DG  D 1 2  ? -7.910  -4.181  -1.565  1.00 25.99 ? 32 DG  D OP1   1 
ATOM   579 O  OP2   . DG  D 1 2  ? -8.829  -1.767  -1.846  1.00 25.99 ? 32 DG  D OP2   1 
ATOM   580 O  "O5'" . DG  D 1 2  ? -7.596  -2.858  -3.661  1.00 25.99 ? 32 DG  D "O5'" 1 
ATOM   581 C  "C5'" . DG  D 1 2  ? -7.959  -1.896  -4.643  1.00 7.46  ? 32 DG  D "C5'" 1 
ATOM   582 C  "C4'" . DG  D 1 2  ? -6.885  -1.850  -5.700  1.00 7.46  ? 32 DG  D "C4'" 1 
ATOM   583 O  "O4'" . DG  D 1 2  ? -5.614  -1.460  -5.112  1.00 7.46  ? 32 DG  D "O4'" 1 
ATOM   584 C  "C3'" . DG  D 1 2  ? -6.642  -3.221  -6.294  1.00 7.46  ? 32 DG  D "C3'" 1 
ATOM   585 O  "O3'" . DG  D 1 2  ? -6.433  -3.055  -7.663  1.00 7.46  ? 32 DG  D "O3'" 1 
ATOM   586 C  "C2'" . DG  D 1 2  ? -5.393  -3.730  -5.584  1.00 7.46  ? 32 DG  D "C2'" 1 
ATOM   587 C  "C1'" . DG  D 1 2  ? -4.621  -2.457  -5.314  1.00 7.46  ? 32 DG  D "C1'" 1 
ATOM   588 N  N9    . DG  D 1 2  ? -3.772  -2.457  -4.128  1.00 2.00  ? 32 DG  D N9    1 
ATOM   589 C  C8    . DG  D 1 2  ? -4.179  -2.684  -2.835  1.00 2.00  ? 32 DG  D C8    1 
ATOM   590 N  N7    . DG  D 1 2  ? -3.220  -2.533  -1.957  1.00 2.00  ? 32 DG  D N7    1 
ATOM   591 C  C5    . DG  D 1 2  ? -2.105  -2.205  -2.714  1.00 2.00  ? 32 DG  D C5    1 
ATOM   592 C  C6    . DG  D 1 2  ? -0.774  -1.917  -2.309  1.00 2.00  ? 32 DG  D C6    1 
ATOM   593 O  O6    . DG  D 1 2  ? -0.290  -1.929  -1.172  1.00 2.00  ? 32 DG  D O6    1 
ATOM   594 N  N1    . DG  D 1 2  ? 0.035   -1.610  -3.386  1.00 2.00  ? 32 DG  D N1    1 
ATOM   595 C  C2    . DG  D 1 2  ? -0.363  -1.619  -4.693  1.00 2.00  ? 32 DG  D C2    1 
ATOM   596 N  N2    . DG  D 1 2  ? 0.597   -1.323  -5.586  1.00 2.00  ? 32 DG  D N2    1 
ATOM   597 N  N3    . DG  D 1 2  ? -1.604  -1.906  -5.097  1.00 2.00  ? 32 DG  D N3    1 
ATOM   598 C  C4    . DG  D 1 2  ? -2.417  -2.175  -4.059  1.00 2.00  ? 32 DG  D C4    1 
ATOM   599 P  P     . DT  D 1 3  ? -6.555  -4.317  -8.598  1.00 39.73 ? 33 DT  D P     1 
ATOM   600 O  OP1   . DT  D 1 3  ? -7.345  -3.901  -9.801  1.00 39.73 ? 33 DT  D OP1   1 
ATOM   601 O  OP2   . DT  D 1 3  ? -6.974  -5.485  -7.783  1.00 39.73 ? 33 DT  D OP2   1 
ATOM   602 O  "O5'" . DT  D 1 3  ? -5.063  -4.551  -9.033  1.00 39.73 ? 33 DT  D "O5'" 1 
ATOM   603 C  "C5'" . DT  D 1 3  ? -4.387  -3.511  -9.679  1.00 2.00  ? 33 DT  D "C5'" 1 
ATOM   604 C  "C4'" . DT  D 1 3  ? -2.928  -3.850  -9.783  1.00 2.00  ? 33 DT  D "C4'" 1 
ATOM   605 O  "O4'" . DT  D 1 3  ? -2.325  -3.820  -8.477  1.00 2.00  ? 33 DT  D "O4'" 1 
ATOM   606 C  "C3'" . DT  D 1 3  ? -2.656  -5.234  -10.337 1.00 2.00  ? 33 DT  D "C3'" 1 
ATOM   607 O  "O3'" . DT  D 1 3  ? -1.649  -5.043  -11.304 1.00 2.00  ? 33 DT  D "O3'" 1 
ATOM   608 C  "C2'" . DT  D 1 3  ? -2.162  -6.021  -9.122  1.00 2.00  ? 33 DT  D "C2'" 1 
ATOM   609 C  "C1'" . DT  D 1 3  ? -1.486  -4.940  -8.330  1.00 2.00  ? 33 DT  D "C1'" 1 
ATOM   610 N  N1    . DT  D 1 3  ? -1.275  -5.128  -6.890  1.00 13.04 ? 33 DT  D N1    1 
ATOM   611 C  C2    . DT  D 1 3  ? -0.138  -4.560  -6.341  1.00 13.04 ? 33 DT  D C2    1 
ATOM   612 O  O2    . DT  D 1 3  ? 0.742   -4.018  -7.004  1.00 13.04 ? 33 DT  D O2    1 
ATOM   613 N  N3    . DT  D 1 3  ? -0.054  -4.659  -4.988  1.00 13.04 ? 33 DT  D N3    1 
ATOM   614 C  C4    . DT  D 1 3  ? -0.946  -5.263  -4.145  1.00 13.04 ? 33 DT  D C4    1 
ATOM   615 O  O4    . DT  D 1 3  ? -0.756  -5.219  -2.949  1.00 13.04 ? 33 DT  D O4    1 
ATOM   616 C  C5    . DT  D 1 3  ? -2.069  -5.905  -4.782  1.00 13.04 ? 33 DT  D C5    1 
ATOM   617 C  C7    . DT  D 1 3  ? -3.043  -6.661  -3.938  1.00 13.04 ? 33 DT  D C7    1 
ATOM   618 C  C6    . DT  D 1 3  ? -2.182  -5.801  -6.111  1.00 13.04 ? 33 DT  D C6    1 
ATOM   619 P  P     . DA  D 1 4  ? -1.077  -6.292  -12.100 1.00 33.59 ? 34 DA  D P     1 
ATOM   620 O  OP1   . DA  D 1 4  ? -1.376  -6.012  -13.529 1.00 33.59 ? 34 DA  D OP1   1 
ATOM   621 O  OP2   . DA  D 1 4  ? -1.555  -7.554  -11.472 1.00 33.59 ? 34 DA  D OP2   1 
ATOM   622 O  "O5'" . DA  D 1 4  ? 0.482   -6.164  -11.863 1.00 33.59 ? 34 DA  D "O5'" 1 
ATOM   623 C  "C5'" . DA  D 1 4  ? 1.142   -4.953  -12.209 1.00 12.85 ? 34 DA  D "C5'" 1 
ATOM   624 C  "C4'" . DA  D 1 4  ? 2.591   -5.052  -11.838 1.00 12.85 ? 34 DA  D "C4'" 1 
ATOM   625 O  "O4'" . DA  D 1 4  ? 2.664   -5.130  -10.398 1.00 12.85 ? 34 DA  D "O4'" 1 
ATOM   626 C  "C3'" . DA  D 1 4  ? 3.213   -6.335  -12.363 1.00 12.85 ? 34 DA  D "C3'" 1 
ATOM   627 O  "O3'" . DA  D 1 4  ? 4.532   -6.088  -12.836 1.00 12.85 ? 34 DA  D "O3'" 1 
ATOM   628 C  "C2'" . DA  D 1 4  ? 3.200   -7.269  -11.163 1.00 12.85 ? 34 DA  D "C2'" 1 
ATOM   629 C  "C1'" . DA  D 1 4  ? 3.295   -6.323  -9.988  1.00 12.85 ? 34 DA  D "C1'" 1 
ATOM   630 N  N9    . DA  D 1 4  ? 2.590   -6.790  -8.806  1.00 7.78  ? 34 DA  D N9    1 
ATOM   631 C  C8    . DA  D 1 4  ? 1.309   -7.247  -8.742  1.00 7.78  ? 34 DA  D C8    1 
ATOM   632 N  N7    . DA  D 1 4  ? 0.933   -7.608  -7.537  1.00 7.78  ? 34 DA  D N7    1 
ATOM   633 C  C5    . DA  D 1 4  ? 2.044   -7.363  -6.760  1.00 7.78  ? 34 DA  D C5    1 
ATOM   634 C  C6    . DA  D 1 4  ? 2.281   -7.531  -5.395  1.00 7.78  ? 34 DA  D C6    1 
ATOM   635 N  N6    . DA  D 1 4  ? 1.377   -8.008  -4.541  1.00 7.78  ? 34 DA  D N6    1 
ATOM   636 N  N1    . DA  D 1 4  ? 3.491   -7.190  -4.929  1.00 7.78  ? 34 DA  D N1    1 
ATOM   637 C  C2    . DA  D 1 4  ? 4.403   -6.712  -5.795  1.00 7.78  ? 34 DA  D C2    1 
ATOM   638 N  N3    . DA  D 1 4  ? 4.298   -6.510  -7.107  1.00 7.78  ? 34 DA  D N3    1 
ATOM   639 C  C4    . DA  D 1 4  ? 3.076   -6.859  -7.529  1.00 7.78  ? 34 DA  D C4    1 
ATOM   640 P  P     . DT  D 1 5  ? 5.406   -7.308  -13.369 1.00 33.72 ? 35 DT  D P     1 
ATOM   641 O  OP1   . DT  D 1 5  ? 6.505   -6.789  -14.215 1.00 33.72 ? 35 DT  D OP1   1 
ATOM   642 O  OP2   . DT  D 1 5  ? 4.488   -8.353  -13.893 1.00 33.72 ? 35 DT  D OP2   1 
ATOM   643 O  "O5'" . DT  D 1 5  ? 6.085   -7.832  -12.047 1.00 33.72 ? 35 DT  D "O5'" 1 
ATOM   644 C  "C5'" . DT  D 1 5  ? 6.871   -6.933  -11.318 1.00 9.07  ? 35 DT  D "C5'" 1 
ATOM   645 C  "C4'" . DT  D 1 5  ? 7.570   -7.644  -10.194 1.00 9.07  ? 35 DT  D "C4'" 1 
ATOM   646 O  "O4'" . DT  D 1 5  ? 6.665   -7.932  -9.100  1.00 9.07  ? 35 DT  D "O4'" 1 
ATOM   647 C  "C3'" . DT  D 1 5  ? 8.289   -8.944  -10.547 1.00 9.07  ? 35 DT  D "C3'" 1 
ATOM   648 O  "O3'" . DT  D 1 5  ? 9.624   -8.761  -10.063 1.00 9.07  ? 35 DT  D "O3'" 1 
ATOM   649 C  "C2'" . DT  D 1 5  ? 7.476   -10.004 -9.812  1.00 9.07  ? 35 DT  D "C2'" 1 
ATOM   650 C  "C1'" . DT  D 1 5  ? 6.907   -9.240  -8.626  1.00 9.07  ? 35 DT  D "C1'" 1 
ATOM   651 N  N1    . DT  D 1 5  ? 5.657   -9.726  -8.004  1.00 3.43  ? 35 DT  D N1    1 
ATOM   652 C  C2    . DT  D 1 5  ? 5.649   -9.834  -6.629  1.00 3.43  ? 35 DT  D C2    1 
ATOM   653 O  O2    . DT  D 1 5  ? 6.633   -9.615  -5.934  1.00 3.43  ? 35 DT  D O2    1 
ATOM   654 N  N3    . DT  D 1 5  ? 4.452   -10.216 -6.085  1.00 3.43  ? 35 DT  D N3    1 
ATOM   655 C  C4    . DT  D 1 5  ? 3.295   -10.506 -6.754  1.00 3.43  ? 35 DT  D C4    1 
ATOM   656 O  O4    . DT  D 1 5  ? 2.290   -10.810 -6.117  1.00 3.43  ? 35 DT  D O4    1 
ATOM   657 C  C5    . DT  D 1 5  ? 3.378   -10.415 -8.201  1.00 3.43  ? 35 DT  D C5    1 
ATOM   658 C  C7    . DT  D 1 5  ? 2.168   -10.760 -9.013  1.00 3.43  ? 35 DT  D C7    1 
ATOM   659 C  C6    . DT  D 1 5  ? 4.543   -10.028 -8.747  1.00 3.43  ? 35 DT  D C6    1 
ATOM   660 P  P     . DA  D 1 6  ? 10.659  -9.968  -10.022 1.00 24.28 ? 36 DA  D P     1 
ATOM   661 O  OP1   . DA  D 1 6  ? 12.013  -9.391  -10.253 1.00 24.28 ? 36 DA  D OP1   1 
ATOM   662 O  OP2   . DA  D 1 6  ? 10.172  -11.080 -10.857 1.00 24.28 ? 36 DA  D OP2   1 
ATOM   663 O  "O5'" . DA  D 1 6  ? 10.604  -10.384 -8.500  1.00 24.28 ? 36 DA  D "O5'" 1 
ATOM   664 C  "C5'" . DA  D 1 6  ? 10.873  -9.403  -7.518  1.00 17.72 ? 36 DA  D "C5'" 1 
ATOM   665 C  "C4'" . DA  D 1 6  ? 10.920  -10.042 -6.160  1.00 17.72 ? 36 DA  D "C4'" 1 
ATOM   666 O  "O4'" . DA  D 1 6  ? 9.584   -10.463 -5.822  1.00 17.72 ? 36 DA  D "O4'" 1 
ATOM   667 C  "C3'" . DA  D 1 6  ? 11.811  -11.284 -6.083  1.00 17.72 ? 36 DA  D "C3'" 1 
ATOM   668 O  "O3'" . DA  D 1 6  ? 12.583  -11.215 -4.874  1.00 17.72 ? 36 DA  D "O3'" 1 
ATOM   669 C  "C2'" . DA  D 1 6  ? 10.822  -12.440 -6.116  1.00 17.72 ? 36 DA  D "C2'" 1 
ATOM   670 C  "C1'" . DA  D 1 6  ? 9.583   -11.834 -5.470  1.00 17.72 ? 36 DA  D "C1'" 1 
ATOM   671 N  N9    . DA  D 1 6  ? 8.307   -12.387 -5.904  1.00 2.00  ? 36 DA  D N9    1 
ATOM   672 C  C8    . DA  D 1 6  ? 7.828   -12.441 -7.176  1.00 2.00  ? 36 DA  D C8    1 
ATOM   673 N  N7    . DA  D 1 6  ? 6.634   -12.972 -7.268  1.00 2.00  ? 36 DA  D N7    1 
ATOM   674 C  C5    . DA  D 1 6  ? 6.307   -13.287 -5.960  1.00 2.00  ? 36 DA  D C5    1 
ATOM   675 C  C6    . DA  D 1 6  ? 5.174   -13.879 -5.387  1.00 2.00  ? 36 DA  D C6    1 
ATOM   676 N  N6    . DA  D 1 6  ? 4.106   -14.252 -6.081  1.00 2.00  ? 36 DA  D N6    1 
ATOM   677 N  N1    . DA  D 1 6  ? 5.180   -14.078 -4.054  1.00 2.00  ? 36 DA  D N1    1 
ATOM   678 C  C2    . DA  D 1 6  ? 6.257   -13.703 -3.354  1.00 2.00  ? 36 DA  D C2    1 
ATOM   679 N  N3    . DA  D 1 6  ? 7.371   -13.131 -3.776  1.00 2.00  ? 36 DA  D N3    1 
ATOM   680 C  C4    . DA  D 1 6  ? 7.335   -12.944 -5.109  1.00 2.00  ? 36 DA  D C4    1 
ATOM   681 P  P     . DT  D 1 7  ? 13.525  -12.440 -4.445  1.00 12.95 ? 37 DT  D P     1 
ATOM   682 O  OP1   . DT  D 1 7  ? 14.570  -11.965 -3.504  1.00 12.95 ? 37 DT  D OP1   1 
ATOM   683 O  OP2   . DT  D 1 7  ? 13.895  -13.184 -5.672  1.00 12.95 ? 37 DT  D OP2   1 
ATOM   684 O  "O5'" . DT  D 1 7  ? 12.545  -13.289 -3.552  1.00 12.95 ? 37 DT  D "O5'" 1 
ATOM   685 C  "C5'" . DT  D 1 7  ? 11.994  -12.686 -2.404  1.00 2.65  ? 37 DT  D "C5'" 1 
ATOM   686 C  "C4'" . DT  D 1 7  ? 11.327  -13.734 -1.565  1.00 2.65  ? 37 DT  D "C4'" 1 
ATOM   687 O  "O4'" . DT  D 1 7  ? 10.131  -14.149 -2.241  1.00 2.65  ? 37 DT  D "O4'" 1 
ATOM   688 C  "C3'" . DT  D 1 7  ? 12.159  -14.997 -1.384  1.00 2.65  ? 37 DT  D "C3'" 1 
ATOM   689 O  "O3'" . DT  D 1 7  ? 11.915  -15.471 -0.070  1.00 2.65  ? 37 DT  D "O3'" 1 
ATOM   690 C  "C2'" . DT  D 1 7  ? 11.575  -15.950 -2.413  1.00 2.65  ? 37 DT  D "C2'" 1 
ATOM   691 C  "C1'" . DT  D 1 7  ? 10.123  -15.551 -2.328  1.00 2.65  ? 37 DT  D "C1'" 1 
ATOM   692 N  N1    . DT  D 1 7  ? 9.249   -15.897 -3.428  1.00 2.00  ? 37 DT  D N1    1 
ATOM   693 C  C2    . DT  D 1 7  ? 7.996   -16.308 -3.089  1.00 2.00  ? 37 DT  D C2    1 
ATOM   694 O  O2    . DT  D 1 7  ? 7.637   -16.443 -1.940  1.00 2.00  ? 37 DT  D O2    1 
ATOM   695 N  N3    . DT  D 1 7  ? 7.173   -16.552 -4.135  1.00 2.00  ? 37 DT  D N3    1 
ATOM   696 C  C4    . DT  D 1 7  ? 7.471   -16.423 -5.473  1.00 2.00  ? 37 DT  D C4    1 
ATOM   697 O  O4    . DT  D 1 7  ? 6.605   -16.663 -6.316  1.00 2.00  ? 37 DT  D O4    1 
ATOM   698 C  C5    . DT  D 1 7  ? 8.825   -15.995 -5.766  1.00 2.00  ? 37 DT  D C5    1 
ATOM   699 C  C7    . DT  D 1 7  ? 9.234   -15.805 -7.188  1.00 2.00  ? 37 DT  D C7    1 
ATOM   700 C  C6    . DT  D 1 7  ? 9.647   -15.773 -4.736  1.00 2.00  ? 37 DT  D C6    1 
ATOM   701 P  P     . DA  D 1 8  ? 12.775  -16.682 0.504   1.00 28.65 ? 38 DA  D P     1 
ATOM   702 O  OP1   . DA  D 1 8  ? 13.434  -16.226 1.753   1.00 28.65 ? 38 DA  D OP1   1 
ATOM   703 O  OP2   . DA  D 1 8  ? 13.578  -17.250 -0.618  1.00 28.65 ? 38 DA  D OP2   1 
ATOM   704 O  "O5'" . DA  D 1 8  ? 11.664  -17.711 0.941   1.00 28.65 ? 38 DA  D "O5'" 1 
ATOM   705 C  "C5'" . DA  D 1 8  ? 10.654  -17.290 1.847   1.00 10.32 ? 38 DA  D "C5'" 1 
ATOM   706 C  "C4'" . DA  D 1 8  ? 9.651   -18.395 2.026   1.00 10.32 ? 38 DA  D "C4'" 1 
ATOM   707 O  "O4'" . DA  D 1 8  ? 8.846   -18.551 0.837   1.00 10.32 ? 38 DA  D "O4'" 1 
ATOM   708 C  "C3'" . DA  D 1 8  ? 10.347  -19.724 2.230   1.00 10.32 ? 38 DA  D "C3'" 1 
ATOM   709 O  "O3'" . DA  D 1 8  ? 9.615   -20.429 3.205   1.00 10.32 ? 38 DA  D "O3'" 1 
ATOM   710 C  "C2'" . DA  D 1 8  ? 10.296  -20.375 0.855   1.00 10.32 ? 38 DA  D "C2'" 1 
ATOM   711 C  "C1'" . DA  D 1 8  ? 8.980   -19.860 0.312   1.00 10.32 ? 38 DA  D "C1'" 1 
ATOM   712 N  N9    . DA  D 1 8  ? 8.885   -19.759 -1.141  1.00 2.00  ? 38 DA  D N9    1 
ATOM   713 C  C8    . DA  D 1 8  ? 9.817   -19.259 -2.000  1.00 2.00  ? 38 DA  D C8    1 
ATOM   714 N  N7    . DA  D 1 8  ? 9.440   -19.281 -3.259  1.00 2.00  ? 38 DA  D N7    1 
ATOM   715 C  C5    . DA  D 1 8  ? 8.175   -19.849 -3.221  1.00 2.00  ? 38 DA  D C5    1 
ATOM   716 C  C6    . DA  D 1 8  ? 7.230   -20.167 -4.241  1.00 2.00  ? 38 DA  D C6    1 
ATOM   717 N  N6    . DA  D 1 8  ? 7.435   -19.977 -5.543  1.00 2.00  ? 38 DA  D N6    1 
ATOM   718 N  N1    . DA  D 1 8  ? 6.063   -20.699 -3.861  1.00 2.00  ? 38 DA  D N1    1 
ATOM   719 C  C2    . DA  D 1 8  ? 5.861   -20.906 -2.556  1.00 2.00  ? 38 DA  D C2    1 
ATOM   720 N  N3    . DA  D 1 8  ? 6.669   -20.663 -1.512  1.00 2.00  ? 38 DA  D N3    1 
ATOM   721 C  C4    . DA  D 1 8  ? 7.820   -20.134 -1.920  1.00 2.00  ? 38 DA  D C4    1 
ATOM   722 P  P     . DC  D 1 9  ? 10.175  -21.802 3.748   1.00 9.04  ? 39 DC  D P     1 
ATOM   723 O  OP1   . DC  D 1 9  ? 9.742   -21.913 5.163   1.00 9.04  ? 39 DC  D OP1   1 
ATOM   724 O  OP2   . DC  D 1 9  ? 11.627  -21.840 3.397   1.00 9.04  ? 39 DC  D OP2   1 
ATOM   725 O  "O5'" . DC  D 1 9  ? 9.356   -22.853 2.874   1.00 9.04  ? 39 DC  D "O5'" 1 
ATOM   726 C  "C5'" . DC  D 1 9  ? 7.933   -22.943 3.025   1.00 2.00  ? 39 DC  D "C5'" 1 
ATOM   727 C  "C4'" . DC  D 1 9  ? 7.381   -24.099 2.229   1.00 2.00  ? 39 DC  D "C4'" 1 
ATOM   728 O  "O4'" . DC  D 1 9  ? 7.286   -23.741 0.841   1.00 2.00  ? 39 DC  D "O4'" 1 
ATOM   729 C  "C3'" . DC  D 1 9  ? 8.186   -25.393 2.266   1.00 2.00  ? 39 DC  D "C3'" 1 
ATOM   730 O  "O3'" . DC  D 1 9  ? 7.266   -26.480 2.133   1.00 2.00  ? 39 DC  D "O3'" 1 
ATOM   731 C  "C2'" . DC  D 1 9  ? 8.987   -25.305 0.981   1.00 2.00  ? 39 DC  D "C2'" 1 
ATOM   732 C  "C1'" . DC  D 1 9  ? 7.930   -24.734 0.066   1.00 2.00  ? 39 DC  D "C1'" 1 
ATOM   733 N  N1    . DC  D 1 9  ? 8.380   -24.119 -1.193  1.00 2.00  ? 39 DC  D N1    1 
ATOM   734 C  C2    . DC  D 1 9  ? 7.480   -24.055 -2.251  1.00 2.00  ? 39 DC  D C2    1 
ATOM   735 O  O2    . DC  D 1 9  ? 6.342   -24.503 -2.090  1.00 2.00  ? 39 DC  D O2    1 
ATOM   736 N  N3    . DC  D 1 9  ? 7.855   -23.498 -3.414  1.00 2.00  ? 39 DC  D N3    1 
ATOM   737 C  C4    . DC  D 1 9  ? 9.075   -22.997 -3.534  1.00 2.00  ? 39 DC  D C4    1 
ATOM   738 N  N4    . DC  D 1 9  ? 9.408   -22.436 -4.691  1.00 2.00  ? 39 DC  D N4    1 
ATOM   739 C  C5    . DC  D 1 9  ? 10.017  -23.045 -2.468  1.00 2.00  ? 39 DC  D C5    1 
ATOM   740 C  C6    . DC  D 1 9  ? 9.634   -23.615 -1.328  1.00 2.00  ? 39 DC  D C6    1 
ATOM   741 P  P     . DG  D 1 10 ? 7.617   -27.912 2.760   1.00 16.11 ? 40 DG  D P     1 
ATOM   742 O  OP1   . DG  D 1 10 ? 6.358   -28.553 3.234   1.00 16.11 ? 40 DG  D OP1   1 
ATOM   743 O  OP2   . DG  D 1 10 ? 8.739   -27.678 3.715   1.00 16.11 ? 40 DG  D OP2   1 
ATOM   744 O  "O5'" . DG  D 1 10 ? 8.142   -28.744 1.510   1.00 16.11 ? 40 DG  D "O5'" 1 
ATOM   745 C  "C5'" . DG  D 1 10 ? 7.673   -28.448 0.196   1.00 2.00  ? 40 DG  D "C5'" 1 
ATOM   746 C  "C4'" . DG  D 1 10 ? 8.054   -29.561 -0.753  1.00 2.00  ? 40 DG  D "C4'" 1 
ATOM   747 O  "O4'" . DG  D 1 10 ? 9.480   -29.767 -0.694  1.00 2.00  ? 40 DG  D "O4'" 1 
ATOM   748 C  "C3'" . DG  D 1 10 ? 7.453   -30.909 -0.408  1.00 2.00  ? 40 DG  D "C3'" 1 
ATOM   749 O  "O3'" . DG  D 1 10 ? 7.422   -31.686 -1.610  1.00 2.00  ? 40 DG  D "O3'" 1 
ATOM   750 C  "C2'" . DG  D 1 10 ? 8.474   -31.486 0.549   1.00 2.00  ? 40 DG  D "C2'" 1 
ATOM   751 C  "C1'" . DG  D 1 10 ? 9.792   -30.832 0.174   1.00 2.00  ? 40 DG  D "C1'" 1 
ATOM   752 N  N9    . DG  D 1 10 ? 10.394  -30.262 1.376   1.00 15.36 ? 40 DG  D N9    1 
ATOM   753 C  C8    . DG  D 1 10 ? 10.358  -30.838 2.615   1.00 15.36 ? 40 DG  D C8    1 
ATOM   754 N  N7    . DG  D 1 10 ? 10.910  -30.109 3.540   1.00 15.36 ? 40 DG  D N7    1 
ATOM   755 C  C5    . DG  D 1 10 ? 11.358  -28.987 2.875   1.00 15.36 ? 40 DG  D C5    1 
ATOM   756 C  C6    . DG  D 1 10 ? 12.028  -27.863 3.371   1.00 15.36 ? 40 DG  D C6    1 
ATOM   757 O  O6    . DG  D 1 10 ? 12.353  -27.629 4.526   1.00 15.36 ? 40 DG  D O6    1 
ATOM   758 N  N1    . DG  D 1 10 ? 12.317  -26.945 2.373   1.00 15.36 ? 40 DG  D N1    1 
ATOM   759 C  C2    . DG  D 1 10 ? 11.975  -27.094 1.063   1.00 15.36 ? 40 DG  D C2    1 
ATOM   760 N  N2    . DG  D 1 10 ? 12.319  -26.091 0.269   1.00 15.36 ? 40 DG  D N2    1 
ATOM   761 N  N3    . DG  D 1 10 ? 11.337  -28.151 0.573   1.00 15.36 ? 40 DG  D N3    1 
ATOM   762 C  C4    . DG  D 1 10 ? 11.063  -29.059 1.534   1.00 15.36 ? 40 DG  D C4    1 
HETATM 763 NI NI    . NI  E 2 .  ? -18.973 22.108  13.275  1.00 16.38 ? 11 NI  A NI    1 
HETATM 764 NI NI    . NI  F 2 .  ? 1.621   0.147   4.404   1.00 22.21 ? 12 NI  A NI    1 
HETATM 765 NI NI    . NI  G 2 .  ? -17.818 16.012  12.340  1.00 42.57 ? 13 NI  A NI    1 
HETATM 766 NI NI    . NI  H 2 .  ? -14.782 23.265  17.505  1.00 55.00 ? 14 NI  A NI    1 
HETATM 767 NI NI    . NI  I 2 .  ? -2.892  24.195  5.115   1.00 27.18 ? 7  NI  B NI    1 
HETATM 768 NI NI    . NI  J 2 .  ? 1.418   -0.812  -13.597 1.00 28.30 ? 5  NI  B NI    1 
HETATM 769 NI NI    . NI  K 2 .  ? 6.836   -22.433 -10.321 1.00 18.05 ? 1  NI  C NI    1 
HETATM 770 NI NI    . NI  L 2 .  ? -3.630  -3.454  0.047   1.00 20.04 ? 9  NI  D NI    1 
HETATM 771 NI NI    . NI  M 2 .  ? 10.694  -31.308 5.074   1.00 24.79 ? 2  NI  D NI    1 
HETATM 772 O  O     . HOH N 3 .  ? -18.583 20.180  12.837  1.00 16.38 ? 15 HOH A O     1 
HETATM 773 O  O     . HOH N 3 .  ? -19.387 24.157  13.510  1.00 16.38 ? 16 HOH A O     1 
HETATM 774 O  O     . HOH N 3 .  ? -17.526 22.312  14.577  1.00 16.38 ? 17 HOH A O     1 
HETATM 775 O  O     . HOH N 3 .  ? -20.558 22.086  11.823  1.00 16.38 ? 18 HOH A O     1 
HETATM 776 O  O     . HOH N 3 .  ? 1.057   -1.481  3.262   1.00 22.21 ? 19 HOH A O     1 
HETATM 777 O  O     . HOH N 3 .  ? 2.304   1.543   5.748   1.00 22.21 ? 20 HOH A O     1 
HETATM 778 O  O     . HOH N 3 .  ? 3.450   -0.911  4.759   1.00 22.21 ? 21 HOH A O     1 
HETATM 779 O  O     . HOH N 3 .  ? -0.181  0.987   4.197   1.00 22.21 ? 22 HOH A O     1 
HETATM 780 O  O     . HOH N 3 .  ? 0.888   -0.947  6.096   1.00 22.21 ? 23 HOH A O     1 
HETATM 781 O  O     . HOH N 3 .  ? -19.528 16.247  13.403  1.00 42.57 ? 24 HOH A O     1 
HETATM 782 O  O     . HOH N 3 .  ? -18.630 16.826  10.625  1.00 42.57 ? 25 HOH A O     1 
HETATM 783 O  O     . HOH N 3 .  ? -16.848 15.013  13.918  1.00 42.57 ? 26 HOH A O     1 
HETATM 784 O  O     . HOH N 3 .  ? -16.952 17.773  12.840  1.00 42.57 ? 27 HOH A O     1 
HETATM 785 O  O     . HOH N 3 .  ? -18.520 14.091  11.682  1.00 42.57 ? 28 HOH A O     1 
HETATM 786 O  O     . HOH N 3 .  ? -16.076 15.594  11.126  1.00 42.57 ? 29 HOH A O     1 
HETATM 787 O  O     . HOH N 3 .  ? -16.104 23.077  18.980  1.00 55.00 ? 30 HOH A O     1 
HETATM 788 O  O     . HOH N 3 .  ? -15.413 21.556  16.610  1.00 55.00 ? 31 HOH A O     1 
HETATM 789 O  O     . HOH N 3 .  ? -14.176 25.132  18.241  1.00 55.00 ? 32 HOH A O     1 
HETATM 790 O  O     . HOH N 3 .  ? -13.380 22.387  18.478  1.00 55.00 ? 33 HOH A O     1 
HETATM 791 O  O     . HOH N 3 .  ? -16.233 24.322  16.349  1.00 55.00 ? 34 HOH A O     1 
HETATM 792 O  O     . HOH N 3 .  ? -13.498 23.625  15.874  1.00 55.00 ? 35 HOH A O     1 
HETATM 793 O  O     . HOH N 3 .  ? -0.144  16.624  1.668   1.00 10.03 ? 36 HOH A O     1 
HETATM 794 O  O     . HOH N 3 .  ? -6.083  18.881  -2.580  1.00 10.03 ? 37 HOH A O     1 
HETATM 795 O  O     . HOH N 3 .  ? -8.525  12.001  -4.549  1.00 15.96 ? 38 HOH A O     1 
HETATM 796 O  O     . HOH N 3 .  ? 5.953   17.934  -3.491  1.00 15.96 ? 39 HOH A O     1 
HETATM 797 O  O     . HOH N 3 .  ? -13.661 15.198  13.542  1.00 17.41 ? 40 HOH A O     1 
HETATM 798 O  O     . HOH N 3 .  ? -1.197  19.269  2.485   1.00 17.41 ? 41 HOH A O     1 
HETATM 799 O  O     . HOH N 3 .  ? -13.734 19.249  19.148  1.00 17.41 ? 42 HOH A O     1 
HETATM 800 O  O     . HOH N 3 .  ? -3.138  19.761  -1.185  1.00 18.29 ? 43 HOH A O     1 
HETATM 801 O  O     . HOH N 3 .  ? 5.047   18.289  -6.393  1.00 18.78 ? 44 HOH A O     1 
HETATM 802 O  O     . HOH O 3 .  ? -4.646  25.119  4.625   1.00 27.18 ? 21 HOH B O     1 
HETATM 803 O  O     . HOH O 3 .  ? -1.014  23.325  5.324   1.00 27.18 ? 22 HOH B O     1 
HETATM 804 O  O     . HOH O 3 .  ? -2.182  25.926  6.029   1.00 27.18 ? 23 HOH B O     1 
HETATM 805 O  O     . HOH O 3 .  ? -3.427  22.562  4.003   1.00 27.18 ? 24 HOH B O     1 
HETATM 806 O  O     . HOH O 3 .  ? -2.184  25.018  3.280   1.00 27.18 ? 25 HOH B O     1 
HETATM 807 O  O     . HOH O 3 .  ? 0.927   1.187   -13.736 1.00 28.30 ? 26 HOH B O     1 
HETATM 808 O  O     . HOH O 3 .  ? 2.058   -2.755  -13.807 1.00 28.30 ? 27 HOH B O     1 
HETATM 809 O  O     . HOH O 3 .  ? 3.290   -0.240  -12.941 1.00 28.30 ? 28 HOH B O     1 
HETATM 810 O  O     . HOH O 3 .  ? -0.381  -1.263  -14.526 1.00 28.30 ? 29 HOH B O     1 
HETATM 811 O  O     . HOH O 3 .  ? 2.207   -0.545  -15.567 1.00 28.30 ? 30 HOH B O     1 
HETATM 812 O  O     . HOH O 3 .  ? -7.300  2.169   -4.814  1.00 10.03 ? 31 HOH B O     1 
HETATM 813 O  O     . HOH O 3 .  ? -3.030  26.746  11.570  1.00 10.03 ? 32 HOH B O     1 
HETATM 814 O  O     . HOH O 3 .  ? 7.212   -4.103  -7.720  1.00 15.96 ? 33 HOH B O     1 
HETATM 815 O  O     . HOH P 3 .  ? 8.444   -23.046 -9.286  1.00 18.05 ? 34 HOH C O     1 
HETATM 816 O  O     . HOH P 3 .  ? 5.140   -21.732 -11.359 1.00 18.05 ? 35 HOH C O     1 
HETATM 817 O  O     . HOH P 3 .  ? 6.766   -24.147 -11.476 1.00 18.05 ? 36 HOH C O     1 
HETATM 818 O  O     . HOH P 3 .  ? 6.761   -20.691 -9.206  1.00 18.05 ? 37 HOH C O     1 
HETATM 819 O  O     . HOH P 3 .  ? 8.019   -21.490 -11.711 1.00 18.05 ? 38 HOH C O     1 
HETATM 820 O  O     . HOH Q 3 .  ? -5.095  -2.067  0.087   1.00 20.04 ? 41 HOH D O     1 
HETATM 821 O  O     . HOH Q 3 .  ? -2.048  -4.821  -0.230  1.00 20.04 ? 42 HOH D O     1 
HETATM 822 O  O     . HOH Q 3 .  ? -4.655  -4.659  -1.267  1.00 20.04 ? 43 HOH D O     1 
HETATM 823 O  O     . HOH Q 3 .  ? -2.399  -2.280  1.206   1.00 20.04 ? 44 HOH D O     1 
HETATM 824 O  O     . HOH Q 3 .  ? -4.240  -4.495  1.647   1.00 20.04 ? 45 HOH D O     1 
HETATM 825 O  O     . HOH Q 3 .  ? 11.724  -29.815 6.004   1.00 24.79 ? 46 HOH D O     1 
HETATM 826 O  O     . HOH Q 3 .  ? 9.657   -32.994 4.351   1.00 24.79 ? 47 HOH D O     1 
HETATM 827 O  O     . HOH Q 3 .  ? 8.883   -30.579 5.673   1.00 24.79 ? 48 HOH D O     1 
HETATM 828 O  O     . HOH Q 3 .  ? 12.449  -32.327 4.565   1.00 24.79 ? 49 HOH D O     1 
HETATM 829 O  O     . HOH Q 3 .  ? 10.773  -32.369 6.901   1.00 24.79 ? 50 HOH D O     1 
HETATM 830 O  O     . HOH Q 3 .  ? 9.778   -22.046 8.202   1.00 10.03 ? 51 HOH D O     1 
HETATM 831 O  O     . HOH Q 3 .  ? -9.364  -5.117  -11.495 1.00 17.41 ? 52 HOH D O     1 
HETATM 832 O  O     . HOH Q 3 .  ? -13.449 -2.645  -4.433  1.00 18.29 ? 53 HOH D O     1 
# 
